data_9FG4
#
_entry.id   9FG4
#
_cell.length_a   1.00
_cell.length_b   1.00
_cell.length_c   1.00
_cell.angle_alpha   90.00
_cell.angle_beta   90.00
_cell.angle_gamma   90.00
#
_symmetry.space_group_name_H-M   'P 1'
#
loop_
_entity.id
_entity.type
_entity.pdbx_description
1 polymer 'Gamma-aminobutyric acid receptor subunit alpha-1'
2 polymer 'Gamma-aminobutyric acid receptor subunit beta-3'
3 branched alpha-D-mannopyranose-(1-3)-[alpha-D-mannopyranose-(1-6)]beta-D-mannopyranose-(1-4)-2-acetamido-2-deoxy-beta-D-glucopyranose-(1-4)-2-acetamido-2-deoxy-beta-D-glucopyranose
4 branched 2-acetamido-2-deoxy-beta-D-glucopyranose-(1-4)-2-acetamido-2-deoxy-beta-D-glucopyranose
5 non-polymer '[(2R)-2-octanoyloxy-3-[oxidanyl-[(1R,2R,3S,4R,5R,6S)-2,3,6-tris(oxidanyl)-4,5-diphosphonooxy-cyclohexyl]oxy-phosphoryl]oxy-propyl] octanoate'
#
loop_
_entity_poly.entity_id
_entity_poly.type
_entity_poly.pdbx_seq_one_letter_code
_entity_poly.pdbx_strand_id
1 'polypeptide(L)'
;MKKSPGLSDYLWAWTLFLSTLTGRSYGDYKDDDDKQPSLQDELKDNTTVFTRILDRLLDGYDNRLRPGLGERVTEVKTDI
FVTSFGPVSDHDMEYTIDVFFRQSWKDERLKFKGPMTVLRLNNLMASKIWTPDTFFHNGKKSVAHNMTMPNKLLRITEDG
TLLYTMRLTVRAECPMHLEDFPMDAHACPLKFGSYAYTRAEVVYEWTREPARSVVVAEDGSRLNQYDLLGQTVDSGIVQS
STGEYVVMTTHFHLKRKIGYFVIQTYLPCIMTVILSQVSFWLNRESVPARTVFGVTTVLTMTTLSISARNSLPKVAYATA
MDWFIAVCYAFVFSALIEFATVNYFTKRGYAWDGKSVVPEKPKKVKDPLIKKNNTYAPTATSYTPNLARGDPGLATIAKS
ATIEPKEVKPETKPPEPKKTFNSVSKIDRLSRIAFPLLFGIFNLVYWATYLNREPQLKAPTPHQ
;
A,D
2 'polypeptide(L)'
;MCSGLLELLLPIWLSWTLGTRGSEPRSVNDPGNMSFVKETVDKLLKGYDIRLRPDFGGPPVCVGMNIDIASIDMVSEVNM
DYTLTMYFQQYWRDKRLAYSGIPLNLTLDNRVADQLWVPDTYFLNDKKSFVHGVTVKNRMIRLHPDGTVLYGLRITTTAA
CMMDLRRYPLDEQNCTLEIESYGYTTDDIEFYWRGGDKAVTGVERIELPQFSIVEHRLVSRNVVFATGAYPRLSLSFRLK
RNIGYFILQTYMPSILITILSWVSFWINYDASAARVALGITTVLTMTTINTHLRETLPKIPYVKAIDMYLMGCFVFVFLA
LLEYAFVNYIFFGRGPQRQKKLAEKTAKAKNDRSKSESNRVDAHGNILLTSLEVHNEMNEVSGGIGDTRNSAISFDNSGI
QYRKQSMPREGHGRFLGDRSLPHKKTHLRRRSSQLKIKIPDLTDVNAIDRWSRIVFPFTFSLFNLVYWLYYVN
;
B,C,E
#
# COMPACT_ATOMS: atom_id res chain seq x y z
N THR A 47 8.22 37.14 -36.27
CA THR A 47 7.23 36.71 -35.28
C THR A 47 5.81 36.91 -35.79
N THR A 48 5.59 38.02 -36.49
CA THR A 48 4.26 38.30 -37.03
C THR A 48 3.84 37.26 -38.06
N VAL A 49 4.76 36.87 -38.93
CA VAL A 49 4.46 35.82 -39.93
C VAL A 49 4.08 34.52 -39.24
N PHE A 50 4.85 34.13 -38.21
CA PHE A 50 4.52 32.91 -37.47
C PHE A 50 3.17 33.04 -36.77
N THR A 51 2.88 34.21 -36.19
CA THR A 51 1.64 34.39 -35.46
C THR A 51 0.42 34.35 -36.39
N ARG A 52 0.54 34.94 -37.58
CA ARG A 52 -0.60 34.99 -38.49
C ARG A 52 -1.03 33.59 -38.93
N ILE A 53 -0.06 32.72 -39.19
CA ILE A 53 -0.37 31.38 -39.67
C ILE A 53 -1.23 30.63 -38.66
N LEU A 54 -0.89 30.74 -37.37
CA LEU A 54 -1.63 30.02 -36.34
C LEU A 54 -3.09 30.47 -36.30
N ASP A 55 -3.32 31.79 -36.28
CA ASP A 55 -4.69 32.30 -36.22
C ASP A 55 -5.47 31.91 -37.46
N ARG A 56 -4.80 31.79 -38.61
CA ARG A 56 -5.49 31.45 -39.85
C ARG A 56 -5.83 29.97 -39.94
N LEU A 57 -5.04 29.11 -39.28
CA LEU A 57 -5.16 27.68 -39.50
C LEU A 57 -6.56 27.17 -39.16
N LEU A 58 -7.08 27.54 -37.99
CA LEU A 58 -8.34 27.02 -37.50
C LEU A 58 -9.55 27.78 -38.03
N ASP A 59 -9.41 28.49 -39.15
CA ASP A 59 -10.51 29.24 -39.73
C ASP A 59 -11.42 28.26 -40.47
N GLY A 60 -12.63 28.07 -39.97
CA GLY A 60 -13.55 27.13 -40.58
C GLY A 60 -13.23 25.67 -40.29
N TYR A 61 -12.34 25.40 -39.34
CA TYR A 61 -11.92 24.04 -39.03
C TYR A 61 -12.87 23.42 -38.02
N ASP A 62 -13.37 22.23 -38.34
CA ASP A 62 -14.25 21.47 -37.46
C ASP A 62 -13.45 20.30 -36.90
N ASN A 63 -13.12 20.36 -35.60
CA ASN A 63 -12.32 19.31 -34.98
C ASN A 63 -13.13 18.08 -34.59
N ARG A 64 -14.45 18.12 -34.73
CA ARG A 64 -15.28 16.95 -34.45
C ARG A 64 -15.31 15.96 -35.61
N LEU A 65 -14.72 16.29 -36.76
CA LEU A 65 -14.75 15.43 -37.94
C LEU A 65 -13.34 15.02 -38.31
N ARG A 66 -13.14 13.72 -38.54
CA ARG A 66 -11.84 13.21 -38.92
C ARG A 66 -11.50 13.64 -40.35
N PRO A 67 -10.23 13.70 -40.69
CA PRO A 67 -9.85 14.06 -42.06
C PRO A 67 -10.44 13.10 -43.08
N GLY A 68 -10.91 13.65 -44.20
CA GLY A 68 -11.50 12.83 -45.23
C GLY A 68 -12.77 12.12 -44.80
N LEU A 69 -13.56 12.74 -43.94
CA LEU A 69 -14.79 12.12 -43.47
C LEU A 69 -15.73 11.86 -44.64
N GLY A 70 -16.28 10.64 -44.69
CA GLY A 70 -17.18 10.27 -45.76
C GLY A 70 -16.54 10.27 -47.13
N GLU A 71 -15.23 10.30 -47.21
CA GLU A 71 -14.51 10.39 -48.47
C GLU A 71 -13.45 9.31 -48.63
N ARG A 72 -12.77 8.92 -47.55
CA ARG A 72 -11.70 7.93 -47.60
C ARG A 72 -11.35 7.55 -46.17
N VAL A 73 -10.37 6.66 -46.03
CA VAL A 73 -9.92 6.17 -44.73
C VAL A 73 -8.70 6.98 -44.29
N THR A 74 -8.73 7.45 -43.05
CA THR A 74 -7.60 8.18 -42.47
C THR A 74 -6.53 7.20 -42.01
N GLU A 75 -5.35 7.26 -42.65
CA GLU A 75 -4.26 6.35 -42.34
C GLU A 75 -3.32 7.02 -41.34
N VAL A 76 -3.05 6.33 -40.24
CA VAL A 76 -2.20 6.83 -39.17
C VAL A 76 -0.95 5.97 -39.06
N LYS A 77 0.21 6.57 -39.28
CA LYS A 77 1.50 5.90 -39.11
C LYS A 77 2.05 6.19 -37.73
N THR A 78 2.39 5.13 -37.00
CA THR A 78 2.78 5.24 -35.60
C THR A 78 4.10 4.54 -35.36
N ASP A 79 4.86 5.04 -34.39
CA ASP A 79 6.06 4.38 -33.92
C ASP A 79 6.25 4.71 -32.45
N ILE A 80 6.99 3.85 -31.75
CA ILE A 80 7.20 3.97 -30.32
C ILE A 80 8.69 3.93 -30.04
N PHE A 81 9.14 4.78 -29.11
CA PHE A 81 10.50 4.74 -28.59
C PHE A 81 10.41 4.51 -27.09
N VAL A 82 10.68 3.28 -26.67
CA VAL A 82 10.57 2.90 -25.26
C VAL A 82 11.80 3.44 -24.53
N THR A 83 11.61 4.45 -23.69
CA THR A 83 12.73 4.98 -22.92
C THR A 83 13.09 4.09 -21.75
N SER A 84 12.11 3.37 -21.20
CA SER A 84 12.36 2.46 -20.08
C SER A 84 11.20 1.50 -19.98
N PHE A 85 11.48 0.21 -20.16
CA PHE A 85 10.48 -0.83 -19.94
C PHE A 85 10.37 -1.05 -18.44
N GLY A 86 9.41 -0.39 -17.82
CA GLY A 86 9.33 -0.30 -16.37
C GLY A 86 9.13 -1.64 -15.70
N PRO A 87 8.87 -1.62 -14.40
CA PRO A 87 8.75 -2.88 -13.66
C PRO A 87 7.54 -3.70 -14.09
N VAL A 88 7.66 -5.01 -13.94
CA VAL A 88 6.59 -5.97 -14.20
C VAL A 88 6.12 -6.52 -12.87
N SER A 89 4.81 -6.55 -12.67
CA SER A 89 4.21 -7.02 -11.41
C SER A 89 3.51 -8.35 -11.65
N ASP A 90 4.05 -9.42 -11.06
CA ASP A 90 3.41 -10.73 -11.17
C ASP A 90 2.11 -10.76 -10.36
N HIS A 91 2.09 -10.10 -9.21
CA HIS A 91 0.90 -10.09 -8.37
C HIS A 91 -0.28 -9.41 -9.07
N ASP A 92 -0.02 -8.28 -9.73
CA ASP A 92 -1.06 -7.52 -10.42
C ASP A 92 -1.22 -7.92 -11.87
N MET A 93 -0.31 -8.75 -12.39
CA MET A 93 -0.33 -9.15 -13.80
C MET A 93 -0.39 -7.93 -14.71
N GLU A 94 0.57 -7.03 -14.48
CA GLU A 94 0.66 -5.79 -15.23
C GLU A 94 2.13 -5.40 -15.32
N TYR A 95 2.44 -4.53 -16.28
CA TYR A 95 3.78 -4.01 -16.45
C TYR A 95 3.71 -2.53 -16.77
N THR A 96 4.77 -1.82 -16.41
CA THR A 96 4.89 -0.40 -16.69
C THR A 96 5.83 -0.18 -17.87
N ILE A 97 5.57 0.87 -18.63
CA ILE A 97 6.38 1.17 -19.81
C ILE A 97 6.33 2.68 -20.06
N ASP A 98 7.50 3.29 -20.15
CA ASP A 98 7.60 4.72 -20.47
C ASP A 98 7.97 4.83 -21.94
N VAL A 99 7.15 5.57 -22.70
CA VAL A 99 7.27 5.62 -24.15
C VAL A 99 7.13 7.04 -24.64
N PHE A 100 7.70 7.30 -25.81
CA PHE A 100 7.35 8.46 -26.63
C PHE A 100 6.45 7.93 -27.75
N PHE A 101 5.15 8.10 -27.57
CA PHE A 101 4.17 7.60 -28.53
C PHE A 101 4.00 8.60 -29.66
N ARG A 102 4.55 8.27 -30.82
CA ARG A 102 4.55 9.15 -31.98
C ARG A 102 3.48 8.69 -32.95
N GLN A 103 2.57 9.60 -33.29
CA GLN A 103 1.51 9.35 -34.25
C GLN A 103 1.67 10.30 -35.43
N SER A 104 1.46 9.78 -36.63
CA SER A 104 1.54 10.60 -37.83
C SER A 104 0.36 10.29 -38.73
N TRP A 105 -0.19 11.34 -39.34
CA TRP A 105 -1.29 11.22 -40.27
C TRP A 105 -1.30 12.48 -41.13
N LYS A 106 -2.25 12.54 -42.07
CA LYS A 106 -2.34 13.65 -42.99
C LYS A 106 -3.71 14.30 -42.86
N ASP A 107 -3.73 15.62 -42.85
CA ASP A 107 -4.96 16.41 -42.80
C ASP A 107 -4.82 17.53 -43.82
N GLU A 108 -5.54 17.43 -44.93
CA GLU A 108 -5.39 18.42 -46.00
C GLU A 108 -5.86 19.79 -45.54
N ARG A 109 -6.76 19.84 -44.56
CA ARG A 109 -7.30 21.10 -44.06
C ARG A 109 -6.24 21.96 -43.38
N LEU A 110 -5.08 21.40 -43.04
CA LEU A 110 -4.05 22.12 -42.30
C LEU A 110 -2.82 22.44 -43.15
N LYS A 111 -2.94 22.41 -44.48
CA LYS A 111 -1.85 22.86 -45.32
C LYS A 111 -1.58 24.34 -45.10
N PHE A 112 -0.31 24.72 -45.22
CA PHE A 112 0.07 26.11 -45.06
C PHE A 112 1.29 26.40 -45.93
N LYS A 113 1.51 27.68 -46.20
CA LYS A 113 2.67 28.14 -46.96
C LYS A 113 3.33 29.28 -46.21
N GLY A 114 4.66 29.23 -46.13
CA GLY A 114 5.41 30.26 -45.44
C GLY A 114 6.90 29.98 -45.41
N PRO A 115 7.66 30.85 -44.73
CA PRO A 115 9.12 30.63 -44.64
C PRO A 115 9.50 29.31 -43.99
N MET A 116 8.77 28.86 -42.98
CA MET A 116 9.12 27.66 -42.24
C MET A 116 8.35 26.45 -42.76
N THR A 117 9.00 25.29 -42.76
CA THR A 117 8.39 24.05 -43.21
C THR A 117 7.81 23.22 -42.08
N VAL A 118 8.02 23.62 -40.82
CA VAL A 118 7.52 22.89 -39.66
C VAL A 118 7.04 23.92 -38.64
N LEU A 119 5.87 23.66 -38.05
CA LEU A 119 5.30 24.51 -37.01
C LEU A 119 5.18 23.69 -35.73
N ARG A 120 5.62 24.27 -34.61
CA ARG A 120 5.42 23.65 -33.30
C ARG A 120 4.19 24.27 -32.65
N LEU A 121 3.11 23.50 -32.60
CA LEU A 121 1.88 23.98 -31.99
C LEU A 121 2.02 24.06 -30.47
N ASN A 122 1.26 24.97 -29.86
CA ASN A 122 1.22 25.07 -28.42
C ASN A 122 0.36 23.96 -27.84
N ASN A 123 0.47 23.76 -26.53
CA ASN A 123 -0.35 22.74 -25.87
C ASN A 123 -1.83 23.08 -25.98
N LEU A 124 -2.18 24.36 -25.85
CA LEU A 124 -3.56 24.78 -26.06
C LEU A 124 -4.00 24.57 -27.50
N MET A 125 -3.12 24.91 -28.45
CA MET A 125 -3.45 24.71 -29.86
C MET A 125 -3.66 23.23 -30.19
N ALA A 126 -2.80 22.35 -29.66
CA ALA A 126 -2.94 20.93 -29.96
C ALA A 126 -4.30 20.39 -29.58
N SER A 127 -4.90 20.92 -28.51
CA SER A 127 -6.22 20.48 -28.09
C SER A 127 -7.35 21.11 -28.88
N LYS A 128 -7.07 22.08 -29.74
CA LYS A 128 -8.09 22.73 -30.55
C LYS A 128 -8.33 22.06 -31.89
N ILE A 129 -7.51 21.07 -32.26
CA ILE A 129 -7.58 20.44 -33.57
C ILE A 129 -7.84 18.95 -33.39
N TRP A 130 -8.18 18.29 -34.48
CA TRP A 130 -8.52 16.88 -34.43
C TRP A 130 -7.26 16.02 -34.38
N THR A 131 -7.21 15.12 -33.42
CA THR A 131 -6.16 14.12 -33.27
C THR A 131 -6.81 12.75 -33.12
N PRO A 132 -6.09 11.69 -33.48
CA PRO A 132 -6.67 10.35 -33.36
C PRO A 132 -7.04 10.05 -31.92
N ASP A 133 -8.15 9.35 -31.73
CA ASP A 133 -8.57 8.93 -30.41
C ASP A 133 -8.01 7.55 -30.07
N THR A 134 -6.68 7.49 -30.10
CA THR A 134 -5.97 6.27 -29.79
C THR A 134 -6.06 5.99 -28.29
N PHE A 135 -6.30 4.72 -27.96
CA PHE A 135 -6.30 4.26 -26.58
C PHE A 135 -5.59 2.92 -26.56
N PHE A 136 -5.27 2.45 -25.36
CA PHE A 136 -4.59 1.17 -25.19
C PHE A 136 -5.59 0.12 -24.74
N HIS A 137 -5.71 -0.97 -25.51
CA HIS A 137 -6.76 -1.96 -25.27
C HIS A 137 -6.57 -2.63 -23.92
N ASN A 138 -5.34 -2.95 -23.56
CA ASN A 138 -5.05 -3.61 -22.30
C ASN A 138 -4.49 -2.65 -21.25
N GLY A 139 -4.68 -1.35 -21.42
CA GLY A 139 -4.23 -0.41 -20.41
C GLY A 139 -5.06 -0.47 -19.14
N LYS A 140 -4.39 -0.26 -18.02
CA LYS A 140 -5.04 -0.27 -16.71
C LYS A 140 -5.19 1.11 -16.10
N LYS A 141 -4.09 1.86 -15.98
CA LYS A 141 -4.14 3.24 -15.48
C LYS A 141 -2.91 3.96 -16.04
N SER A 142 -3.11 4.68 -17.14
CA SER A 142 -2.00 5.37 -17.79
C SER A 142 -1.86 6.78 -17.24
N VAL A 143 -0.70 7.38 -17.50
CA VAL A 143 -0.37 8.71 -17.03
C VAL A 143 0.22 9.50 -18.19
N ALA A 144 -0.37 10.67 -18.46
CA ALA A 144 0.24 11.65 -19.34
C ALA A 144 0.95 12.69 -18.49
N HIS A 145 2.26 12.81 -18.67
CA HIS A 145 3.08 13.64 -17.79
C HIS A 145 2.85 15.12 -18.08
N ASN A 146 2.67 15.90 -17.02
CA ASN A 146 2.28 17.30 -17.16
C ASN A 146 3.22 18.21 -16.40
N MET A 147 4.49 17.81 -16.31
CA MET A 147 5.53 18.53 -15.58
C MET A 147 6.70 18.80 -16.50
N THR A 148 7.18 20.04 -16.55
CA THR A 148 6.57 21.19 -15.89
C THR A 148 5.37 21.68 -16.71
N MET A 149 5.47 21.43 -18.01
CA MET A 149 4.41 21.66 -18.98
C MET A 149 3.87 20.33 -19.49
N PRO A 150 2.78 20.34 -20.26
CA PRO A 150 2.32 19.08 -20.86
C PRO A 150 3.39 18.45 -21.74
N ASN A 151 3.68 17.18 -21.46
CA ASN A 151 4.70 16.43 -22.20
C ASN A 151 4.14 15.95 -23.54
N LYS A 152 3.80 16.92 -24.38
CA LYS A 152 3.25 16.69 -25.70
C LYS A 152 3.92 17.62 -26.68
N LEU A 153 3.92 17.21 -27.94
CA LEU A 153 4.45 18.05 -29.01
C LEU A 153 3.73 17.68 -30.29
N LEU A 154 3.24 18.69 -30.99
CA LEU A 154 2.53 18.49 -32.25
C LEU A 154 3.17 19.37 -33.31
N ARG A 155 3.67 18.75 -34.37
CA ARG A 155 4.28 19.46 -35.49
C ARG A 155 3.45 19.27 -36.75
N ILE A 156 3.52 20.27 -37.63
CA ILE A 156 2.81 20.24 -38.90
C ILE A 156 3.81 20.58 -40.00
N THR A 157 3.89 19.73 -41.02
CA THR A 157 4.67 20.02 -42.20
C THR A 157 3.79 20.75 -43.22
N GLU A 158 4.45 21.45 -44.16
CA GLU A 158 3.72 22.22 -45.17
C GLU A 158 2.69 21.36 -45.90
N ASP A 159 3.01 20.09 -46.14
CA ASP A 159 2.14 19.18 -46.87
C ASP A 159 0.88 18.84 -46.08
N GLY A 160 0.84 19.19 -44.81
CA GLY A 160 -0.26 18.82 -43.93
C GLY A 160 -0.03 17.57 -43.13
N THR A 161 1.20 17.06 -43.09
CA THR A 161 1.53 15.90 -42.28
C THR A 161 1.74 16.34 -40.84
N LEU A 162 1.04 15.70 -39.91
CA LEU A 162 1.16 16.03 -38.50
C LEU A 162 1.96 14.95 -37.80
N LEU A 163 3.05 15.35 -37.15
CA LEU A 163 3.79 14.49 -36.24
C LEU A 163 3.42 14.88 -34.82
N TYR A 164 2.95 13.91 -34.04
CA TYR A 164 2.36 14.16 -32.74
C TYR A 164 2.98 13.18 -31.76
N THR A 165 3.67 13.70 -30.75
CA THR A 165 4.37 12.89 -29.78
C THR A 165 3.92 13.24 -28.37
N MET A 166 3.97 12.25 -27.49
CA MET A 166 3.66 12.45 -26.08
C MET A 166 4.47 11.45 -25.26
N ARG A 167 4.70 11.81 -24.00
CA ARG A 167 5.46 10.98 -23.08
C ARG A 167 4.48 10.39 -22.08
N LEU A 168 4.41 9.07 -22.04
CA LEU A 168 3.40 8.36 -21.27
C LEU A 168 4.04 7.31 -20.39
N THR A 169 3.43 7.11 -19.23
CA THR A 169 3.71 5.97 -18.37
C THR A 169 2.44 5.12 -18.42
N VAL A 170 2.56 3.92 -19.00
CA VAL A 170 1.42 3.06 -19.26
C VAL A 170 1.50 1.84 -18.35
N ARG A 171 0.43 1.60 -17.60
CA ARG A 171 0.22 0.31 -16.97
C ARG A 171 -0.68 -0.51 -17.89
N ALA A 172 -0.26 -1.73 -18.22
CA ALA A 172 -0.96 -2.53 -19.20
C ALA A 172 -1.18 -3.93 -18.66
N GLU A 173 -2.21 -4.59 -19.16
CA GLU A 173 -2.52 -5.95 -18.75
C GLU A 173 -1.59 -6.93 -19.45
N CYS A 174 -0.99 -7.83 -18.69
CA CYS A 174 -0.16 -8.91 -19.23
C CYS A 174 -0.63 -10.20 -18.58
N PRO A 175 -1.62 -10.86 -19.16
CA PRO A 175 -2.06 -12.15 -18.60
C PRO A 175 -0.92 -13.15 -18.62
N MET A 176 -0.65 -13.72 -17.46
CA MET A 176 0.47 -14.64 -17.27
C MET A 176 -0.05 -16.02 -16.88
N HIS A 177 0.40 -17.04 -17.61
CA HIS A 177 0.16 -18.42 -17.23
C HIS A 177 1.41 -18.88 -16.49
N LEU A 178 1.28 -19.01 -15.17
CA LEU A 178 2.43 -19.23 -14.29
C LEU A 178 2.60 -20.69 -13.92
N GLU A 179 2.23 -21.61 -14.81
CA GLU A 179 2.43 -23.03 -14.50
C GLU A 179 3.90 -23.39 -14.37
N ASP A 180 4.75 -22.80 -15.21
CA ASP A 180 6.18 -23.11 -15.18
C ASP A 180 6.99 -22.17 -14.29
N PHE A 181 6.32 -21.32 -13.51
CA PHE A 181 7.05 -20.41 -12.62
C PHE A 181 7.96 -21.19 -11.69
N PRO A 182 9.21 -20.74 -11.47
CA PRO A 182 9.85 -19.51 -11.95
C PRO A 182 10.62 -19.71 -13.25
N MET A 183 10.35 -20.76 -14.01
CA MET A 183 11.05 -21.04 -15.26
C MET A 183 10.13 -20.75 -16.44
N ASP A 184 9.39 -19.66 -16.35
CA ASP A 184 8.38 -19.29 -17.32
C ASP A 184 8.84 -18.12 -18.16
N ALA A 185 8.28 -18.02 -19.36
CA ALA A 185 8.47 -16.89 -20.24
C ALA A 185 7.12 -16.35 -20.64
N HIS A 186 7.07 -15.06 -20.93
CA HIS A 186 5.80 -14.41 -21.24
C HIS A 186 6.00 -13.45 -22.40
N ALA A 187 4.90 -13.17 -23.09
CA ALA A 187 4.86 -12.16 -24.13
C ALA A 187 3.84 -11.12 -23.66
N CYS A 188 4.33 -10.05 -23.06
CA CYS A 188 3.44 -9.01 -22.56
C CYS A 188 3.03 -8.12 -23.73
N PRO A 189 1.75 -8.01 -24.04
CA PRO A 189 1.32 -7.24 -25.21
C PRO A 189 1.10 -5.77 -24.90
N LEU A 190 1.04 -4.99 -25.97
CA LEU A 190 0.69 -3.58 -25.90
C LEU A 190 -0.12 -3.30 -27.17
N LYS A 191 -1.43 -3.25 -27.02
CA LYS A 191 -2.33 -3.09 -28.15
C LYS A 191 -2.97 -1.72 -28.08
N PHE A 192 -3.12 -1.08 -29.23
CA PHE A 192 -3.81 0.19 -29.28
C PHE A 192 -4.54 0.33 -30.60
N GLY A 193 -5.42 1.32 -30.65
CA GLY A 193 -6.25 1.56 -31.82
C GLY A 193 -7.26 2.64 -31.51
N SER A 194 -8.14 2.89 -32.49
CA SER A 194 -9.15 3.92 -32.31
C SER A 194 -10.30 3.35 -31.50
N TYR A 195 -10.69 4.07 -30.45
CA TYR A 195 -11.82 3.61 -29.64
C TYR A 195 -13.13 3.68 -30.42
N ALA A 196 -13.31 4.74 -31.20
CA ALA A 196 -14.60 5.05 -31.79
C ALA A 196 -14.69 4.82 -33.29
N TYR A 197 -13.57 4.84 -34.01
CA TYR A 197 -13.58 4.83 -35.46
C TYR A 197 -13.22 3.43 -35.93
N THR A 198 -14.10 2.86 -36.75
CA THR A 198 -13.88 1.54 -37.34
C THR A 198 -12.85 1.61 -38.46
N ARG A 199 -12.42 0.41 -38.90
CA ARG A 199 -11.38 0.32 -39.92
C ARG A 199 -11.80 0.97 -41.23
N ALA A 200 -13.10 1.09 -41.47
CA ALA A 200 -13.58 1.81 -42.64
C ALA A 200 -13.31 3.30 -42.57
N GLU A 201 -12.92 3.81 -41.39
CA GLU A 201 -12.67 5.23 -41.18
C GLU A 201 -11.22 5.52 -40.84
N VAL A 202 -10.65 4.84 -39.85
CA VAL A 202 -9.27 5.07 -39.44
C VAL A 202 -8.52 3.75 -39.43
N VAL A 203 -7.40 3.69 -40.16
CA VAL A 203 -6.51 2.53 -40.13
C VAL A 203 -5.15 3.00 -39.64
N TYR A 204 -4.50 2.16 -38.82
CA TYR A 204 -3.15 2.44 -38.33
C TYR A 204 -2.12 1.58 -39.05
N GLU A 205 -0.89 2.10 -39.10
CA GLU A 205 0.25 1.42 -39.69
C GLU A 205 1.53 1.88 -38.99
N TRP A 206 2.60 1.11 -39.16
CA TRP A 206 3.91 1.47 -38.63
C TRP A 206 4.65 2.36 -39.63
N THR A 207 5.35 3.37 -39.09
CA THR A 207 6.04 4.33 -39.95
C THR A 207 7.08 3.65 -40.86
N ARG A 208 7.85 2.72 -40.30
CA ARG A 208 8.81 1.96 -41.09
C ARG A 208 8.59 0.46 -40.87
N GLU A 209 9.56 -0.34 -41.30
CA GLU A 209 9.47 -1.78 -41.09
C GLU A 209 9.08 -2.08 -39.65
N PRO A 210 8.17 -3.04 -39.42
CA PRO A 210 7.69 -3.28 -38.04
C PRO A 210 8.80 -3.56 -37.05
N ALA A 211 9.87 -4.23 -37.45
CA ALA A 211 10.96 -4.50 -36.52
C ALA A 211 11.67 -3.22 -36.11
N ARG A 212 11.72 -2.22 -36.99
CA ARG A 212 12.41 -0.97 -36.73
C ARG A 212 11.47 0.14 -36.27
N SER A 213 10.20 -0.18 -35.98
CA SER A 213 9.25 0.84 -35.55
C SER A 213 9.14 0.95 -34.04
N VAL A 214 9.45 -0.11 -33.31
CA VAL A 214 9.50 -0.07 -31.85
C VAL A 214 10.96 -0.11 -31.45
N VAL A 215 11.46 0.99 -30.88
CA VAL A 215 12.86 1.14 -30.52
C VAL A 215 12.97 1.23 -29.01
N VAL A 216 13.86 0.44 -28.43
CA VAL A 216 14.12 0.45 -27.00
C VAL A 216 15.46 1.13 -26.77
N ALA A 217 15.51 2.02 -25.78
CA ALA A 217 16.78 2.67 -25.44
C ALA A 217 17.76 1.62 -24.90
N GLU A 218 19.04 1.83 -25.20
CA GLU A 218 20.06 0.86 -24.80
C GLU A 218 20.10 0.71 -23.28
N ASP A 219 19.90 1.81 -22.54
CA ASP A 219 19.82 1.75 -21.09
C ASP A 219 18.37 1.74 -20.60
N GLY A 220 17.48 1.16 -21.39
CA GLY A 220 16.06 1.20 -21.06
C GLY A 220 15.56 0.08 -20.16
N SER A 221 16.21 -1.08 -20.20
CA SER A 221 15.71 -2.21 -19.44
C SER A 221 15.82 -1.91 -17.95
N ARG A 222 14.68 -1.71 -17.30
CA ARG A 222 14.61 -1.46 -15.87
C ARG A 222 13.98 -2.64 -15.15
N LEU A 223 14.35 -3.84 -15.57
CA LEU A 223 13.74 -5.08 -15.10
C LEU A 223 14.68 -5.77 -14.12
N ASN A 224 14.13 -6.19 -12.98
CA ASN A 224 14.91 -6.90 -11.98
C ASN A 224 14.79 -8.41 -12.12
N GLN A 225 13.63 -8.92 -12.54
CA GLN A 225 13.38 -10.35 -12.56
C GLN A 225 13.21 -10.90 -13.98
N TYR A 226 13.43 -10.08 -15.00
CA TYR A 226 13.23 -10.51 -16.37
C TYR A 226 14.38 -10.03 -17.22
N ASP A 227 14.56 -10.69 -18.36
CA ASP A 227 15.46 -10.24 -19.41
C ASP A 227 14.60 -9.93 -20.63
N LEU A 228 14.82 -8.75 -21.21
CA LEU A 228 14.06 -8.39 -22.41
C LEU A 228 14.78 -8.99 -23.60
N LEU A 229 14.34 -10.18 -24.02
CA LEU A 229 14.98 -10.86 -25.14
C LEU A 229 14.81 -10.08 -26.43
N GLY A 230 13.62 -9.54 -26.65
CA GLY A 230 13.32 -8.82 -27.88
C GLY A 230 11.84 -8.57 -27.97
N GLN A 231 11.40 -8.19 -29.16
CA GLN A 231 9.98 -7.97 -29.38
C GLN A 231 9.62 -8.37 -30.79
N THR A 232 8.34 -8.63 -31.00
CA THR A 232 7.77 -8.84 -32.32
C THR A 232 6.65 -7.84 -32.51
N VAL A 233 6.59 -7.26 -33.70
CA VAL A 233 5.64 -6.19 -34.01
C VAL A 233 4.70 -6.67 -35.11
N ASP A 234 3.40 -6.56 -34.85
CA ASP A 234 2.40 -7.09 -35.76
C ASP A 234 1.20 -6.15 -35.78
N SER A 235 0.25 -6.45 -36.66
CA SER A 235 -1.01 -5.72 -36.72
C SER A 235 -2.09 -6.64 -37.27
N GLY A 236 -3.33 -6.32 -36.95
CA GLY A 236 -4.43 -7.14 -37.39
C GLY A 236 -5.76 -6.42 -37.30
N ILE A 237 -6.82 -7.22 -37.18
CA ILE A 237 -8.18 -6.71 -37.08
C ILE A 237 -8.88 -7.38 -35.91
N VAL A 238 -9.68 -6.62 -35.16
CA VAL A 238 -10.47 -7.12 -34.06
C VAL A 238 -11.92 -6.70 -34.29
N GLN A 239 -12.84 -7.64 -34.09
CA GLN A 239 -14.27 -7.37 -34.22
C GLN A 239 -14.91 -7.28 -32.84
N SER A 240 -15.75 -6.27 -32.65
CA SER A 240 -16.48 -6.08 -31.40
C SER A 240 -17.95 -5.77 -31.69
N SER A 241 -18.70 -5.43 -30.65
CA SER A 241 -20.13 -5.14 -30.83
C SER A 241 -20.38 -3.89 -31.64
N THR A 242 -19.38 -3.02 -31.81
CA THR A 242 -19.56 -1.76 -32.52
C THR A 242 -18.95 -1.78 -33.92
N GLY A 243 -18.30 -2.86 -34.32
CA GLY A 243 -17.73 -3.02 -35.64
C GLY A 243 -16.33 -3.57 -35.58
N GLU A 244 -15.63 -3.45 -36.69
CA GLU A 244 -14.26 -3.93 -36.82
C GLU A 244 -13.29 -2.77 -36.73
N TYR A 245 -12.21 -2.98 -35.98
CA TYR A 245 -11.23 -1.93 -35.74
C TYR A 245 -9.83 -2.46 -36.00
N VAL A 246 -8.96 -1.57 -36.47
CA VAL A 246 -7.55 -1.91 -36.64
C VAL A 246 -6.86 -1.85 -35.29
N VAL A 247 -6.07 -2.88 -34.98
CA VAL A 247 -5.35 -2.98 -33.72
C VAL A 247 -3.87 -3.13 -34.03
N MET A 248 -3.07 -2.25 -33.46
CA MET A 248 -1.61 -2.35 -33.55
C MET A 248 -1.10 -2.98 -32.28
N THR A 249 -0.28 -4.01 -32.42
CA THR A 249 0.13 -4.82 -31.30
C THR A 249 1.64 -4.88 -31.23
N THR A 250 2.14 -5.04 -30.01
CA THR A 250 3.56 -5.24 -29.78
C THR A 250 3.68 -6.20 -28.61
N HIS A 251 4.48 -7.23 -28.78
CA HIS A 251 4.72 -8.21 -27.74
C HIS A 251 6.16 -8.11 -27.29
N PHE A 252 6.35 -7.97 -25.99
CA PHE A 252 7.68 -7.97 -25.39
C PHE A 252 7.92 -9.35 -24.81
N HIS A 253 8.93 -10.04 -25.31
CA HIS A 253 9.22 -11.40 -24.88
C HIS A 253 10.16 -11.30 -23.68
N LEU A 254 9.72 -11.87 -22.56
CA LEU A 254 10.45 -11.78 -21.31
C LEU A 254 10.77 -13.18 -20.83
N LYS A 255 11.95 -13.32 -20.23
CA LYS A 255 12.37 -14.58 -19.65
C LYS A 255 12.83 -14.27 -18.23
N ARG A 256 12.37 -15.08 -17.29
CA ARG A 256 12.63 -14.81 -15.89
C ARG A 256 14.03 -15.26 -15.52
N LYS A 257 14.74 -14.44 -14.75
CA LYS A 257 16.03 -14.84 -14.23
C LYS A 257 15.83 -15.86 -13.12
N ILE A 258 16.56 -16.96 -13.20
CA ILE A 258 16.36 -18.05 -12.27
C ILE A 258 17.39 -18.03 -11.13
N GLY A 259 18.49 -17.28 -11.29
CA GLY A 259 19.55 -17.36 -10.31
C GLY A 259 19.10 -16.99 -8.91
N TYR A 260 18.17 -16.04 -8.81
CA TYR A 260 17.65 -15.65 -7.50
C TYR A 260 16.96 -16.82 -6.83
N PHE A 261 16.14 -17.56 -7.57
CA PHE A 261 15.33 -18.61 -6.98
C PHE A 261 16.14 -19.86 -6.69
N VAL A 262 17.28 -20.03 -7.35
CA VAL A 262 18.14 -21.18 -7.06
C VAL A 262 18.79 -21.01 -5.69
N ILE A 263 19.30 -19.81 -5.40
CA ILE A 263 19.97 -19.58 -4.11
C ILE A 263 18.99 -19.36 -2.99
N GLN A 264 17.76 -18.92 -3.29
CA GLN A 264 16.79 -18.63 -2.24
C GLN A 264 15.88 -19.81 -1.94
N THR A 265 15.41 -20.50 -2.98
CA THR A 265 14.43 -21.57 -2.83
C THR A 265 15.00 -22.94 -3.14
N TYR A 266 15.54 -23.14 -4.33
CA TYR A 266 15.89 -24.50 -4.76
C TYR A 266 17.04 -25.07 -3.95
N LEU A 267 18.13 -24.31 -3.76
CA LEU A 267 19.26 -24.84 -3.02
C LEU A 267 18.93 -25.13 -1.57
N PRO A 268 18.33 -24.21 -0.79
CA PRO A 268 17.94 -24.60 0.58
C PRO A 268 17.01 -25.79 0.63
N CYS A 269 16.05 -25.88 -0.31
CA CYS A 269 15.15 -27.01 -0.31
C CYS A 269 15.87 -28.31 -0.65
N ILE A 270 16.80 -28.26 -1.63
CA ILE A 270 17.56 -29.45 -1.96
C ILE A 270 18.44 -29.88 -0.80
N MET A 271 19.11 -28.91 -0.17
CA MET A 271 19.98 -29.25 0.96
C MET A 271 19.18 -29.73 2.16
N THR A 272 17.98 -29.19 2.38
CA THR A 272 17.14 -29.69 3.47
C THR A 272 16.72 -31.12 3.19
N VAL A 273 16.38 -31.43 1.94
CA VAL A 273 16.04 -32.81 1.59
C VAL A 273 17.26 -33.70 1.77
N ILE A 274 18.42 -33.25 1.29
CA ILE A 274 19.66 -33.98 1.50
C ILE A 274 19.90 -34.17 2.99
N LEU A 275 19.65 -33.12 3.77
CA LEU A 275 19.89 -33.19 5.22
C LEU A 275 18.94 -34.17 5.89
N SER A 276 17.73 -34.32 5.33
CA SER A 276 16.78 -35.29 5.88
C SER A 276 17.27 -36.71 5.63
N GLN A 277 17.93 -36.92 4.50
CA GLN A 277 18.47 -38.22 4.16
C GLN A 277 19.74 -38.51 4.94
N VAL A 278 20.44 -37.46 5.39
CA VAL A 278 21.61 -37.64 6.24
C VAL A 278 21.26 -38.39 7.52
N SER A 279 19.98 -38.42 7.89
CA SER A 279 19.58 -39.20 9.05
C SER A 279 19.79 -40.69 8.82
N PHE A 280 19.71 -41.14 7.57
CA PHE A 280 19.88 -42.55 7.25
C PHE A 280 21.27 -43.06 7.61
N TRP A 281 22.25 -42.16 7.76
CA TRP A 281 23.62 -42.55 8.04
C TRP A 281 23.94 -42.52 9.54
N LEU A 282 22.98 -42.13 10.37
CA LEU A 282 23.14 -42.20 11.81
C LEU A 282 22.72 -43.57 12.33
N ASN A 283 23.31 -43.97 13.45
CA ASN A 283 23.01 -45.27 14.02
C ASN A 283 21.56 -45.33 14.48
N ARG A 284 20.95 -46.52 14.33
CA ARG A 284 19.53 -46.67 14.62
C ARG A 284 19.21 -46.48 16.10
N GLU A 285 20.20 -46.63 16.99
CA GLU A 285 19.94 -46.54 18.41
C GLU A 285 19.82 -45.11 18.91
N SER A 286 20.22 -44.12 18.12
CA SER A 286 20.08 -42.72 18.51
C SER A 286 18.70 -42.21 18.12
N VAL A 287 17.69 -42.70 18.84
CA VAL A 287 16.30 -42.32 18.51
C VAL A 287 16.04 -40.84 18.73
N PRO A 288 16.40 -40.23 19.87
CA PRO A 288 16.13 -38.79 20.02
C PRO A 288 16.84 -37.93 18.99
N ALA A 289 18.04 -38.33 18.57
CA ALA A 289 18.79 -37.52 17.60
C ALA A 289 18.16 -37.60 16.21
N ARG A 290 17.76 -38.79 15.79
CA ARG A 290 17.16 -38.95 14.46
C ARG A 290 15.71 -38.51 14.42
N THR A 291 15.02 -38.50 15.56
CA THR A 291 13.68 -37.90 15.60
C THR A 291 13.76 -36.38 15.52
N VAL A 292 14.67 -35.77 16.27
CA VAL A 292 14.86 -34.33 16.18
C VAL A 292 15.33 -33.96 14.78
N PHE A 293 16.27 -34.74 14.23
CA PHE A 293 16.75 -34.49 12.88
C PHE A 293 15.61 -34.46 11.88
N GLY A 294 14.74 -35.48 11.90
CA GLY A 294 13.69 -35.56 10.90
C GLY A 294 12.58 -34.56 11.11
N VAL A 295 12.16 -34.33 12.35
CA VAL A 295 11.04 -33.44 12.62
C VAL A 295 11.43 -31.99 12.37
N THR A 296 12.67 -31.62 12.71
CA THR A 296 13.09 -30.24 12.51
C THR A 296 13.39 -29.94 11.04
N THR A 297 13.79 -30.96 10.26
CA THR A 297 13.88 -30.75 8.82
C THR A 297 12.50 -30.53 8.22
N VAL A 298 11.47 -31.16 8.79
CA VAL A 298 10.11 -30.88 8.34
C VAL A 298 9.74 -29.43 8.66
N LEU A 299 10.10 -28.97 9.85
CA LEU A 299 9.84 -27.59 10.23
C LEU A 299 10.65 -26.61 9.39
N THR A 300 11.85 -27.01 8.97
CA THR A 300 12.63 -26.17 8.08
C THR A 300 12.00 -26.09 6.70
N MET A 301 11.48 -27.22 6.20
CA MET A 301 10.79 -27.19 4.92
C MET A 301 9.53 -26.33 5.00
N THR A 302 8.81 -26.43 6.13
CA THR A 302 7.60 -25.61 6.30
C THR A 302 7.95 -24.13 6.30
N THR A 303 9.04 -23.76 6.96
CA THR A 303 9.48 -22.37 6.97
C THR A 303 9.86 -21.92 5.56
N LEU A 304 10.63 -22.76 4.85
CA LEU A 304 10.99 -22.43 3.47
C LEU A 304 9.76 -22.42 2.57
N SER A 305 8.88 -23.40 2.72
CA SER A 305 7.72 -23.50 1.83
C SER A 305 6.79 -22.31 2.00
N ILE A 306 6.54 -21.90 3.24
CA ILE A 306 5.65 -20.76 3.48
C ILE A 306 6.26 -19.49 2.91
N SER A 307 7.55 -19.28 3.17
CA SER A 307 8.20 -18.05 2.69
C SER A 307 8.20 -18.02 1.17
N ALA A 308 8.37 -19.17 0.53
CA ALA A 308 8.42 -19.24 -0.92
C ALA A 308 7.11 -18.77 -1.54
N ARG A 309 5.98 -19.16 -0.92
CA ARG A 309 4.68 -18.75 -1.43
C ARG A 309 4.49 -17.24 -1.28
N ASN A 310 4.90 -16.66 -0.14
CA ASN A 310 4.71 -15.23 0.06
C ASN A 310 5.36 -14.42 -1.05
N SER A 311 6.41 -14.95 -1.68
CA SER A 311 6.99 -14.29 -2.83
C SER A 311 6.15 -14.51 -4.08
N LEU A 312 5.44 -15.64 -4.16
CA LEU A 312 4.62 -15.94 -5.31
C LEU A 312 3.43 -14.99 -5.39
N PRO A 313 2.98 -14.66 -6.60
CA PRO A 313 1.71 -13.94 -6.73
C PRO A 313 0.55 -14.80 -6.27
N LYS A 314 -0.49 -14.14 -5.77
CA LYS A 314 -1.60 -14.85 -5.14
C LYS A 314 -2.46 -15.55 -6.18
N VAL A 315 -1.94 -16.63 -6.75
CA VAL A 315 -2.69 -17.46 -7.68
C VAL A 315 -3.21 -18.68 -6.94
N ALA A 316 -4.21 -19.33 -7.53
CA ALA A 316 -4.84 -20.51 -6.95
C ALA A 316 -4.70 -21.71 -7.86
N TYR A 317 -3.51 -21.90 -8.41
CA TYR A 317 -3.16 -23.14 -9.11
C TYR A 317 -1.70 -23.47 -8.79
N ALA A 318 -1.34 -24.73 -9.03
CA ALA A 318 -0.01 -25.20 -8.70
C ALA A 318 0.95 -24.79 -9.80
N THR A 319 1.98 -24.02 -9.43
CA THR A 319 3.03 -23.66 -10.36
C THR A 319 4.11 -24.73 -10.37
N ALA A 320 5.16 -24.52 -11.16
CA ALA A 320 6.27 -25.47 -11.19
C ALA A 320 6.97 -25.53 -9.84
N MET A 321 7.19 -24.37 -9.21
CA MET A 321 7.87 -24.35 -7.92
C MET A 321 7.02 -24.99 -6.83
N ASP A 322 5.70 -24.93 -6.97
CA ASP A 322 4.81 -25.58 -6.01
C ASP A 322 5.01 -27.09 -6.00
N TRP A 323 5.15 -27.69 -7.19
CA TRP A 323 5.35 -29.13 -7.26
C TRP A 323 6.71 -29.53 -6.69
N PHE A 324 7.75 -28.74 -6.97
CA PHE A 324 9.07 -29.06 -6.43
C PHE A 324 9.05 -29.02 -4.91
N ILE A 325 8.38 -28.02 -4.33
CA ILE A 325 8.31 -27.92 -2.88
C ILE A 325 7.45 -29.04 -2.32
N ALA A 326 6.36 -29.37 -3.02
CA ALA A 326 5.49 -30.45 -2.56
C ALA A 326 6.23 -31.79 -2.57
N VAL A 327 7.01 -32.04 -3.62
CA VAL A 327 7.74 -33.29 -3.70
C VAL A 327 8.84 -33.32 -2.64
N CYS A 328 9.55 -32.22 -2.47
CA CYS A 328 10.55 -32.14 -1.40
C CYS A 328 9.89 -32.38 -0.06
N TYR A 329 8.69 -31.85 0.14
CA TYR A 329 7.94 -32.09 1.37
C TYR A 329 7.65 -33.58 1.53
N ALA A 330 7.27 -34.25 0.43
CA ALA A 330 6.99 -35.67 0.50
C ALA A 330 8.26 -36.45 0.84
N PHE A 331 9.40 -36.06 0.25
CA PHE A 331 10.66 -36.74 0.55
C PHE A 331 11.02 -36.58 2.02
N VAL A 332 10.97 -35.34 2.52
CA VAL A 332 11.28 -35.09 3.92
C VAL A 332 10.27 -35.77 4.83
N PHE A 333 9.00 -35.83 4.38
CA PHE A 333 7.99 -36.58 5.14
C PHE A 333 8.32 -38.07 5.15
N SER A 334 8.75 -38.61 4.01
CA SER A 334 9.04 -40.04 3.93
C SER A 334 10.30 -40.41 4.68
N ALA A 335 11.22 -39.46 4.90
CA ALA A 335 12.43 -39.77 5.63
C ALA A 335 12.13 -40.00 7.12
N LEU A 336 11.18 -39.24 7.66
CA LEU A 336 10.78 -39.44 9.05
C LEU A 336 9.87 -40.66 9.21
N ILE A 337 9.05 -40.95 8.20
CA ILE A 337 8.29 -42.19 8.20
C ILE A 337 9.22 -43.38 8.11
N GLU A 338 10.33 -43.25 7.37
CA GLU A 338 11.27 -44.35 7.25
C GLU A 338 11.88 -44.71 8.60
N PHE A 339 12.21 -43.69 9.41
CA PHE A 339 12.76 -43.97 10.74
C PHE A 339 11.71 -44.55 11.67
N ALA A 340 10.45 -44.16 11.49
CA ALA A 340 9.37 -44.77 12.25
C ALA A 340 9.33 -46.27 12.03
N THR A 341 9.62 -46.72 10.81
CA THR A 341 9.69 -48.14 10.53
C THR A 341 10.96 -48.77 11.10
N VAL A 342 12.10 -48.08 10.95
CA VAL A 342 13.35 -48.61 11.49
C VAL A 342 13.26 -48.78 12.99
N ASN A 343 12.77 -47.76 13.69
CA ASN A 343 12.67 -47.83 15.13
C ASN A 343 11.68 -48.92 15.57
N TYR A 344 10.72 -49.25 14.71
CA TYR A 344 9.73 -50.27 15.07
C TYR A 344 10.32 -51.67 15.11
N PHE A 345 11.52 -51.87 14.56
CA PHE A 345 12.16 -53.17 14.57
C PHE A 345 13.46 -53.19 15.35
N THR A 346 13.82 -52.10 16.01
CA THR A 346 14.98 -52.10 16.89
C THR A 346 14.66 -52.87 18.17
N LYS A 347 15.54 -53.79 18.54
CA LYS A 347 15.31 -54.64 19.70
C LYS A 347 16.03 -54.17 20.96
N ARG A 348 17.23 -53.62 20.80
CA ARG A 348 18.07 -53.24 21.93
C ARG A 348 18.23 -51.73 21.97
N GLY A 349 18.08 -51.15 23.16
CA GLY A 349 18.20 -49.72 23.37
C GLY A 349 19.63 -49.19 23.44
N TYR A 350 20.62 -50.08 23.47
CA TYR A 350 22.02 -49.69 23.55
C TYR A 350 22.72 -49.89 22.22
N ALA A 351 23.70 -49.03 21.96
CA ALA A 351 24.48 -49.07 20.73
C ALA A 351 25.74 -49.90 20.89
N TRP A 352 26.42 -50.14 19.76
CA TRP A 352 27.68 -50.85 19.75
C TRP A 352 28.73 -50.15 20.61
N ASP A 353 29.41 -50.91 21.45
CA ASP A 353 30.29 -50.37 22.49
C ASP A 353 31.68 -50.01 21.97
N GLY A 354 31.99 -50.31 20.71
CA GLY A 354 33.26 -49.96 20.13
C GLY A 354 34.34 -51.00 20.26
N LYS A 355 34.10 -52.09 20.99
CA LYS A 355 35.13 -53.10 21.25
C LYS A 355 34.54 -54.50 21.11
N SER A 356 33.77 -54.71 20.04
CA SER A 356 33.15 -56.02 19.78
C SER A 356 32.92 -56.22 18.29
N LYS A 419 27.65 -60.33 24.82
CA LYS A 419 26.79 -59.17 24.57
C LYS A 419 26.63 -58.92 23.09
N THR A 420 25.39 -58.98 22.60
CA THR A 420 25.10 -58.76 21.19
C THR A 420 24.56 -57.35 20.97
N PHE A 421 24.67 -56.90 19.73
CA PHE A 421 24.26 -55.56 19.34
C PHE A 421 23.35 -55.63 18.13
N ASN A 422 22.52 -54.60 17.97
CA ASN A 422 21.67 -54.54 16.79
C ASN A 422 22.52 -54.38 15.53
N SER A 423 22.12 -55.06 14.47
CA SER A 423 22.71 -54.87 13.16
C SER A 423 22.19 -53.60 12.51
N VAL A 424 22.94 -53.14 11.50
CA VAL A 424 22.51 -51.98 10.73
C VAL A 424 21.30 -52.39 9.90
N SER A 425 20.24 -51.59 9.97
CA SER A 425 18.97 -51.95 9.34
C SER A 425 19.15 -52.12 7.84
N LYS A 426 18.48 -53.14 7.29
CA LYS A 426 18.43 -53.28 5.85
C LYS A 426 17.54 -52.22 5.22
N ILE A 427 16.58 -51.70 6.00
CA ILE A 427 15.79 -50.57 5.54
C ILE A 427 16.68 -49.34 5.39
N ASP A 428 17.56 -49.10 6.37
CA ASP A 428 18.50 -47.99 6.28
C ASP A 428 19.46 -48.18 5.12
N ARG A 429 20.02 -49.38 4.98
CA ARG A 429 21.01 -49.63 3.94
C ARG A 429 20.42 -49.41 2.56
N LEU A 430 19.19 -49.88 2.35
CA LEU A 430 18.52 -49.68 1.06
C LEU A 430 18.04 -48.24 0.91
N SER A 431 17.72 -47.57 2.01
CA SER A 431 17.30 -46.18 1.92
C SER A 431 18.48 -45.27 1.57
N ARG A 432 19.70 -45.66 1.94
CA ARG A 432 20.88 -44.87 1.58
C ARG A 432 21.08 -44.82 0.08
N ILE A 433 20.43 -45.70 -0.68
CA ILE A 433 20.53 -45.75 -2.13
C ILE A 433 19.22 -45.32 -2.78
N ALA A 434 18.10 -45.87 -2.31
CA ALA A 434 16.81 -45.60 -2.94
C ALA A 434 16.44 -44.12 -2.83
N PHE A 435 16.62 -43.54 -1.65
CA PHE A 435 16.23 -42.14 -1.46
C PHE A 435 17.08 -41.18 -2.29
N PRO A 436 18.42 -41.23 -2.27
CA PRO A 436 19.19 -40.36 -3.18
C PRO A 436 18.87 -40.59 -4.65
N LEU A 437 18.62 -41.84 -5.05
CA LEU A 437 18.37 -42.14 -6.45
C LEU A 437 17.01 -41.61 -6.89
N LEU A 438 15.97 -41.84 -6.09
CA LEU A 438 14.64 -41.35 -6.46
C LEU A 438 14.62 -39.83 -6.52
N PHE A 439 15.30 -39.16 -5.58
CA PHE A 439 15.35 -37.71 -5.63
C PHE A 439 16.17 -37.25 -6.82
N GLY A 440 17.27 -37.94 -7.12
CA GLY A 440 18.04 -37.61 -8.31
C GLY A 440 17.23 -37.78 -9.59
N ILE A 441 16.48 -38.88 -9.68
CA ILE A 441 15.63 -39.10 -10.85
C ILE A 441 14.57 -38.01 -10.94
N PHE A 442 13.94 -37.69 -9.80
CA PHE A 442 12.92 -36.65 -9.81
C PHE A 442 13.50 -35.31 -10.28
N ASN A 443 14.78 -35.07 -10.01
CA ASN A 443 15.37 -33.80 -10.41
C ASN A 443 15.64 -33.77 -11.90
N LEU A 444 16.06 -34.90 -12.47
CA LEU A 444 16.23 -34.96 -13.91
C LEU A 444 14.90 -34.77 -14.63
N VAL A 445 13.84 -35.41 -14.14
CA VAL A 445 12.53 -35.26 -14.77
C VAL A 445 12.03 -33.83 -14.63
N TYR A 446 12.20 -33.25 -13.45
CA TYR A 446 11.73 -31.88 -13.22
C TYR A 446 12.52 -30.88 -14.05
N TRP A 447 13.85 -30.96 -13.99
CA TRP A 447 14.68 -29.95 -14.64
C TRP A 447 14.68 -30.09 -16.16
N ALA A 448 14.61 -31.33 -16.67
CA ALA A 448 14.50 -31.52 -18.12
C ALA A 448 13.15 -31.03 -18.64
N THR A 449 12.08 -31.24 -17.86
CA THR A 449 10.75 -30.87 -18.33
C THR A 449 10.63 -29.37 -18.55
N TYR A 450 11.17 -28.57 -17.63
CA TYR A 450 10.93 -27.13 -17.64
C TYR A 450 12.03 -26.34 -18.31
N LEU A 451 13.27 -26.83 -18.31
CA LEU A 451 14.35 -26.14 -18.99
C LEU A 451 14.31 -26.40 -20.49
N MET B 34 -0.14 52.51 -6.39
CA MET B 34 -0.37 51.29 -7.15
C MET B 34 -0.96 51.60 -8.53
N SER B 35 -1.38 52.85 -8.73
CA SER B 35 -1.96 53.24 -10.00
C SER B 35 -0.94 53.10 -11.13
N PHE B 36 0.27 53.62 -10.90
CA PHE B 36 1.31 53.53 -11.93
C PHE B 36 1.73 52.09 -12.18
N VAL B 37 1.84 51.29 -11.11
CA VAL B 37 2.24 49.89 -11.26
C VAL B 37 1.18 49.12 -12.03
N LYS B 38 -0.10 49.37 -11.75
CA LYS B 38 -1.16 48.66 -12.45
C LYS B 38 -1.10 48.91 -13.95
N GLU B 39 -0.82 50.16 -14.35
CA GLU B 39 -0.67 50.46 -15.77
C GLU B 39 0.52 49.73 -16.37
N THR B 40 1.65 49.72 -15.67
CA THR B 40 2.85 49.09 -16.17
C THR B 40 2.66 47.59 -16.38
N VAL B 41 2.05 46.91 -15.40
CA VAL B 41 1.87 45.46 -15.51
C VAL B 41 0.94 45.13 -16.67
N ASP B 42 -0.17 45.86 -16.78
CA ASP B 42 -1.09 45.64 -17.89
C ASP B 42 -0.44 45.97 -19.22
N LYS B 43 0.47 46.94 -19.24
CA LYS B 43 1.16 47.31 -20.47
C LYS B 43 2.02 46.16 -20.99
N LEU B 44 2.73 45.47 -20.08
CA LEU B 44 3.62 44.39 -20.52
C LEU B 44 2.83 43.26 -21.18
N LEU B 45 1.70 42.88 -20.60
CA LEU B 45 0.92 41.76 -21.10
C LEU B 45 -0.01 42.12 -22.24
N LYS B 46 -0.05 43.39 -22.64
CA LYS B 46 -0.89 43.80 -23.76
C LYS B 46 -0.20 43.40 -25.06
N GLY B 47 -0.85 42.50 -25.82
CA GLY B 47 -0.27 41.99 -27.04
C GLY B 47 0.75 40.88 -26.84
N TYR B 48 0.99 40.47 -25.59
CA TYR B 48 1.94 39.41 -25.30
C TYR B 48 1.48 38.10 -25.94
N ASP B 49 2.41 37.44 -26.63
CA ASP B 49 2.16 36.18 -27.33
C ASP B 49 2.93 35.08 -26.59
N ILE B 50 2.22 34.30 -25.78
CA ILE B 50 2.87 33.26 -25.00
C ILE B 50 3.47 32.19 -25.90
N ARG B 51 2.88 31.98 -27.08
CA ARG B 51 3.30 30.90 -27.97
C ARG B 51 4.71 31.09 -28.51
N LEU B 52 5.26 32.30 -28.47
CA LEU B 52 6.59 32.58 -29.02
C LEU B 52 7.61 32.81 -27.92
N ARG B 53 8.79 32.20 -28.09
CA ARG B 53 9.86 32.29 -27.12
C ARG B 53 10.53 33.65 -27.19
N PRO B 54 11.30 34.03 -26.16
CA PRO B 54 12.12 35.24 -26.25
C PRO B 54 13.11 35.18 -27.41
N ASP B 55 13.28 36.31 -28.09
CA ASP B 55 14.13 36.40 -29.26
C ASP B 55 13.77 35.36 -30.31
N PHE B 56 12.46 35.16 -30.50
CA PHE B 56 11.98 34.21 -31.50
C PHE B 56 12.56 34.56 -32.86
N GLY B 57 13.09 33.54 -33.56
CA GLY B 57 13.75 33.77 -34.81
C GLY B 57 15.09 34.46 -34.69
N GLY B 58 15.69 34.45 -33.50
CA GLY B 58 16.95 35.09 -33.26
C GLY B 58 17.92 34.17 -32.54
N PRO B 59 18.87 34.75 -31.82
CA PRO B 59 19.82 33.93 -31.07
C PRO B 59 19.10 33.07 -30.05
N PRO B 60 19.61 31.88 -29.75
CA PRO B 60 18.94 31.02 -28.78
C PRO B 60 18.85 31.67 -27.41
N VAL B 61 17.71 31.46 -26.75
CA VAL B 61 17.51 31.97 -25.40
C VAL B 61 18.27 31.11 -24.40
N CYS B 62 19.04 31.74 -23.53
CA CYS B 62 19.83 31.04 -22.53
C CYS B 62 19.05 31.00 -21.23
N VAL B 63 18.77 29.79 -20.74
CA VAL B 63 17.96 29.60 -19.54
C VAL B 63 18.87 29.09 -18.44
N GLY B 64 19.10 29.94 -17.43
CA GLY B 64 19.88 29.52 -16.27
C GLY B 64 18.97 28.90 -15.23
N MET B 65 19.47 27.85 -14.59
CA MET B 65 18.68 27.09 -13.62
C MET B 65 19.48 26.89 -12.35
N ASN B 66 18.77 26.94 -11.22
CA ASN B 66 19.32 26.50 -9.95
C ASN B 66 18.22 25.81 -9.16
N ILE B 67 18.63 24.91 -8.28
CA ILE B 67 17.70 24.10 -7.51
C ILE B 67 18.05 24.20 -6.03
N ASP B 68 17.03 24.34 -5.19
CA ASP B 68 17.19 24.34 -3.74
C ASP B 68 16.42 23.13 -3.22
N ILE B 69 17.14 22.09 -2.83
CA ILE B 69 16.51 20.83 -2.47
C ILE B 69 15.94 20.95 -1.06
N ALA B 70 14.66 20.61 -0.91
CA ALA B 70 14.01 20.63 0.39
C ALA B 70 14.15 19.29 1.11
N SER B 71 14.03 18.18 0.39
CA SER B 71 14.16 16.85 0.97
C SER B 71 14.13 15.81 -0.13
N ILE B 72 14.76 14.67 0.15
CA ILE B 72 14.64 13.47 -0.66
C ILE B 72 13.85 12.46 0.17
N ASP B 73 12.54 12.39 -0.09
CA ASP B 73 11.64 11.71 0.86
C ASP B 73 11.91 10.21 0.90
N MET B 74 11.94 9.55 -0.26
CA MET B 74 12.02 8.11 -0.31
C MET B 74 12.96 7.67 -1.41
N VAL B 75 13.61 6.52 -1.19
CA VAL B 75 14.43 5.86 -2.20
C VAL B 75 14.10 4.37 -2.16
N SER B 76 13.33 3.90 -3.16
CA SER B 76 12.82 2.54 -3.15
C SER B 76 13.55 1.70 -4.20
N GLU B 77 14.17 0.61 -3.74
CA GLU B 77 14.82 -0.32 -4.65
C GLU B 77 13.83 -1.13 -5.48
N VAL B 78 12.66 -1.43 -4.92
CA VAL B 78 11.67 -2.26 -5.61
C VAL B 78 11.17 -1.55 -6.86
N ASN B 79 10.77 -0.30 -6.72
CA ASN B 79 10.27 0.51 -7.83
C ASN B 79 11.39 1.12 -8.65
N MET B 80 12.63 1.06 -8.16
CA MET B 80 13.79 1.66 -8.82
C MET B 80 13.53 3.13 -9.11
N ASP B 81 13.33 3.88 -8.04
CA ASP B 81 13.09 5.32 -8.12
C ASP B 81 13.30 5.96 -6.77
N TYR B 82 13.40 7.28 -6.77
CA TYR B 82 13.53 8.06 -5.55
C TYR B 82 12.58 9.25 -5.65
N THR B 83 12.20 9.78 -4.50
CA THR B 83 11.31 10.94 -4.42
C THR B 83 12.10 12.16 -3.97
N LEU B 84 11.91 13.27 -4.70
CA LEU B 84 12.68 14.48 -4.47
C LEU B 84 11.74 15.67 -4.42
N THR B 85 11.78 16.42 -3.33
CA THR B 85 11.10 17.71 -3.23
C THR B 85 12.12 18.82 -3.36
N MET B 86 11.79 19.85 -4.13
CA MET B 86 12.78 20.87 -4.42
C MET B 86 12.09 22.17 -4.80
N TYR B 87 12.87 23.24 -4.79
CA TYR B 87 12.48 24.53 -5.34
C TYR B 87 13.24 24.67 -6.64
N PHE B 88 12.52 24.72 -7.75
CA PHE B 88 13.09 24.65 -9.09
C PHE B 88 12.95 26.03 -9.72
N GLN B 89 14.08 26.72 -9.85
CA GLN B 89 14.11 28.07 -10.39
C GLN B 89 14.63 28.05 -11.82
N GLN B 90 14.08 28.92 -12.66
CA GLN B 90 14.54 29.11 -14.02
C GLN B 90 14.70 30.60 -14.29
N TYR B 91 15.81 30.98 -14.91
CA TYR B 91 16.11 32.37 -15.19
C TYR B 91 16.34 32.54 -16.69
N TRP B 92 15.67 33.53 -17.26
CA TRP B 92 15.89 33.91 -18.65
C TRP B 92 15.51 35.37 -18.81
N ARG B 93 16.02 35.98 -19.88
CA ARG B 93 15.76 37.39 -20.15
C ARG B 93 14.70 37.48 -21.24
N ASP B 94 13.67 38.29 -20.99
CA ASP B 94 12.61 38.54 -21.96
C ASP B 94 12.44 40.05 -22.09
N LYS B 95 12.90 40.61 -23.21
CA LYS B 95 12.83 42.05 -23.41
C LYS B 95 11.39 42.54 -23.47
N ARG B 96 10.44 41.66 -23.81
CA ARG B 96 9.03 42.03 -23.77
C ARG B 96 8.57 42.33 -22.36
N LEU B 97 9.31 41.90 -21.34
CA LEU B 97 8.93 42.12 -19.95
C LEU B 97 9.83 43.11 -19.24
N ALA B 98 10.65 43.87 -19.98
CA ALA B 98 11.46 44.90 -19.36
C ALA B 98 10.59 46.08 -18.94
N TYR B 99 10.87 46.63 -17.76
CA TYR B 99 10.15 47.79 -17.26
C TYR B 99 11.11 48.72 -16.54
N SER B 100 10.80 50.01 -16.61
CA SER B 100 11.66 51.06 -16.04
C SER B 100 10.82 52.03 -15.23
N GLY B 101 11.48 52.74 -14.33
CA GLY B 101 10.83 53.68 -13.45
C GLY B 101 10.42 53.14 -12.10
N ILE B 102 10.42 51.82 -11.92
CA ILE B 102 10.09 51.20 -10.64
C ILE B 102 11.37 50.59 -10.07
N PRO B 103 11.91 51.13 -8.97
CA PRO B 103 13.10 50.55 -8.35
C PRO B 103 12.77 49.35 -7.45
N LEU B 104 11.92 48.47 -7.95
CA LEU B 104 11.45 47.32 -7.21
C LEU B 104 11.36 46.12 -8.15
N ASN B 105 11.57 44.94 -7.59
CA ASN B 105 11.35 43.69 -8.31
C ASN B 105 9.90 43.27 -8.11
N LEU B 106 9.15 43.17 -9.20
CA LEU B 106 7.70 43.00 -9.12
C LEU B 106 7.39 41.52 -8.98
N THR B 107 7.06 41.09 -7.78
CA THR B 107 6.47 39.78 -7.55
C THR B 107 4.98 39.82 -7.86
N LEU B 108 4.54 38.94 -8.75
CA LEU B 108 3.16 38.92 -9.20
C LEU B 108 2.50 37.62 -8.80
N ASP B 109 1.19 37.69 -8.55
CA ASP B 109 0.37 36.52 -8.25
C ASP B 109 0.72 35.36 -9.18
N ASN B 110 0.87 34.18 -8.59
CA ASN B 110 1.40 33.04 -9.35
C ASN B 110 0.56 32.68 -10.56
N ARG B 111 -0.71 33.08 -10.59
CA ARG B 111 -1.56 32.75 -11.74
C ARG B 111 -1.14 33.48 -13.01
N VAL B 112 -0.33 34.55 -12.90
CA VAL B 112 0.14 35.23 -14.11
C VAL B 112 1.09 34.35 -14.92
N ALA B 113 1.69 33.32 -14.30
CA ALA B 113 2.59 32.45 -15.03
C ALA B 113 1.90 31.80 -16.23
N ASP B 114 0.60 31.52 -16.12
CA ASP B 114 -0.14 30.95 -17.24
C ASP B 114 -0.24 31.91 -18.41
N GLN B 115 0.00 33.20 -18.19
CA GLN B 115 -0.07 34.23 -19.22
C GLN B 115 1.28 34.55 -19.85
N LEU B 116 2.36 33.93 -19.38
CA LEU B 116 3.70 34.20 -19.85
C LEU B 116 4.26 33.00 -20.60
N TRP B 117 5.34 33.24 -21.34
CA TRP B 117 6.08 32.14 -21.94
C TRP B 117 7.06 31.57 -20.95
N VAL B 118 7.01 30.26 -20.75
CA VAL B 118 7.94 29.56 -19.87
C VAL B 118 8.60 28.47 -20.68
N PRO B 119 9.79 28.02 -20.29
CA PRO B 119 10.45 26.93 -21.02
C PRO B 119 9.62 25.66 -20.94
N ASP B 120 9.73 24.86 -21.99
CA ASP B 120 9.06 23.56 -22.04
C ASP B 120 9.91 22.49 -21.38
N THR B 121 10.33 22.80 -20.15
CA THR B 121 11.24 21.95 -19.40
C THR B 121 10.48 20.77 -18.81
N TYR B 122 11.15 19.61 -18.79
CA TYR B 122 10.59 18.41 -18.19
C TYR B 122 11.72 17.56 -17.65
N PHE B 123 11.38 16.62 -16.81
CA PHE B 123 12.34 15.71 -16.20
C PHE B 123 12.27 14.38 -16.92
N LEU B 124 13.38 13.98 -17.55
CA LEU B 124 13.34 12.87 -18.48
C LEU B 124 13.08 11.54 -17.78
N ASN B 125 13.52 11.40 -16.54
CA ASN B 125 13.37 10.14 -15.81
C ASN B 125 12.35 10.21 -14.69
N ASP B 126 11.44 11.18 -14.71
CA ASP B 126 10.44 11.28 -13.67
C ASP B 126 9.26 10.36 -13.96
N LYS B 127 8.81 9.63 -12.94
CA LYS B 127 7.68 8.72 -13.08
C LYS B 127 6.37 9.42 -12.71
N LYS B 128 6.31 9.99 -11.51
CA LYS B 128 5.14 10.72 -11.05
C LYS B 128 5.59 12.00 -10.37
N SER B 129 4.98 13.12 -10.74
CA SER B 129 5.35 14.40 -10.14
C SER B 129 4.15 15.33 -10.13
N PHE B 130 4.20 16.32 -9.24
CA PHE B 130 3.14 17.31 -9.14
C PHE B 130 3.71 18.58 -8.54
N VAL B 131 3.00 19.69 -8.74
CA VAL B 131 3.25 20.95 -8.07
C VAL B 131 2.33 21.04 -6.86
N HIS B 132 2.88 21.38 -5.71
CA HIS B 132 2.07 21.55 -4.51
C HIS B 132 1.07 22.69 -4.70
N GLY B 133 -0.10 22.55 -4.08
CA GLY B 133 -1.18 23.48 -4.35
C GLY B 133 -1.96 23.97 -3.16
N VAL B 134 -1.38 23.88 -1.96
CA VAL B 134 -1.97 24.41 -0.74
C VAL B 134 -1.02 25.44 -0.15
N THR B 135 -1.52 26.62 0.20
CA THR B 135 -2.92 27.00 0.03
C THR B 135 -3.25 27.35 -1.42
N VAL B 136 -2.28 27.95 -2.11
CA VAL B 136 -2.40 28.23 -3.53
C VAL B 136 -1.33 27.43 -4.24
N LYS B 137 -1.27 27.53 -5.57
CA LYS B 137 -0.21 26.85 -6.30
C LYS B 137 1.16 27.35 -5.87
N ASN B 138 2.03 26.42 -5.47
CA ASN B 138 3.38 26.77 -5.01
C ASN B 138 4.23 27.11 -6.23
N ARG B 139 4.02 28.31 -6.75
CA ARG B 139 4.65 28.78 -7.96
C ARG B 139 4.98 30.26 -7.79
N MET B 140 6.02 30.71 -8.46
CA MET B 140 6.50 32.08 -8.29
C MET B 140 6.92 32.66 -9.63
N ILE B 141 6.49 33.89 -9.89
CA ILE B 141 7.01 34.71 -10.97
C ILE B 141 7.51 36.01 -10.37
N ARG B 142 8.74 36.39 -10.68
CA ARG B 142 9.31 37.64 -10.19
C ARG B 142 10.01 38.33 -11.35
N LEU B 143 9.53 39.50 -11.71
CA LEU B 143 10.14 40.30 -12.76
C LEU B 143 11.22 41.21 -12.18
N HIS B 144 12.18 41.57 -13.02
CA HIS B 144 13.25 42.47 -12.66
C HIS B 144 13.35 43.61 -13.66
N PRO B 145 13.88 44.76 -13.25
CA PRO B 145 13.89 45.92 -14.17
C PRO B 145 14.55 45.65 -15.51
N ASP B 146 15.65 44.89 -15.52
CA ASP B 146 16.37 44.62 -16.75
C ASP B 146 15.65 43.65 -17.68
N GLY B 147 14.58 43.02 -17.22
CA GLY B 147 13.87 42.01 -17.99
C GLY B 147 14.08 40.60 -17.52
N THR B 148 14.99 40.37 -16.58
CA THR B 148 15.19 39.03 -16.04
C THR B 148 13.90 38.49 -15.45
N VAL B 149 13.57 37.25 -15.77
CA VAL B 149 12.38 36.58 -15.24
C VAL B 149 12.83 35.46 -14.33
N LEU B 150 12.31 35.44 -13.12
CA LEU B 150 12.50 34.35 -12.17
C LEU B 150 11.21 33.54 -12.09
N TYR B 151 11.30 32.26 -12.44
CA TYR B 151 10.14 31.37 -12.46
C TYR B 151 10.50 30.18 -11.60
N GLY B 152 9.83 30.06 -10.45
CA GLY B 152 10.16 29.05 -9.47
C GLY B 152 8.96 28.17 -9.16
N LEU B 153 9.21 26.88 -8.98
CA LEU B 153 8.19 25.92 -8.64
C LEU B 153 8.66 25.08 -7.46
N ARG B 154 7.70 24.62 -6.67
CA ARG B 154 7.96 23.62 -5.64
C ARG B 154 7.42 22.30 -6.16
N ILE B 155 8.32 21.38 -6.48
CA ILE B 155 7.99 20.16 -7.19
C ILE B 155 8.35 18.98 -6.31
N THR B 156 7.47 17.99 -6.24
CA THR B 156 7.80 16.69 -5.68
C THR B 156 7.73 15.71 -6.84
N THR B 157 8.89 15.15 -7.19
CA THR B 157 8.99 14.29 -8.36
C THR B 157 9.59 12.95 -7.95
N THR B 158 8.95 11.87 -8.38
CA THR B 158 9.52 10.53 -8.26
C THR B 158 10.30 10.27 -9.53
N ALA B 159 11.62 10.17 -9.42
CA ALA B 159 12.49 10.06 -10.57
C ALA B 159 13.06 8.65 -10.65
N ALA B 160 13.16 8.14 -11.87
CA ALA B 160 13.69 6.79 -12.09
C ALA B 160 15.20 6.78 -11.88
N CYS B 161 15.67 5.82 -11.09
CA CYS B 161 17.10 5.66 -10.81
C CYS B 161 17.43 4.16 -10.92
N MET B 162 18.08 3.78 -12.02
CA MET B 162 18.53 2.41 -12.15
C MET B 162 19.64 2.14 -11.14
N MET B 163 19.52 1.04 -10.41
CA MET B 163 20.43 0.72 -9.32
C MET B 163 21.07 -0.63 -9.57
N ASP B 164 22.37 -0.71 -9.33
CA ASP B 164 23.13 -1.95 -9.43
C ASP B 164 23.30 -2.45 -7.99
N LEU B 165 22.46 -3.42 -7.61
CA LEU B 165 22.38 -3.88 -6.23
C LEU B 165 23.12 -5.19 -6.02
N ARG B 166 24.06 -5.52 -6.90
CA ARG B 166 24.83 -6.74 -6.73
C ARG B 166 25.64 -6.70 -5.45
N ARG B 167 26.17 -5.53 -5.10
CA ARG B 167 26.99 -5.35 -3.91
C ARG B 167 26.17 -4.94 -2.70
N TYR B 168 24.84 -5.00 -2.80
CA TYR B 168 23.97 -4.68 -1.67
C TYR B 168 24.28 -5.59 -0.47
N PRO B 169 24.33 -5.05 0.76
CA PRO B 169 24.06 -3.68 1.19
C PRO B 169 25.29 -2.79 1.19
N LEU B 170 26.38 -3.25 0.57
CA LEU B 170 27.64 -2.52 0.52
C LEU B 170 27.77 -1.75 -0.79
N ASP B 171 26.66 -1.29 -1.34
CA ASP B 171 26.60 -0.71 -2.66
C ASP B 171 26.61 0.80 -2.58
N GLU B 172 27.11 1.43 -3.63
CA GLU B 172 27.07 2.86 -3.79
C GLU B 172 26.29 3.15 -5.07
N GLN B 173 25.31 4.02 -4.96
CA GLN B 173 24.40 4.31 -6.07
C GLN B 173 24.65 5.70 -6.62
N ASN B 174 24.28 5.87 -7.88
CA ASN B 174 24.44 7.15 -8.58
C ASN B 174 23.09 7.43 -9.22
N CYS B 175 22.26 8.20 -8.52
CA CYS B 175 20.97 8.61 -9.02
C CYS B 175 21.08 9.99 -9.63
N THR B 176 20.28 10.23 -10.67
CA THR B 176 20.39 11.44 -11.46
C THR B 176 19.02 12.05 -11.66
N LEU B 177 19.03 13.28 -12.18
CA LEU B 177 17.82 13.97 -12.63
C LEU B 177 18.18 14.63 -13.94
N GLU B 178 17.52 14.23 -15.02
CA GLU B 178 17.84 14.72 -16.35
C GLU B 178 16.82 15.79 -16.73
N ILE B 179 17.32 16.97 -17.09
CA ILE B 179 16.49 18.12 -17.39
C ILE B 179 16.69 18.43 -18.87
N GLU B 180 15.60 18.43 -19.62
CA GLU B 180 15.67 18.58 -21.07
C GLU B 180 14.49 19.41 -21.55
N SER B 181 14.63 19.95 -22.75
CA SER B 181 13.56 20.68 -23.41
C SER B 181 12.80 19.68 -24.28
N TYR B 182 11.49 19.60 -24.09
CA TYR B 182 10.72 18.59 -24.82
C TYR B 182 10.73 18.87 -26.33
N GLY B 183 10.56 20.12 -26.73
CA GLY B 183 10.36 20.42 -28.14
C GLY B 183 11.55 21.08 -28.81
N TYR B 184 12.21 21.99 -28.10
CA TYR B 184 13.18 22.87 -28.74
C TYR B 184 14.54 22.18 -28.82
N THR B 185 15.39 22.69 -29.70
CA THR B 185 16.77 22.27 -29.84
C THR B 185 17.69 23.40 -29.38
N THR B 186 19.00 23.11 -29.34
CA THR B 186 19.97 24.10 -28.90
C THR B 186 20.02 25.31 -29.83
N ASP B 187 19.48 25.19 -31.04
CA ASP B 187 19.36 26.35 -31.91
C ASP B 187 18.32 27.35 -31.39
N ASP B 188 17.44 26.91 -30.50
CA ASP B 188 16.36 27.74 -29.96
C ASP B 188 16.54 28.05 -28.49
N ILE B 189 16.91 27.09 -27.66
CA ILE B 189 16.98 27.27 -26.22
C ILE B 189 18.23 26.57 -25.71
N GLU B 190 18.95 27.22 -24.80
CA GLU B 190 20.16 26.68 -24.21
C GLU B 190 20.06 26.71 -22.69
N PHE B 191 20.48 25.63 -22.05
CA PHE B 191 20.44 25.53 -20.60
C PHE B 191 21.83 25.73 -20.02
N TYR B 192 21.88 26.29 -18.82
CA TYR B 192 23.12 26.36 -18.05
C TYR B 192 22.77 26.44 -16.57
N TRP B 193 23.74 26.05 -15.73
CA TRP B 193 23.58 26.12 -14.28
C TRP B 193 23.94 27.52 -13.80
N ARG B 194 22.95 28.23 -13.26
CA ARG B 194 23.17 29.60 -12.80
C ARG B 194 23.96 29.59 -11.50
N GLY B 195 25.17 30.14 -11.54
CA GLY B 195 26.06 30.08 -10.40
C GLY B 195 27.06 28.94 -10.40
N GLY B 196 27.23 28.25 -11.52
CA GLY B 196 28.20 27.17 -11.59
C GLY B 196 27.88 26.05 -10.60
N ASP B 197 28.90 25.65 -9.84
CA ASP B 197 28.71 24.57 -8.86
C ASP B 197 27.91 25.01 -7.65
N LYS B 198 27.64 26.30 -7.50
CA LYS B 198 26.77 26.80 -6.44
C LYS B 198 25.30 26.83 -6.86
N ALA B 199 24.97 26.31 -8.04
CA ALA B 199 23.60 26.38 -8.52
C ALA B 199 22.67 25.57 -7.63
N VAL B 200 23.08 24.38 -7.22
CA VAL B 200 22.26 23.51 -6.38
C VAL B 200 22.65 23.71 -4.94
N THR B 201 21.66 23.93 -4.08
CA THR B 201 21.89 24.14 -2.66
C THR B 201 20.97 23.24 -1.85
N GLY B 202 21.28 23.11 -0.57
CA GLY B 202 20.49 22.32 0.34
C GLY B 202 20.91 20.87 0.42
N VAL B 203 21.93 20.47 -0.36
CA VAL B 203 22.37 19.08 -0.34
C VAL B 203 22.96 18.73 1.01
N GLU B 204 23.79 19.63 1.57
CA GLU B 204 24.46 19.33 2.84
C GLU B 204 23.47 19.10 3.98
N ARG B 205 22.25 19.63 3.86
CA ARG B 205 21.25 19.49 4.90
C ARG B 205 20.33 18.30 4.69
N ILE B 206 20.55 17.52 3.64
CA ILE B 206 19.71 16.37 3.35
C ILE B 206 20.08 15.23 4.29
N GLU B 207 19.09 14.65 4.95
CA GLU B 207 19.27 13.50 5.80
C GLU B 207 18.40 12.38 5.27
N LEU B 208 19.01 11.22 5.03
CA LEU B 208 18.32 10.04 4.55
C LEU B 208 18.46 8.92 5.56
N PRO B 209 17.37 8.25 5.92
CA PRO B 209 17.48 7.17 6.91
C PRO B 209 18.36 6.02 6.45
N GLN B 210 18.55 5.85 5.14
CA GLN B 210 19.21 4.68 4.61
C GLN B 210 20.51 4.99 3.87
N PHE B 211 20.67 6.21 3.36
CA PHE B 211 21.85 6.59 2.60
C PHE B 211 22.52 7.79 3.26
N SER B 212 23.63 8.21 2.65
CA SER B 212 24.29 9.46 2.99
C SER B 212 24.81 10.08 1.70
N ILE B 213 24.59 11.38 1.53
CA ILE B 213 25.05 12.04 0.32
C ILE B 213 26.56 12.19 0.38
N VAL B 214 27.27 11.53 -0.52
CA VAL B 214 28.73 11.60 -0.55
C VAL B 214 29.19 12.76 -1.43
N GLU B 215 28.54 12.96 -2.56
CA GLU B 215 28.94 13.97 -3.53
C GLU B 215 27.73 14.30 -4.40
N HIS B 216 27.81 15.43 -5.09
CA HIS B 216 26.87 15.74 -6.15
C HIS B 216 27.61 16.52 -7.23
N ARG B 217 27.18 16.34 -8.48
CA ARG B 217 27.82 16.95 -9.62
C ARG B 217 26.78 17.57 -10.53
N LEU B 218 27.17 18.65 -11.20
CA LEU B 218 26.35 19.31 -12.19
C LEU B 218 27.01 19.15 -13.55
N VAL B 219 26.24 18.67 -14.53
CA VAL B 219 26.75 18.44 -15.87
C VAL B 219 25.87 19.19 -16.86
N SER B 220 26.50 19.89 -17.79
CA SER B 220 25.83 20.54 -18.91
C SER B 220 26.34 19.92 -20.19
N ARG B 221 25.43 19.53 -21.07
CA ARG B 221 25.80 18.81 -22.29
C ARG B 221 24.68 18.97 -23.30
N ASN B 222 25.02 18.64 -24.55
CA ASN B 222 24.09 18.72 -25.68
C ASN B 222 23.96 17.31 -26.25
N VAL B 223 22.91 16.60 -25.83
CA VAL B 223 22.66 15.28 -26.38
C VAL B 223 22.43 15.40 -27.89
N VAL B 224 22.89 14.39 -28.63
CA VAL B 224 22.82 14.38 -30.09
C VAL B 224 21.98 13.20 -30.54
N PHE B 225 21.00 13.46 -31.41
CA PHE B 225 20.24 12.39 -32.05
C PHE B 225 20.26 12.60 -33.56
N ALA B 226 19.47 11.82 -34.29
CA ALA B 226 19.36 12.03 -35.73
C ALA B 226 18.75 13.40 -36.03
N THR B 227 17.73 13.78 -35.26
CA THR B 227 17.08 15.07 -35.48
C THR B 227 18.04 16.23 -35.26
N GLY B 228 18.84 16.17 -34.22
CA GLY B 228 19.80 17.22 -33.95
C GLY B 228 20.20 17.24 -32.49
N ALA B 229 20.89 18.31 -32.12
CA ALA B 229 21.35 18.51 -30.75
C ALA B 229 20.24 19.09 -29.87
N TYR B 230 20.11 18.53 -28.67
CA TYR B 230 19.12 18.95 -27.69
C TYR B 230 19.81 19.35 -26.40
N PRO B 231 19.36 20.43 -25.74
CA PRO B 231 19.98 20.82 -24.47
C PRO B 231 19.70 19.79 -23.39
N ARG B 232 20.68 19.63 -22.49
CA ARG B 232 20.57 18.67 -21.40
C ARG B 232 21.30 19.20 -20.17
N LEU B 233 20.65 19.06 -19.02
CA LEU B 233 21.29 19.31 -17.74
C LEU B 233 21.07 18.08 -16.87
N SER B 234 22.11 17.67 -16.16
CA SER B 234 22.05 16.49 -15.32
C SER B 234 22.50 16.86 -13.92
N LEU B 235 21.69 16.51 -12.93
CA LEU B 235 22.05 16.63 -11.54
C LEU B 235 22.11 15.21 -10.99
N SER B 236 23.25 14.85 -10.42
CA SER B 236 23.49 13.49 -9.97
C SER B 236 24.04 13.50 -8.56
N PHE B 237 23.62 12.53 -7.77
CA PHE B 237 24.09 12.35 -6.41
C PHE B 237 24.71 10.97 -6.30
N ARG B 238 25.74 10.84 -5.48
CA ARG B 238 26.34 9.56 -5.18
C ARG B 238 25.92 9.19 -3.77
N LEU B 239 25.20 8.09 -3.64
CA LEU B 239 24.65 7.65 -2.36
C LEU B 239 25.43 6.45 -1.87
N LYS B 240 25.88 6.51 -0.63
CA LYS B 240 26.60 5.40 -0.01
C LYS B 240 25.75 4.90 1.14
N ARG B 241 25.28 3.66 1.02
CA ARG B 241 24.35 3.12 2.00
C ARG B 241 25.01 3.00 3.36
N ASN B 242 24.24 3.27 4.40
CA ASN B 242 24.73 3.08 5.76
C ASN B 242 24.70 1.61 6.11
N ILE B 243 25.69 1.18 6.89
CA ILE B 243 25.91 -0.23 7.16
C ILE B 243 25.53 -0.62 8.58
N GLY B 244 25.25 0.34 9.46
CA GLY B 244 25.07 0.00 10.86
C GLY B 244 23.92 -0.96 11.08
N TYR B 245 22.80 -0.75 10.38
CA TYR B 245 21.65 -1.63 10.55
C TYR B 245 21.97 -3.04 10.09
N PHE B 246 22.67 -3.17 8.96
CA PHE B 246 22.93 -4.49 8.41
C PHE B 246 23.97 -5.25 9.22
N ILE B 247 24.93 -4.53 9.81
CA ILE B 247 25.92 -5.18 10.66
C ILE B 247 25.23 -5.86 11.83
N LEU B 248 24.38 -5.13 12.55
CA LEU B 248 23.75 -5.67 13.74
C LEU B 248 22.62 -6.64 13.42
N GLN B 249 21.94 -6.46 12.30
CA GLN B 249 20.76 -7.25 11.99
C GLN B 249 21.03 -8.43 11.09
N THR B 250 22.00 -8.33 10.18
CA THR B 250 22.26 -9.39 9.20
C THR B 250 23.62 -10.03 9.40
N TYR B 251 24.71 -9.26 9.38
CA TYR B 251 26.03 -9.87 9.40
C TYR B 251 26.36 -10.44 10.78
N MET B 252 26.11 -9.68 11.85
CA MET B 252 26.46 -10.18 13.17
C MET B 252 25.67 -11.44 13.52
N PRO B 253 24.33 -11.49 13.39
CA PRO B 253 23.64 -12.75 13.69
C PRO B 253 24.13 -13.90 12.84
N SER B 254 24.41 -13.66 11.56
CA SER B 254 24.90 -14.74 10.70
C SER B 254 26.26 -15.24 11.16
N ILE B 255 27.15 -14.32 11.55
CA ILE B 255 28.47 -14.73 12.03
C ILE B 255 28.33 -15.55 13.30
N LEU B 256 27.51 -15.07 14.24
CA LEU B 256 27.37 -15.74 15.53
C LEU B 256 26.74 -17.11 15.37
N ILE B 257 25.75 -17.25 14.48
CA ILE B 257 25.14 -18.56 14.25
C ILE B 257 26.17 -19.50 13.66
N THR B 258 26.98 -19.02 12.71
CA THR B 258 28.02 -19.86 12.14
C THR B 258 29.02 -20.28 13.21
N ILE B 259 29.43 -19.35 14.06
CA ILE B 259 30.34 -19.69 15.15
C ILE B 259 29.67 -20.66 16.12
N LEU B 260 28.36 -20.48 16.33
CA LEU B 260 27.63 -21.37 17.21
C LEU B 260 27.58 -22.78 16.65
N SER B 261 27.48 -22.91 15.33
CA SER B 261 27.46 -24.23 14.71
C SER B 261 28.77 -24.97 14.93
N TRP B 262 29.87 -24.24 15.10
CA TRP B 262 31.16 -24.85 15.38
C TRP B 262 31.24 -25.45 16.78
N VAL B 263 30.31 -25.11 17.66
CA VAL B 263 30.34 -25.68 19.00
C VAL B 263 30.21 -27.20 18.93
N SER B 264 29.55 -27.71 17.90
CA SER B 264 29.40 -29.16 17.75
C SER B 264 30.76 -29.84 17.65
N PHE B 265 31.74 -29.17 17.05
CA PHE B 265 33.07 -29.77 16.91
C PHE B 265 33.75 -29.97 18.25
N TRP B 266 33.28 -29.31 19.30
CA TRP B 266 33.85 -29.40 20.63
C TRP B 266 33.05 -30.29 21.56
N ILE B 267 32.01 -30.96 21.04
CA ILE B 267 31.19 -31.87 21.83
C ILE B 267 31.59 -33.31 21.49
N ASN B 268 31.42 -34.20 22.46
CA ASN B 268 31.82 -35.60 22.28
C ASN B 268 31.05 -36.23 21.14
N TYR B 269 31.73 -37.10 20.39
CA TYR B 269 31.08 -37.78 19.26
C TYR B 269 29.88 -38.61 19.70
N ASP B 270 29.90 -39.12 20.93
CA ASP B 270 28.81 -39.96 21.41
C ASP B 270 27.55 -39.17 21.76
N ALA B 271 27.67 -37.86 21.92
CA ALA B 271 26.51 -37.01 22.22
C ALA B 271 25.75 -36.70 20.94
N SER B 272 25.12 -37.74 20.37
CA SER B 272 24.44 -37.58 19.09
C SER B 272 23.24 -36.66 19.23
N ALA B 273 22.51 -36.76 20.35
CA ALA B 273 21.32 -35.94 20.52
C ALA B 273 21.68 -34.46 20.67
N ALA B 274 22.81 -34.17 21.31
CA ALA B 274 23.21 -32.79 21.50
C ALA B 274 23.75 -32.19 20.21
N ARG B 275 24.58 -32.93 19.48
CA ARG B 275 25.23 -32.36 18.30
C ARG B 275 24.24 -32.23 17.14
N VAL B 276 23.32 -33.18 17.00
CA VAL B 276 22.31 -33.08 15.95
C VAL B 276 21.32 -31.96 16.25
N ALA B 277 20.85 -31.87 17.51
CA ALA B 277 19.94 -30.80 17.87
C ALA B 277 20.58 -29.43 17.69
N LEU B 278 21.85 -29.29 18.11
CA LEU B 278 22.58 -28.06 17.85
C LEU B 278 22.71 -27.80 16.35
N GLY B 279 23.10 -28.83 15.60
CA GLY B 279 23.34 -28.65 14.18
C GLY B 279 22.10 -28.31 13.38
N ILE B 280 21.00 -29.02 13.62
CA ILE B 280 19.82 -28.82 12.80
C ILE B 280 19.07 -27.55 13.22
N THR B 281 19.11 -27.19 14.50
CA THR B 281 18.45 -25.96 14.92
C THR B 281 19.18 -24.74 14.38
N THR B 282 20.51 -24.80 14.27
CA THR B 282 21.25 -23.71 13.63
C THR B 282 20.88 -23.62 12.16
N VAL B 283 20.70 -24.76 11.50
CA VAL B 283 20.22 -24.75 10.12
C VAL B 283 18.84 -24.12 10.08
N LEU B 284 17.98 -24.49 11.03
CA LEU B 284 16.65 -23.89 11.11
C LEU B 284 16.76 -22.40 11.41
N THR B 285 17.64 -22.02 12.34
CA THR B 285 17.81 -20.61 12.65
C THR B 285 18.28 -19.83 11.42
N MET B 286 19.21 -20.41 10.66
CA MET B 286 19.73 -19.70 9.49
C MET B 286 18.64 -19.50 8.45
N THR B 287 17.79 -20.51 8.24
CA THR B 287 16.70 -20.32 7.31
C THR B 287 15.68 -19.35 7.88
N THR B 288 15.50 -19.36 9.21
CA THR B 288 14.61 -18.38 9.83
C THR B 288 15.11 -16.97 9.59
N ILE B 289 16.42 -16.76 9.73
CA ILE B 289 16.99 -15.44 9.46
C ILE B 289 16.78 -15.07 8.00
N ASN B 290 17.08 -15.99 7.08
CA ASN B 290 17.05 -15.65 5.67
C ASN B 290 15.62 -15.45 5.17
N THR B 291 14.68 -16.30 5.60
CA THR B 291 13.31 -16.19 5.15
C THR B 291 12.58 -15.00 5.78
N HIS B 292 12.84 -14.75 7.06
CA HIS B 292 12.24 -13.62 7.76
C HIS B 292 12.89 -12.29 7.38
N LEU B 293 14.17 -12.30 7.02
CA LEU B 293 14.80 -11.10 6.51
C LEU B 293 14.61 -10.96 5.00
N ARG B 294 14.10 -12.00 4.35
CA ARG B 294 13.71 -11.90 2.95
C ARG B 294 12.51 -10.98 2.79
N GLU B 295 11.59 -11.01 3.76
CA GLU B 295 10.41 -10.15 3.73
C GLU B 295 10.68 -8.75 4.27
N THR B 296 11.63 -8.56 5.18
CA THR B 296 11.91 -7.19 5.60
C THR B 296 12.72 -6.46 4.54
N LEU B 297 13.65 -7.16 3.92
CA LEU B 297 14.49 -6.61 2.87
C LEU B 297 13.62 -6.50 1.63
N PRO B 298 14.02 -5.69 0.65
CA PRO B 298 13.09 -5.43 -0.46
C PRO B 298 13.10 -6.63 -1.41
N LYS B 299 12.03 -6.69 -2.20
CA LYS B 299 11.93 -7.57 -3.36
C LYS B 299 12.83 -7.27 -4.54
N ILE B 300 14.15 -7.41 -4.39
CA ILE B 300 15.04 -7.24 -5.52
C ILE B 300 15.43 -8.65 -5.98
N PRO B 301 14.78 -9.20 -6.99
CA PRO B 301 14.97 -10.62 -7.35
C PRO B 301 16.20 -10.88 -8.21
N TYR B 302 17.38 -10.72 -7.60
CA TYR B 302 18.60 -11.29 -8.18
C TYR B 302 19.67 -11.33 -7.10
N VAL B 303 20.75 -12.06 -7.41
CA VAL B 303 21.74 -12.43 -6.41
C VAL B 303 22.55 -11.20 -6.03
N LYS B 304 22.48 -10.80 -4.76
CA LYS B 304 23.18 -9.65 -4.23
C LYS B 304 24.28 -10.12 -3.29
N ALA B 305 25.10 -9.16 -2.84
CA ALA B 305 26.20 -9.49 -1.94
C ALA B 305 25.67 -10.07 -0.64
N ILE B 306 24.55 -9.54 -0.14
CA ILE B 306 23.97 -10.05 1.10
C ILE B 306 23.51 -11.49 0.91
N ASP B 307 22.95 -11.81 -0.26
CA ASP B 307 22.53 -13.18 -0.53
C ASP B 307 23.72 -14.13 -0.48
N MET B 308 24.86 -13.73 -1.07
CA MET B 308 26.01 -14.62 -1.09
C MET B 308 26.51 -14.90 0.33
N TYR B 309 26.53 -13.87 1.18
CA TYR B 309 27.03 -14.08 2.53
C TYR B 309 26.08 -14.96 3.33
N LEU B 310 24.78 -14.72 3.20
CA LEU B 310 23.80 -15.57 3.87
C LEU B 310 23.87 -16.98 3.32
N MET B 311 24.01 -17.11 1.99
CA MET B 311 24.13 -18.42 1.37
C MET B 311 25.41 -19.10 1.84
N GLY B 312 26.50 -18.34 1.92
CA GLY B 312 27.76 -18.90 2.39
C GLY B 312 27.67 -19.42 3.82
N CYS B 313 27.06 -18.64 4.71
CA CYS B 313 26.90 -19.07 6.09
C CYS B 313 26.01 -20.30 6.17
N PHE B 314 24.98 -20.36 5.33
CA PHE B 314 24.10 -21.53 5.31
C PHE B 314 24.87 -22.78 4.90
N VAL B 315 25.80 -22.63 3.96
CA VAL B 315 26.61 -23.78 3.56
C VAL B 315 27.52 -24.23 4.70
N PHE B 316 28.08 -23.28 5.45
CA PHE B 316 28.99 -23.63 6.53
C PHE B 316 28.27 -24.40 7.64
N VAL B 317 27.07 -23.95 8.00
CA VAL B 317 26.30 -24.67 9.02
C VAL B 317 25.78 -25.99 8.46
N PHE B 318 25.43 -26.02 7.17
CA PHE B 318 25.07 -27.28 6.53
C PHE B 318 26.23 -28.27 6.57
N LEU B 319 27.45 -27.79 6.30
CA LEU B 319 28.61 -28.68 6.32
C LEU B 319 28.97 -29.10 7.73
N ALA B 320 28.76 -28.23 8.72
CA ALA B 320 29.08 -28.60 10.10
C ALA B 320 28.20 -29.74 10.58
N LEU B 321 26.90 -29.69 10.27
CA LEU B 321 26.02 -30.80 10.61
C LEU B 321 26.39 -32.06 9.82
N LEU B 322 26.69 -31.89 8.53
CA LEU B 322 27.09 -33.03 7.70
C LEU B 322 28.44 -33.59 8.15
N GLU B 323 29.24 -32.78 8.84
CA GLU B 323 30.50 -33.27 9.37
C GLU B 323 30.28 -34.35 10.42
N TYR B 324 29.28 -34.17 11.28
CA TYR B 324 29.02 -35.16 12.32
C TYR B 324 28.51 -36.47 11.73
N ALA B 325 27.70 -36.39 10.67
CA ALA B 325 27.26 -37.60 9.97
C ALA B 325 28.46 -38.44 9.55
N PHE B 326 29.51 -37.80 9.05
CA PHE B 326 30.75 -38.51 8.74
C PHE B 326 31.39 -39.05 10.01
N VAL B 327 31.28 -38.31 11.11
CA VAL B 327 31.86 -38.74 12.38
C VAL B 327 31.07 -39.92 12.95
N ASN B 328 29.75 -39.82 12.94
CA ASN B 328 28.92 -40.90 13.49
C ASN B 328 29.10 -42.19 12.70
N TYR B 329 29.12 -42.10 11.36
CA TYR B 329 29.19 -43.29 10.53
C TYR B 329 30.52 -44.02 10.69
N ILE B 330 31.63 -43.29 10.77
CA ILE B 330 32.93 -43.94 10.86
C ILE B 330 33.05 -44.73 12.16
N PHE B 331 32.58 -44.16 13.26
CA PHE B 331 32.63 -44.85 14.55
C PHE B 331 31.63 -46.02 14.61
N PHE B 332 30.33 -45.73 14.47
CA PHE B 332 29.34 -46.79 14.64
C PHE B 332 29.26 -47.71 13.43
N GLY B 333 29.40 -47.17 12.23
CA GLY B 333 29.26 -47.97 11.02
C GLY B 333 30.50 -48.79 10.74
N ARG B 334 31.62 -48.10 10.52
CA ARG B 334 32.87 -48.75 10.14
C ARG B 334 33.74 -49.02 11.37
N ASP B 444 41.52 -41.92 14.64
CA ASP B 444 40.56 -41.80 13.55
C ASP B 444 39.40 -40.90 13.93
N VAL B 445 38.65 -41.29 14.97
CA VAL B 445 37.46 -40.54 15.37
C VAL B 445 37.83 -39.13 15.80
N ASN B 446 38.88 -39.00 16.61
CA ASN B 446 39.26 -37.69 17.12
C ASN B 446 39.90 -36.84 16.02
N ALA B 447 40.49 -37.48 15.01
CA ALA B 447 41.15 -36.72 13.95
C ALA B 447 40.16 -35.86 13.19
N ILE B 448 38.99 -36.40 12.86
CA ILE B 448 38.00 -35.66 12.08
C ILE B 448 37.53 -34.44 12.87
N ASP B 449 37.29 -34.60 14.16
CA ASP B 449 36.86 -33.48 15.00
C ASP B 449 37.99 -32.48 15.21
N ARG B 450 39.19 -32.97 15.55
CA ARG B 450 40.32 -32.06 15.76
C ARG B 450 40.59 -31.24 14.52
N TRP B 451 40.60 -31.87 13.34
CA TRP B 451 40.82 -31.13 12.11
C TRP B 451 39.68 -30.15 11.84
N SER B 452 38.45 -30.53 12.19
CA SER B 452 37.33 -29.63 11.97
C SER B 452 37.36 -28.42 12.88
N ARG B 453 37.95 -28.55 14.07
CA ARG B 453 38.03 -27.42 14.99
C ARG B 453 38.93 -26.31 14.47
N ILE B 454 39.73 -26.58 13.43
CA ILE B 454 40.64 -25.62 12.84
C ILE B 454 40.21 -25.22 11.45
N VAL B 455 39.87 -26.20 10.60
CA VAL B 455 39.59 -25.93 9.20
C VAL B 455 38.35 -25.05 9.07
N PHE B 456 37.29 -25.38 9.81
CA PHE B 456 36.06 -24.60 9.71
C PHE B 456 36.27 -23.16 10.15
N PRO B 457 36.84 -22.87 11.33
CA PRO B 457 37.14 -21.46 11.64
C PRO B 457 38.08 -20.83 10.63
N PHE B 458 39.05 -21.60 10.13
CA PHE B 458 40.02 -21.06 9.19
C PHE B 458 39.36 -20.78 7.84
N THR B 459 38.58 -21.73 7.33
CA THR B 459 37.98 -21.55 6.01
C THR B 459 36.93 -20.45 6.04
N PHE B 460 36.23 -20.28 7.16
CA PHE B 460 35.29 -19.17 7.28
C PHE B 460 36.03 -17.84 7.26
N SER B 461 37.19 -17.78 7.93
CA SER B 461 38.02 -16.58 7.84
C SER B 461 38.47 -16.35 6.41
N LEU B 462 38.87 -17.42 5.70
CA LEU B 462 39.27 -17.28 4.31
C LEU B 462 38.09 -16.82 3.46
N PHE B 463 36.91 -17.39 3.71
CA PHE B 463 35.72 -16.94 2.99
C PHE B 463 35.44 -15.47 3.28
N ASN B 464 35.57 -15.06 4.54
CA ASN B 464 35.33 -13.67 4.90
C ASN B 464 36.36 -12.77 4.25
N LEU B 465 37.63 -13.17 4.27
CA LEU B 465 38.68 -12.37 3.63
C LEU B 465 38.37 -12.15 2.16
N VAL B 466 38.01 -13.22 1.45
CA VAL B 466 37.69 -13.10 0.04
C VAL B 466 36.45 -12.21 -0.15
N TYR B 467 35.42 -12.43 0.67
CA TYR B 467 34.18 -11.68 0.54
C TYR B 467 34.40 -10.19 0.73
N TRP B 468 35.08 -9.80 1.81
CA TRP B 468 35.24 -8.39 2.12
C TRP B 468 36.20 -7.72 1.15
N LEU B 469 37.28 -8.39 0.76
CA LEU B 469 38.17 -7.83 -0.24
C LEU B 469 37.46 -7.62 -1.58
N TYR B 470 36.66 -8.60 -2.00
CA TYR B 470 35.95 -8.47 -3.27
C TYR B 470 34.94 -7.33 -3.24
N TYR B 471 34.21 -7.19 -2.13
CA TYR B 471 33.15 -6.19 -2.03
C TYR B 471 33.59 -4.90 -1.34
N VAL B 472 34.85 -4.79 -0.92
CA VAL B 472 35.35 -3.55 -0.32
C VAL B 472 36.78 -3.31 -0.78
N MET C 34 -41.71 20.11 -24.49
CA MET C 34 -40.45 20.34 -23.78
C MET C 34 -40.08 21.81 -23.75
N SER C 35 -40.55 22.55 -24.77
CA SER C 35 -40.25 23.98 -24.84
C SER C 35 -40.84 24.74 -23.66
N PHE C 36 -42.05 24.37 -23.25
CA PHE C 36 -42.69 25.03 -22.12
C PHE C 36 -41.87 24.88 -20.85
N VAL C 37 -41.42 23.65 -20.57
CA VAL C 37 -40.58 23.44 -19.38
C VAL C 37 -39.22 24.11 -19.56
N LYS C 38 -38.68 24.08 -20.77
CA LYS C 38 -37.41 24.75 -21.04
C LYS C 38 -37.49 26.23 -20.73
N GLU C 39 -38.55 26.90 -21.19
CA GLU C 39 -38.74 28.30 -20.87
C GLU C 39 -39.07 28.51 -19.39
N THR C 40 -39.76 27.56 -18.77
CA THR C 40 -40.03 27.64 -17.34
C THR C 40 -38.74 27.64 -16.53
N VAL C 41 -37.80 26.78 -16.89
CA VAL C 41 -36.54 26.71 -16.15
C VAL C 41 -35.70 27.96 -16.40
N ASP C 42 -35.59 28.39 -17.66
CA ASP C 42 -34.85 29.60 -17.97
C ASP C 42 -35.43 30.80 -17.23
N LYS C 43 -36.74 30.80 -16.98
CA LYS C 43 -37.36 31.87 -16.19
C LYS C 43 -36.83 31.87 -14.76
N LEU C 44 -36.69 30.69 -14.16
CA LEU C 44 -36.22 30.58 -12.79
C LEU C 44 -34.80 31.11 -12.63
N LEU C 45 -33.88 30.64 -13.48
CA LEU C 45 -32.48 31.02 -13.31
C LEU C 45 -32.23 32.47 -13.68
N LYS C 46 -32.96 32.99 -14.66
CA LYS C 46 -32.78 34.39 -15.04
C LYS C 46 -33.05 35.29 -13.84
N GLY C 47 -32.03 36.06 -13.45
CA GLY C 47 -32.13 36.87 -12.25
C GLY C 47 -31.83 36.16 -10.94
N TYR C 48 -31.53 34.86 -10.98
CA TYR C 48 -31.21 34.14 -9.76
C TYR C 48 -29.86 34.60 -9.22
N ASP C 49 -29.74 34.65 -7.89
CA ASP C 49 -28.51 35.07 -7.23
C ASP C 49 -28.09 33.96 -6.26
N ILE C 50 -27.10 33.16 -6.68
CA ILE C 50 -26.63 32.07 -5.83
C ILE C 50 -25.96 32.58 -4.57
N ARG C 51 -25.58 33.86 -4.53
CA ARG C 51 -24.88 34.40 -3.38
C ARG C 51 -25.79 34.74 -2.21
N LEU C 52 -27.11 34.68 -2.40
CA LEU C 52 -28.06 35.03 -1.35
C LEU C 52 -28.86 33.79 -0.95
N ARG C 53 -28.98 33.56 0.35
CA ARG C 53 -29.74 32.44 0.86
C ARG C 53 -31.23 32.69 0.66
N PRO C 54 -32.04 31.62 0.63
CA PRO C 54 -33.49 31.80 0.59
C PRO C 54 -33.97 32.61 1.78
N ASP C 55 -34.99 33.45 1.54
CA ASP C 55 -35.51 34.35 2.56
C ASP C 55 -34.39 35.21 3.15
N PHE C 56 -33.56 35.74 2.25
CA PHE C 56 -32.42 36.54 2.67
C PHE C 56 -32.87 37.75 3.47
N GLY C 57 -32.25 37.94 4.63
CA GLY C 57 -32.61 38.99 5.56
C GLY C 57 -33.84 38.70 6.39
N GLY C 58 -34.54 37.61 6.12
CA GLY C 58 -35.72 37.23 6.87
C GLY C 58 -35.39 36.14 7.88
N PRO C 59 -36.38 35.30 8.19
CA PRO C 59 -36.15 34.20 9.11
C PRO C 59 -35.14 33.23 8.53
N PRO C 60 -34.40 32.51 9.37
CA PRO C 60 -33.43 31.55 8.86
C PRO C 60 -34.09 30.47 8.01
N VAL C 61 -33.37 30.04 6.97
CA VAL C 61 -33.85 28.98 6.10
C VAL C 61 -33.64 27.63 6.80
N CYS C 62 -34.72 26.88 6.96
CA CYS C 62 -34.67 25.57 7.60
C CYS C 62 -34.33 24.51 6.55
N VAL C 63 -33.25 23.78 6.78
CA VAL C 63 -32.81 22.73 5.87
C VAL C 63 -32.97 21.38 6.57
N GLY C 64 -33.87 20.55 6.03
CA GLY C 64 -34.03 19.20 6.53
C GLY C 64 -33.09 18.24 5.82
N MET C 65 -32.61 17.25 6.56
CA MET C 65 -31.63 16.31 6.04
C MET C 65 -32.01 14.89 6.40
N ASN C 66 -31.84 13.99 5.44
CA ASN C 66 -31.99 12.56 5.68
C ASN C 66 -30.91 11.83 4.91
N ILE C 67 -30.47 10.70 5.46
CA ILE C 67 -29.37 9.93 4.90
C ILE C 67 -29.82 8.49 4.70
N ASP C 68 -29.54 7.94 3.51
CA ASP C 68 -29.75 6.52 3.24
C ASP C 68 -28.37 5.88 3.13
N ILE C 69 -27.99 5.12 4.16
CA ILE C 69 -26.65 4.56 4.23
C ILE C 69 -26.54 3.37 3.29
N ALA C 70 -25.53 3.39 2.42
CA ALA C 70 -25.27 2.29 1.51
C ALA C 70 -24.38 1.21 2.13
N SER C 71 -23.25 1.60 2.72
CA SER C 71 -22.31 0.66 3.29
C SER C 71 -21.29 1.40 4.13
N ILE C 72 -20.66 0.68 5.05
CA ILE C 72 -19.44 1.10 5.71
C ILE C 72 -18.32 0.19 5.21
N ASP C 73 -17.61 0.65 4.17
CA ASP C 73 -16.67 -0.21 3.48
C ASP C 73 -15.54 -0.69 4.37
N MET C 74 -14.96 0.21 5.16
CA MET C 74 -13.78 -0.10 5.95
C MET C 74 -13.89 0.54 7.32
N VAL C 75 -13.20 -0.05 8.30
CA VAL C 75 -12.99 0.53 9.62
C VAL C 75 -11.56 0.21 10.03
N SER C 76 -10.68 1.20 10.01
CA SER C 76 -9.26 0.99 10.23
C SER C 76 -8.85 1.60 11.56
N GLU C 77 -8.22 0.77 12.41
CA GLU C 77 -7.70 1.26 13.68
C GLU C 77 -6.40 2.04 13.53
N VAL C 78 -5.58 1.70 12.55
CA VAL C 78 -4.30 2.38 12.35
C VAL C 78 -4.50 3.85 12.05
N ASN C 79 -5.36 4.15 11.08
CA ASN C 79 -5.69 5.52 10.73
C ASN C 79 -6.78 6.11 11.62
N MET C 80 -7.50 5.28 12.37
CA MET C 80 -8.60 5.72 13.23
C MET C 80 -9.63 6.49 12.39
N ASP C 81 -10.24 5.76 11.47
CA ASP C 81 -11.30 6.30 10.63
C ASP C 81 -12.05 5.15 9.99
N TYR C 82 -13.20 5.48 9.40
CA TYR C 82 -14.03 4.51 8.71
C TYR C 82 -14.47 5.12 7.39
N THR C 83 -14.72 4.26 6.40
CA THR C 83 -15.18 4.71 5.10
C THR C 83 -16.67 4.43 4.97
N LEU C 84 -17.42 5.45 4.57
CA LEU C 84 -18.87 5.41 4.55
C LEU C 84 -19.36 5.79 3.17
N THR C 85 -20.28 5.00 2.62
CA THR C 85 -20.98 5.35 1.40
C THR C 85 -22.45 5.59 1.73
N MET C 86 -23.01 6.68 1.23
CA MET C 86 -24.36 7.06 1.60
C MET C 86 -24.98 7.91 0.50
N TYR C 87 -26.30 8.03 0.58
CA TYR C 87 -27.04 9.03 -0.18
C TYR C 87 -27.40 10.15 0.79
N PHE C 88 -26.81 11.33 0.57
CA PHE C 88 -26.98 12.46 1.46
C PHE C 88 -27.98 13.43 0.84
N GLN C 89 -29.10 13.62 1.53
CA GLN C 89 -30.21 14.40 1.01
C GLN C 89 -30.41 15.65 1.86
N GLN C 90 -30.64 16.77 1.20
CA GLN C 90 -30.93 18.04 1.86
C GLN C 90 -32.26 18.56 1.33
N TYR C 91 -33.07 19.10 2.23
CA TYR C 91 -34.44 19.47 1.89
C TYR C 91 -34.75 20.81 2.53
N TRP C 92 -35.06 21.80 1.70
CA TRP C 92 -35.36 23.14 2.19
C TRP C 92 -36.34 23.79 1.23
N ARG C 93 -36.77 25.00 1.57
CA ARG C 93 -37.75 25.74 0.79
C ARG C 93 -37.13 27.03 0.29
N ASP C 94 -37.25 27.27 -1.03
CA ASP C 94 -36.76 28.50 -1.66
C ASP C 94 -37.90 29.08 -2.48
N LYS C 95 -38.43 30.23 -2.03
CA LYS C 95 -39.55 30.83 -2.74
C LYS C 95 -39.18 31.27 -4.14
N ARG C 96 -37.91 31.61 -4.37
CA ARG C 96 -37.48 32.05 -5.69
C ARG C 96 -37.57 30.97 -6.75
N LEU C 97 -37.73 29.70 -6.35
CA LEU C 97 -37.80 28.59 -7.27
C LEU C 97 -39.22 28.03 -7.41
N ALA C 98 -40.23 28.77 -6.97
CA ALA C 98 -41.60 28.30 -7.11
C ALA C 98 -42.04 28.40 -8.57
N TYR C 99 -42.64 27.32 -9.08
CA TYR C 99 -43.13 27.27 -10.45
C TYR C 99 -44.56 26.76 -10.46
N SER C 100 -45.35 27.30 -11.38
CA SER C 100 -46.77 26.98 -11.50
C SER C 100 -47.08 26.55 -12.93
N GLY C 101 -48.14 25.77 -13.08
CA GLY C 101 -48.56 25.25 -14.36
C GLY C 101 -48.10 23.85 -14.68
N ILE C 102 -47.07 23.35 -13.99
CA ILE C 102 -46.55 22.01 -14.22
C ILE C 102 -46.93 21.16 -13.02
N PRO C 103 -47.87 20.22 -13.15
CA PRO C 103 -48.26 19.36 -12.02
C PRO C 103 -47.34 18.15 -11.83
N LEU C 104 -46.04 18.41 -11.87
CA LEU C 104 -45.03 17.37 -11.78
C LEU C 104 -43.83 17.91 -11.02
N ASN C 105 -43.09 17.00 -10.38
CA ASN C 105 -41.87 17.36 -9.67
C ASN C 105 -40.69 17.23 -10.62
N LEU C 106 -40.10 18.36 -11.00
CA LEU C 106 -39.07 18.37 -12.03
C LEU C 106 -37.81 17.70 -11.52
N THR C 107 -37.47 16.55 -12.10
CA THR C 107 -36.16 15.93 -11.90
C THR C 107 -35.24 16.41 -13.01
N LEU C 108 -34.21 17.16 -12.66
CA LEU C 108 -33.35 17.81 -13.64
C LEU C 108 -31.99 17.14 -13.68
N ASP C 109 -31.21 17.49 -14.71
CA ASP C 109 -29.86 16.99 -14.84
C ASP C 109 -29.01 17.51 -13.67
N ASN C 110 -28.04 16.69 -13.25
CA ASN C 110 -27.21 17.04 -12.10
C ASN C 110 -26.42 18.33 -12.31
N ARG C 111 -26.17 18.70 -13.57
CA ARG C 111 -25.39 19.90 -13.84
C ARG C 111 -26.12 21.19 -13.47
N VAL C 112 -27.45 21.14 -13.29
CA VAL C 112 -28.17 22.33 -12.85
C VAL C 112 -27.85 22.70 -11.42
N ALA C 113 -27.29 21.77 -10.63
CA ALA C 113 -26.96 22.06 -9.24
C ALA C 113 -25.90 23.14 -9.09
N ASP C 114 -25.08 23.38 -10.12
CA ASP C 114 -24.03 24.38 -10.02
C ASP C 114 -24.56 25.79 -10.27
N GLN C 115 -25.84 25.93 -10.59
CA GLN C 115 -26.44 27.23 -10.88
C GLN C 115 -27.47 27.66 -9.83
N LEU C 116 -27.67 26.87 -8.78
CA LEU C 116 -28.61 27.17 -7.72
C LEU C 116 -27.85 27.44 -6.43
N TRP C 117 -28.56 27.96 -5.43
CA TRP C 117 -28.00 28.01 -4.09
C TRP C 117 -28.17 26.67 -3.40
N VAL C 118 -27.11 26.20 -2.76
CA VAL C 118 -27.15 24.98 -1.97
C VAL C 118 -26.50 25.27 -0.63
N PRO C 119 -26.83 24.55 0.44
CA PRO C 119 -26.20 24.83 1.73
C PRO C 119 -24.71 24.53 1.68
N ASP C 120 -23.96 25.26 2.51
CA ASP C 120 -22.52 25.05 2.63
C ASP C 120 -22.22 24.01 3.71
N THR C 121 -22.86 22.85 3.56
CA THR C 121 -22.70 21.76 4.49
C THR C 121 -21.37 21.04 4.28
N TYR C 122 -20.71 20.69 5.38
CA TYR C 122 -19.48 19.92 5.35
C TYR C 122 -19.48 18.96 6.52
N PHE C 123 -18.58 17.99 6.47
CA PHE C 123 -18.44 16.98 7.52
C PHE C 123 -17.21 17.31 8.34
N LEU C 124 -17.41 17.56 9.63
CA LEU C 124 -16.34 18.13 10.46
C LEU C 124 -15.16 17.17 10.58
N ASN C 125 -15.43 15.89 10.81
CA ASN C 125 -14.38 14.90 11.02
C ASN C 125 -14.02 14.14 9.75
N ASP C 126 -14.21 14.74 8.58
CA ASP C 126 -14.01 14.06 7.32
C ASP C 126 -12.56 14.23 6.86
N LYS C 127 -11.84 13.12 6.73
CA LYS C 127 -10.44 13.17 6.30
C LYS C 127 -10.33 13.27 4.79
N LYS C 128 -11.08 12.44 4.07
CA LYS C 128 -11.11 12.50 2.61
C LYS C 128 -12.46 11.99 2.13
N SER C 129 -12.99 12.62 1.09
CA SER C 129 -14.28 12.21 0.55
C SER C 129 -14.38 12.68 -0.90
N PHE C 130 -15.33 12.10 -1.61
CA PHE C 130 -15.57 12.46 -3.00
C PHE C 130 -16.99 12.08 -3.37
N VAL C 131 -17.49 12.71 -4.44
CA VAL C 131 -18.74 12.31 -5.07
C VAL C 131 -18.41 11.42 -6.26
N HIS C 132 -19.07 10.28 -6.36
CA HIS C 132 -18.84 9.37 -7.45
C HIS C 132 -19.17 10.05 -8.79
N GLY C 133 -18.41 9.71 -9.82
CA GLY C 133 -18.47 10.45 -11.06
C GLY C 133 -18.68 9.60 -12.30
N VAL C 134 -19.10 8.35 -12.11
CA VAL C 134 -19.33 7.42 -13.22
C VAL C 134 -20.77 6.93 -13.13
N THR C 135 -21.49 6.96 -14.24
CA THR C 135 -21.01 7.47 -15.53
C THR C 135 -21.01 9.00 -15.53
N VAL C 136 -21.97 9.59 -14.81
CA VAL C 136 -22.04 11.03 -14.61
C VAL C 136 -21.82 11.31 -13.13
N LYS C 137 -21.74 12.59 -12.76
CA LYS C 137 -21.58 12.94 -11.37
C LYS C 137 -22.81 12.52 -10.56
N ASN C 138 -22.58 11.77 -9.50
CA ASN C 138 -23.67 11.17 -8.73
C ASN C 138 -24.37 12.24 -7.89
N ARG C 139 -25.17 13.08 -8.54
CA ARG C 139 -25.80 14.22 -7.91
C ARG C 139 -27.21 14.37 -8.43
N MET C 140 -28.11 14.87 -7.58
CA MET C 140 -29.53 14.95 -7.93
C MET C 140 -30.12 16.27 -7.47
N ILE C 141 -30.94 16.87 -8.33
CA ILE C 141 -31.73 18.04 -8.00
C ILE C 141 -33.18 17.77 -8.40
N ARG C 142 -34.10 18.00 -7.48
CA ARG C 142 -35.53 17.82 -7.72
C ARG C 142 -36.27 19.03 -7.17
N LEU C 143 -36.98 19.73 -8.04
CA LEU C 143 -37.78 20.89 -7.66
C LEU C 143 -39.23 20.51 -7.47
N HIS C 144 -39.94 21.32 -6.69
CA HIS C 144 -41.35 21.14 -6.42
C HIS C 144 -42.08 22.46 -6.63
N PRO C 145 -43.37 22.42 -6.93
CA PRO C 145 -44.08 23.67 -7.29
C PRO C 145 -43.98 24.76 -6.23
N ASP C 146 -44.03 24.40 -4.96
CA ASP C 146 -44.01 25.38 -3.88
C ASP C 146 -42.62 25.91 -3.57
N GLY C 147 -41.64 25.66 -4.45
CA GLY C 147 -40.30 26.15 -4.24
C GLY C 147 -39.43 25.28 -3.37
N THR C 148 -39.89 24.08 -3.02
CA THR C 148 -39.10 23.17 -2.20
C THR C 148 -38.06 22.46 -3.04
N VAL C 149 -36.82 22.43 -2.55
CA VAL C 149 -35.71 21.83 -3.26
C VAL C 149 -35.26 20.57 -2.51
N LEU C 150 -35.14 19.48 -3.24
CA LEU C 150 -34.54 18.25 -2.73
C LEU C 150 -33.22 18.04 -3.46
N TYR C 151 -32.15 17.84 -2.70
CA TYR C 151 -30.80 17.84 -3.24
C TYR C 151 -30.09 16.62 -2.67
N GLY C 152 -29.80 15.65 -3.52
CA GLY C 152 -29.19 14.40 -3.10
C GLY C 152 -27.82 14.21 -3.71
N LEU C 153 -26.90 13.67 -2.92
CA LEU C 153 -25.54 13.38 -3.36
C LEU C 153 -25.16 11.99 -2.89
N ARG C 154 -24.50 11.24 -3.76
CA ARG C 154 -23.93 9.94 -3.41
C ARG C 154 -22.47 10.16 -3.05
N ILE C 155 -22.15 9.99 -1.78
CA ILE C 155 -20.87 10.39 -1.21
C ILE C 155 -20.20 9.17 -0.60
N THR C 156 -18.91 9.00 -0.89
CA THR C 156 -18.06 8.10 -0.14
C THR C 156 -17.13 8.98 0.68
N THR C 157 -17.15 8.81 1.99
CA THR C 157 -16.38 9.65 2.89
C THR C 157 -15.61 8.82 3.91
N THR C 158 -14.38 9.23 4.16
CA THR C 158 -13.56 8.67 5.23
C THR C 158 -13.61 9.66 6.38
N ALA C 159 -14.28 9.27 7.47
CA ALA C 159 -14.52 10.15 8.59
C ALA C 159 -13.66 9.74 9.77
N ALA C 160 -13.08 10.73 10.44
CA ALA C 160 -12.22 10.46 11.58
C ALA C 160 -13.05 9.94 12.75
N CYS C 161 -12.53 8.89 13.39
CA CYS C 161 -13.20 8.27 14.54
C CYS C 161 -12.12 7.94 15.57
N MET C 162 -12.01 8.77 16.61
CA MET C 162 -11.06 8.48 17.67
C MET C 162 -11.55 7.25 18.43
N MET C 163 -10.71 6.23 18.50
CA MET C 163 -11.09 4.96 19.07
C MET C 163 -10.27 4.68 20.33
N ASP C 164 -10.93 4.12 21.33
CA ASP C 164 -10.28 3.70 22.56
C ASP C 164 -10.12 2.18 22.43
N LEU C 165 -8.91 1.75 22.08
CA LEU C 165 -8.63 0.36 21.77
C LEU C 165 -7.97 -0.37 22.95
N ARG C 166 -8.13 0.16 24.16
CA ARG C 166 -7.57 -0.52 25.33
C ARG C 166 -8.20 -1.89 25.52
N ARG C 167 -9.51 -2.00 25.28
CA ARG C 167 -10.22 -3.26 25.44
C ARG C 167 -10.24 -4.10 24.16
N TYR C 168 -9.53 -3.67 23.13
CA TYR C 168 -9.44 -4.45 21.89
C TYR C 168 -8.92 -5.86 22.19
N PRO C 169 -9.53 -6.90 21.61
CA PRO C 169 -10.60 -6.92 20.61
C PRO C 169 -12.00 -6.94 21.23
N LEU C 170 -12.12 -6.79 22.55
CA LEU C 170 -13.41 -6.77 23.23
C LEU C 170 -13.95 -5.35 23.38
N ASP C 171 -13.62 -4.47 22.44
CA ASP C 171 -13.93 -3.06 22.55
C ASP C 171 -15.24 -2.74 21.85
N GLU C 172 -15.83 -1.61 22.24
CA GLU C 172 -17.05 -1.09 21.65
C GLU C 172 -16.77 0.34 21.24
N GLN C 173 -16.96 0.64 19.97
CA GLN C 173 -16.58 1.92 19.41
C GLN C 173 -17.81 2.76 19.09
N ASN C 174 -17.63 4.06 19.12
CA ASN C 174 -18.70 5.02 18.85
C ASN C 174 -18.14 5.97 17.81
N CYS C 175 -18.50 5.73 16.55
CA CYS C 175 -18.00 6.51 15.43
C CYS C 175 -19.13 7.40 14.93
N THR C 176 -18.83 8.67 14.76
CA THR C 176 -19.86 9.66 14.45
C THR C 176 -19.58 10.30 13.11
N LEU C 177 -20.59 10.99 12.60
CA LEU C 177 -20.45 11.89 11.46
C LEU C 177 -21.04 13.21 11.90
N GLU C 178 -20.24 14.27 11.82
CA GLU C 178 -20.65 15.58 12.28
C GLU C 178 -21.00 16.43 11.08
N ILE C 179 -22.20 16.99 11.09
CA ILE C 179 -22.71 17.80 9.99
C ILE C 179 -22.89 19.21 10.52
N GLU C 180 -22.31 20.19 9.81
CA GLU C 180 -22.30 21.55 10.29
C GLU C 180 -22.35 22.49 9.09
N SER C 181 -22.75 23.74 9.35
CA SER C 181 -22.64 24.78 8.35
C SER C 181 -21.28 25.42 8.47
N TYR C 182 -20.67 25.78 7.34
CA TYR C 182 -19.34 26.33 7.40
C TYR C 182 -19.34 27.81 7.77
N GLY C 183 -20.08 28.62 7.01
CA GLY C 183 -20.04 30.05 7.20
C GLY C 183 -21.38 30.71 7.45
N TYR C 184 -22.30 29.99 8.09
CA TYR C 184 -23.59 30.53 8.46
C TYR C 184 -23.87 30.21 9.92
N THR C 185 -24.57 31.13 10.59
CA THR C 185 -25.01 30.93 11.95
C THR C 185 -26.51 30.63 11.99
N THR C 186 -27.02 30.37 13.19
CA THR C 186 -28.44 30.04 13.34
C THR C 186 -29.35 31.21 13.02
N ASP C 187 -28.80 32.41 12.85
CA ASP C 187 -29.58 33.54 12.37
C ASP C 187 -29.87 33.45 10.88
N ASP C 188 -29.22 32.54 10.16
CA ASP C 188 -29.36 32.41 8.72
C ASP C 188 -29.83 31.04 8.28
N ILE C 189 -29.35 29.97 8.93
CA ILE C 189 -29.66 28.60 8.50
C ILE C 189 -29.87 27.74 9.75
N GLU C 190 -30.84 26.84 9.67
CA GLU C 190 -31.12 25.88 10.73
C GLU C 190 -31.12 24.47 10.15
N PHE C 191 -30.61 23.52 10.92
CA PHE C 191 -30.59 22.13 10.51
C PHE C 191 -31.54 21.30 11.36
N TYR C 192 -32.16 20.30 10.75
CA TYR C 192 -32.95 19.32 11.48
C TYR C 192 -32.98 18.01 10.70
N TRP C 193 -33.23 16.92 11.42
CA TRP C 193 -33.40 15.60 10.82
C TRP C 193 -34.81 15.47 10.27
N ARG C 194 -34.94 15.49 8.94
CA ARG C 194 -36.24 15.45 8.29
C ARG C 194 -36.85 14.06 8.44
N GLY C 195 -37.81 13.93 9.35
CA GLY C 195 -38.43 12.67 9.66
C GLY C 195 -38.15 12.13 11.05
N GLY C 196 -37.65 12.96 11.98
CA GLY C 196 -37.36 12.50 13.32
C GLY C 196 -36.29 11.42 13.34
N ASP C 197 -36.52 10.40 14.17
CA ASP C 197 -35.58 9.30 14.28
C ASP C 197 -35.57 8.40 13.06
N LYS C 198 -36.52 8.58 12.14
CA LYS C 198 -36.56 7.84 10.89
C LYS C 198 -35.83 8.56 9.76
N ALA C 199 -35.18 9.68 10.04
CA ALA C 199 -34.46 10.42 9.01
C ALA C 199 -33.29 9.64 8.43
N VAL C 200 -32.82 8.60 9.12
CA VAL C 200 -31.73 7.77 8.61
C VAL C 200 -32.25 6.35 8.46
N THR C 201 -32.11 5.81 7.26
CA THR C 201 -32.53 4.45 6.96
C THR C 201 -31.36 3.69 6.35
N GLY C 202 -31.56 2.39 6.13
CA GLY C 202 -30.54 1.56 5.53
C GLY C 202 -29.49 1.04 6.48
N VAL C 203 -29.65 1.26 7.78
CA VAL C 203 -28.65 0.78 8.73
C VAL C 203 -28.60 -0.74 8.75
N GLU C 204 -29.75 -1.40 8.57
CA GLU C 204 -29.77 -2.86 8.50
C GLU C 204 -29.07 -3.39 7.26
N ARG C 205 -28.81 -2.54 6.26
CA ARG C 205 -28.05 -2.96 5.09
C ARG C 205 -26.56 -3.09 5.39
N ILE C 206 -26.08 -2.44 6.44
CA ILE C 206 -24.65 -2.41 6.75
C ILE C 206 -24.19 -3.81 7.11
N GLU C 207 -23.16 -4.29 6.43
CA GLU C 207 -22.60 -5.62 6.65
C GLU C 207 -21.09 -5.48 6.84
N LEU C 208 -20.70 -5.23 8.09
CA LEU C 208 -19.29 -5.18 8.46
C LEU C 208 -18.85 -6.56 8.92
N PRO C 209 -17.82 -7.16 8.31
CA PRO C 209 -17.41 -8.49 8.76
C PRO C 209 -16.95 -8.52 10.19
N GLN C 210 -16.33 -7.44 10.68
CA GLN C 210 -15.73 -7.44 12.01
C GLN C 210 -16.61 -6.84 13.08
N PHE C 211 -17.59 -6.02 12.70
CA PHE C 211 -18.47 -5.37 13.65
C PHE C 211 -19.92 -5.75 13.39
N SER C 212 -20.79 -5.31 14.30
CA SER C 212 -22.23 -5.34 14.09
C SER C 212 -22.79 -4.02 14.60
N ILE C 213 -23.67 -3.40 13.82
CA ILE C 213 -24.22 -2.11 14.23
C ILE C 213 -25.19 -2.38 15.37
N VAL C 214 -24.87 -1.87 16.56
CA VAL C 214 -25.71 -2.09 17.72
C VAL C 214 -26.82 -1.06 17.81
N GLU C 215 -26.53 0.18 17.43
CA GLU C 215 -27.46 1.28 17.62
C GLU C 215 -26.99 2.45 16.77
N HIS C 216 -27.91 3.38 16.50
CA HIS C 216 -27.55 4.64 15.88
C HIS C 216 -28.48 5.72 16.44
N ARG C 217 -28.00 6.95 16.43
CA ARG C 217 -28.74 8.06 17.01
C ARG C 217 -28.65 9.27 16.09
N LEU C 218 -29.65 10.14 16.20
CA LEU C 218 -29.65 11.43 15.54
C LEU C 218 -29.70 12.51 16.60
N VAL C 219 -28.81 13.50 16.50
CA VAL C 219 -28.73 14.59 17.45
C VAL C 219 -28.78 15.90 16.68
N SER C 220 -29.61 16.82 17.17
CA SER C 220 -29.68 18.18 16.63
C SER C 220 -29.37 19.15 17.76
N ARG C 221 -28.40 20.03 17.53
CA ARG C 221 -27.92 20.92 18.58
C ARG C 221 -27.33 22.17 17.95
N ASN C 222 -27.18 23.20 18.77
CA ASN C 222 -26.53 24.44 18.37
C ASN C 222 -25.19 24.55 19.09
N VAL C 223 -24.13 24.80 18.32
CA VAL C 223 -22.80 24.95 18.86
C VAL C 223 -22.50 26.44 19.00
N VAL C 224 -22.27 26.89 20.23
CA VAL C 224 -22.06 28.30 20.53
C VAL C 224 -20.58 28.56 20.71
N PHE C 225 -20.01 29.39 19.84
CA PHE C 225 -18.64 29.89 19.97
C PHE C 225 -18.68 31.38 20.29
N ALA C 226 -17.49 31.97 20.37
CA ALA C 226 -17.40 33.42 20.54
C ALA C 226 -17.96 34.18 19.35
N THR C 227 -17.99 33.56 18.17
CA THR C 227 -18.47 34.20 16.96
C THR C 227 -19.97 34.07 16.76
N GLY C 228 -20.63 33.21 17.53
CA GLY C 228 -22.06 33.02 17.43
C GLY C 228 -22.41 31.56 17.61
N ALA C 229 -23.66 31.22 17.28
CA ALA C 229 -24.18 29.86 17.37
C ALA C 229 -24.29 29.27 15.98
N TYR C 230 -23.81 28.04 15.82
CA TYR C 230 -23.76 27.36 14.54
C TYR C 230 -24.57 26.07 14.59
N PRO C 231 -25.43 25.82 13.61
CA PRO C 231 -26.22 24.59 13.62
C PRO C 231 -25.33 23.35 13.51
N ARG C 232 -25.75 22.29 14.19
CA ARG C 232 -24.99 21.05 14.22
C ARG C 232 -25.95 19.87 14.16
N LEU C 233 -25.65 18.92 13.28
CA LEU C 233 -26.31 17.63 13.24
C LEU C 233 -25.26 16.55 13.43
N SER C 234 -25.61 15.51 14.20
CA SER C 234 -24.67 14.43 14.46
C SER C 234 -25.36 13.10 14.19
N LEU C 235 -24.72 12.26 13.40
CA LEU C 235 -25.10 10.87 13.22
C LEU C 235 -24.01 10.01 13.81
N SER C 236 -24.37 9.12 14.72
CA SER C 236 -23.40 8.30 15.43
C SER C 236 -23.82 6.84 15.41
N PHE C 237 -22.85 5.96 15.25
CA PHE C 237 -23.08 4.53 15.33
C PHE C 237 -22.26 3.96 16.47
N ARG C 238 -22.79 2.93 17.11
CA ARG C 238 -22.04 2.17 18.10
C ARG C 238 -21.73 0.82 17.49
N LEU C 239 -20.46 0.44 17.53
CA LEU C 239 -19.99 -0.79 16.90
C LEU C 239 -19.49 -1.75 17.97
N LYS C 240 -19.90 -3.01 17.87
CA LYS C 240 -19.41 -4.06 18.74
C LYS C 240 -18.58 -5.01 17.89
N ARG C 241 -17.33 -5.21 18.28
CA ARG C 241 -16.43 -6.04 17.49
C ARG C 241 -16.76 -7.51 17.68
N ASN C 242 -16.73 -8.27 16.59
CA ASN C 242 -16.96 -9.71 16.68
C ASN C 242 -15.74 -10.38 17.26
N ILE C 243 -15.96 -11.20 18.30
CA ILE C 243 -14.87 -11.79 19.05
C ILE C 243 -14.54 -13.21 18.61
N GLY C 244 -15.43 -13.86 17.83
CA GLY C 244 -15.25 -15.25 17.52
C GLY C 244 -13.93 -15.56 16.83
N TYR C 245 -13.51 -14.69 15.90
CA TYR C 245 -12.25 -14.95 15.21
C TYR C 245 -11.08 -14.97 16.19
N PHE C 246 -11.07 -14.04 17.14
CA PHE C 246 -9.96 -14.00 18.06
C PHE C 246 -10.01 -15.14 19.05
N ILE C 247 -11.20 -15.72 19.27
CA ILE C 247 -11.27 -16.90 20.12
C ILE C 247 -10.58 -18.07 19.42
N LEU C 248 -10.91 -18.30 18.15
CA LEU C 248 -10.29 -19.41 17.42
C LEU C 248 -8.85 -19.11 17.07
N GLN C 249 -8.54 -17.86 16.71
CA GLN C 249 -7.25 -17.53 16.12
C GLN C 249 -6.21 -17.16 17.16
N THR C 250 -6.61 -16.46 18.22
CA THR C 250 -5.69 -15.91 19.20
C THR C 250 -5.85 -16.57 20.56
N TYR C 251 -7.06 -16.55 21.15
CA TYR C 251 -7.19 -16.97 22.53
C TYR C 251 -7.06 -18.48 22.65
N MET C 252 -7.72 -19.25 21.78
CA MET C 252 -7.66 -20.70 21.92
C MET C 252 -6.25 -21.24 21.69
N PRO C 253 -5.51 -20.83 20.65
CA PRO C 253 -4.13 -21.33 20.55
C PRO C 253 -3.30 -20.95 21.76
N SER C 254 -3.48 -19.74 22.29
CA SER C 254 -2.70 -19.35 23.46
C SER C 254 -3.09 -20.17 24.68
N ILE C 255 -4.38 -20.50 24.81
CA ILE C 255 -4.82 -21.33 25.92
C ILE C 255 -4.29 -22.74 25.77
N LEU C 256 -4.31 -23.27 24.54
CA LEU C 256 -3.84 -24.63 24.32
C LEU C 256 -2.33 -24.75 24.47
N ILE C 257 -1.59 -23.72 24.08
CA ILE C 257 -0.14 -23.75 24.30
C ILE C 257 0.16 -23.64 25.78
N THR C 258 -0.58 -22.79 26.50
CA THR C 258 -0.36 -22.67 27.94
C THR C 258 -0.70 -23.97 28.65
N ILE C 259 -1.78 -24.64 28.23
CA ILE C 259 -2.10 -25.94 28.79
C ILE C 259 -1.00 -26.94 28.46
N LEU C 260 -0.50 -26.89 27.23
CA LEU C 260 0.54 -27.82 26.80
C LEU C 260 1.79 -27.68 27.65
N SER C 261 2.10 -26.46 28.09
CA SER C 261 3.25 -26.24 28.95
C SER C 261 3.10 -26.93 30.30
N TRP C 262 1.87 -27.24 30.71
CA TRP C 262 1.65 -27.95 31.97
C TRP C 262 1.89 -29.44 31.84
N VAL C 263 1.99 -29.98 30.62
CA VAL C 263 2.34 -31.38 30.45
C VAL C 263 3.71 -31.66 31.08
N SER C 264 4.54 -30.63 31.23
CA SER C 264 5.83 -30.81 31.86
C SER C 264 5.68 -31.29 33.31
N PHE C 265 4.66 -30.79 34.00
CA PHE C 265 4.48 -31.11 35.41
C PHE C 265 4.17 -32.58 35.63
N TRP C 266 3.74 -33.30 34.59
CA TRP C 266 3.38 -34.71 34.69
C TRP C 266 4.48 -35.62 34.16
N ILE C 267 5.65 -35.08 33.83
CA ILE C 267 6.77 -35.86 33.35
C ILE C 267 7.78 -36.00 34.50
N ASN C 268 8.63 -37.03 34.40
CA ASN C 268 9.60 -37.30 35.44
C ASN C 268 10.55 -36.11 35.62
N TYR C 269 10.97 -35.91 36.87
CA TYR C 269 11.92 -34.84 37.17
C TYR C 269 13.27 -35.07 36.52
N ASP C 270 13.59 -36.31 36.17
CA ASP C 270 14.87 -36.67 35.58
C ASP C 270 14.85 -36.68 34.07
N ALA C 271 13.69 -36.46 33.45
CA ALA C 271 13.59 -36.35 32.00
C ALA C 271 13.93 -34.92 31.53
N SER C 272 15.19 -34.55 31.78
CA SER C 272 15.60 -33.18 31.52
C SER C 272 15.45 -32.81 30.06
N ALA C 273 15.87 -33.70 29.16
CA ALA C 273 15.77 -33.40 27.74
C ALA C 273 14.32 -33.25 27.29
N ALA C 274 13.44 -34.14 27.77
CA ALA C 274 12.03 -34.05 27.41
C ALA C 274 11.38 -32.79 27.98
N ARG C 275 11.63 -32.48 29.25
CA ARG C 275 10.94 -31.36 29.89
C ARG C 275 11.51 -30.01 29.49
N VAL C 276 12.81 -29.92 29.24
CA VAL C 276 13.38 -28.67 28.74
C VAL C 276 12.95 -28.41 27.30
N ALA C 277 12.99 -29.45 26.46
CA ALA C 277 12.57 -29.27 25.07
C ALA C 277 11.12 -28.83 24.99
N LEU C 278 10.25 -29.45 25.81
CA LEU C 278 8.85 -29.04 25.85
C LEU C 278 8.73 -27.59 26.32
N GLY C 279 9.35 -27.26 27.45
CA GLY C 279 9.21 -25.92 28.01
C GLY C 279 9.77 -24.83 27.13
N ILE C 280 10.96 -25.05 26.57
CA ILE C 280 11.59 -24.00 25.76
C ILE C 280 10.87 -23.84 24.43
N THR C 281 10.33 -24.93 23.87
CA THR C 281 9.63 -24.83 22.60
C THR C 281 8.26 -24.20 22.76
N THR C 282 7.60 -24.38 23.91
CA THR C 282 6.37 -23.63 24.15
C THR C 282 6.66 -22.14 24.23
N VAL C 283 7.78 -21.76 24.84
CA VAL C 283 8.16 -20.34 24.87
C VAL C 283 8.37 -19.86 23.44
N LEU C 284 9.09 -20.65 22.65
CA LEU C 284 9.30 -20.30 21.24
C LEU C 284 7.98 -20.27 20.49
N THR C 285 7.11 -21.25 20.76
CA THR C 285 5.80 -21.27 20.12
C THR C 285 4.99 -20.04 20.51
N MET C 286 5.04 -19.67 21.80
CA MET C 286 4.29 -18.51 22.25
C MET C 286 4.82 -17.24 21.61
N THR C 287 6.15 -17.11 21.50
CA THR C 287 6.71 -15.96 20.81
C THR C 287 6.30 -15.96 19.35
N THR C 288 6.30 -17.15 18.72
CA THR C 288 5.88 -17.23 17.32
C THR C 288 4.44 -16.76 17.18
N ILE C 289 3.56 -17.23 18.06
CA ILE C 289 2.17 -16.78 18.05
C ILE C 289 2.12 -15.27 18.31
N ASN C 290 2.89 -14.80 19.28
CA ASN C 290 2.82 -13.39 19.68
C ASN C 290 3.41 -12.49 18.59
N THR C 291 4.57 -12.86 18.06
CA THR C 291 5.24 -11.98 17.09
C THR C 291 4.48 -11.97 15.76
N HIS C 292 4.00 -13.13 15.32
CA HIS C 292 3.31 -13.18 14.04
C HIS C 292 1.90 -12.63 14.13
N LEU C 293 1.27 -12.74 15.31
CA LEU C 293 -0.01 -12.06 15.52
C LEU C 293 0.14 -10.56 15.44
N ARG C 294 1.32 -10.04 15.79
CA ARG C 294 1.58 -8.62 15.69
C ARG C 294 1.51 -8.17 14.23
N GLU C 295 1.78 -9.08 13.29
CA GLU C 295 1.76 -8.74 11.88
C GLU C 295 0.36 -8.82 11.28
N THR C 296 -0.47 -9.80 11.69
CA THR C 296 -1.79 -9.87 11.07
C THR C 296 -2.69 -8.79 11.65
N LEU C 297 -2.55 -8.52 12.94
CA LEU C 297 -3.28 -7.50 13.65
C LEU C 297 -2.68 -6.15 13.29
N PRO C 298 -3.39 -5.05 13.51
CA PRO C 298 -2.92 -3.78 12.99
C PRO C 298 -1.82 -3.23 13.90
N LYS C 299 -1.06 -2.30 13.34
CA LYS C 299 -0.14 -1.45 14.08
C LYS C 299 -0.72 -0.43 15.03
N ILE C 300 -1.40 -0.87 16.09
CA ILE C 300 -1.87 0.05 17.13
C ILE C 300 -0.81 0.05 18.23
N PRO C 301 -0.05 1.12 18.38
CA PRO C 301 1.11 1.11 19.31
C PRO C 301 0.76 1.54 20.73
N TYR C 302 -0.10 0.76 21.39
CA TYR C 302 -0.22 0.86 22.83
C TYR C 302 -0.93 -0.38 23.37
N VAL C 303 -0.84 -0.57 24.68
CA VAL C 303 -1.26 -1.80 25.30
C VAL C 303 -2.77 -1.95 25.18
N LYS C 304 -3.21 -3.11 24.70
CA LYS C 304 -4.62 -3.41 24.50
C LYS C 304 -4.99 -4.64 25.32
N ALA C 305 -6.26 -5.03 25.26
CA ALA C 305 -6.70 -6.20 26.01
C ALA C 305 -6.03 -7.46 25.50
N ILE C 306 -5.84 -7.56 24.18
CA ILE C 306 -5.22 -8.75 23.60
C ILE C 306 -3.75 -8.84 24.03
N ASP C 307 -3.06 -7.69 24.09
CA ASP C 307 -1.67 -7.69 24.51
C ASP C 307 -1.53 -8.21 25.94
N MET C 308 -2.45 -7.83 26.83
CA MET C 308 -2.36 -8.27 28.21
C MET C 308 -2.59 -9.78 28.33
N TYR C 309 -3.41 -10.35 27.45
CA TYR C 309 -3.65 -11.78 27.51
C TYR C 309 -2.44 -12.56 26.97
N LEU C 310 -1.88 -12.08 25.86
CA LEU C 310 -0.70 -12.75 25.31
C LEU C 310 0.48 -12.62 26.25
N MET C 311 0.64 -11.45 26.86
CA MET C 311 1.68 -11.25 27.86
C MET C 311 1.43 -12.08 29.11
N GLY C 312 0.15 -12.25 29.48
CA GLY C 312 -0.17 -13.13 30.59
C GLY C 312 0.19 -14.58 30.33
N CYS C 313 -0.13 -15.08 29.13
CA CYS C 313 0.19 -16.46 28.80
C CYS C 313 1.70 -16.66 28.62
N PHE C 314 2.41 -15.65 28.12
CA PHE C 314 3.86 -15.76 28.01
C PHE C 314 4.50 -15.88 29.38
N VAL C 315 3.99 -15.15 30.37
CA VAL C 315 4.55 -15.24 31.71
C VAL C 315 4.30 -16.61 32.30
N PHE C 316 3.13 -17.19 32.03
CA PHE C 316 2.81 -18.50 32.57
C PHE C 316 3.73 -19.58 32.01
N VAL C 317 3.96 -19.55 30.69
CA VAL C 317 4.86 -20.54 30.10
C VAL C 317 6.31 -20.26 30.50
N PHE C 318 6.66 -18.98 30.68
CA PHE C 318 7.97 -18.65 31.22
C PHE C 318 8.17 -19.25 32.60
N LEU C 319 7.13 -19.17 33.45
CA LEU C 319 7.25 -19.72 34.80
C LEU C 319 7.27 -21.23 34.81
N ALA C 320 6.59 -21.88 33.85
CA ALA C 320 6.61 -23.33 33.80
C ALA C 320 8.01 -23.84 33.49
N LEU C 321 8.73 -23.17 32.58
CA LEU C 321 10.10 -23.55 32.31
C LEU C 321 10.99 -23.27 33.52
N LEU C 322 10.77 -22.14 34.19
CA LEU C 322 11.49 -21.84 35.41
C LEU C 322 11.14 -22.81 36.53
N GLU C 323 9.93 -23.37 36.50
CA GLU C 323 9.52 -24.31 37.52
C GLU C 323 10.37 -25.56 37.50
N TYR C 324 10.71 -26.07 36.31
CA TYR C 324 11.53 -27.26 36.23
C TYR C 324 12.98 -26.98 36.62
N ALA C 325 13.48 -25.80 36.27
CA ALA C 325 14.82 -25.40 36.68
C ALA C 325 14.97 -25.44 38.19
N PHE C 326 13.96 -24.95 38.92
CA PHE C 326 14.00 -25.04 40.37
C PHE C 326 13.97 -26.50 40.83
N VAL C 327 13.17 -27.33 40.15
CA VAL C 327 13.16 -28.76 40.46
C VAL C 327 14.49 -29.40 40.10
N ASN C 328 15.00 -29.08 38.91
CA ASN C 328 16.27 -29.66 38.49
C ASN C 328 17.42 -29.23 39.40
N TYR C 329 17.42 -27.95 39.81
CA TYR C 329 18.50 -27.47 40.66
C TYR C 329 18.40 -28.03 42.08
N ILE C 330 17.19 -28.03 42.64
CA ILE C 330 17.02 -28.49 44.02
C ILE C 330 17.34 -29.97 44.15
N PHE C 331 17.39 -30.71 43.04
CA PHE C 331 17.77 -32.12 43.07
C PHE C 331 19.26 -32.32 42.85
N PHE C 332 19.78 -31.90 41.69
CA PHE C 332 21.19 -32.10 41.41
C PHE C 332 22.10 -31.11 42.14
N GLY C 333 21.63 -29.88 42.36
CA GLY C 333 22.44 -28.93 43.11
C GLY C 333 22.36 -29.07 44.61
N ARG C 334 21.49 -29.94 45.12
CA ARG C 334 21.33 -30.13 46.56
C ARG C 334 20.96 -31.59 46.85
N ASP C 444 9.86 -33.50 48.72
CA ASP C 444 10.24 -32.16 48.27
C ASP C 444 10.12 -32.04 46.75
N VAL C 445 10.93 -32.83 46.03
CA VAL C 445 10.94 -32.76 44.57
C VAL C 445 9.56 -33.15 44.03
N ASN C 446 8.98 -34.23 44.56
CA ASN C 446 7.65 -34.63 44.12
C ASN C 446 6.59 -33.61 44.54
N ALA C 447 6.81 -32.93 45.66
CA ALA C 447 5.85 -31.95 46.14
C ALA C 447 5.72 -30.78 45.17
N ILE C 448 6.85 -30.28 44.67
CA ILE C 448 6.82 -29.10 43.80
C ILE C 448 6.04 -29.40 42.53
N ASP C 449 6.27 -30.58 41.94
CA ASP C 449 5.50 -30.97 40.77
C ASP C 449 4.03 -31.15 41.09
N ARG C 450 3.72 -31.78 42.24
CA ARG C 450 2.34 -31.95 42.65
C ARG C 450 1.64 -30.60 42.83
N TRP C 451 2.30 -29.67 43.53
CA TRP C 451 1.70 -28.36 43.74
C TRP C 451 1.61 -27.56 42.45
N SER C 452 2.58 -27.75 41.54
CA SER C 452 2.50 -27.04 40.27
C SER C 452 1.38 -27.58 39.39
N ARG C 453 1.05 -28.87 39.53
CA ARG C 453 -0.04 -29.44 38.76
C ARG C 453 -1.37 -28.79 39.08
N ILE C 454 -1.49 -28.16 40.24
CA ILE C 454 -2.74 -27.55 40.68
C ILE C 454 -2.67 -26.03 40.59
N VAL C 455 -1.58 -25.42 41.09
CA VAL C 455 -1.50 -23.97 41.17
C VAL C 455 -1.50 -23.35 39.78
N PHE C 456 -0.73 -23.90 38.86
CA PHE C 456 -0.66 -23.32 37.52
C PHE C 456 -2.01 -23.34 36.82
N PRO C 457 -2.71 -24.48 36.71
CA PRO C 457 -4.07 -24.42 36.12
C PRO C 457 -5.02 -23.53 36.90
N PHE C 458 -4.92 -23.54 38.22
CA PHE C 458 -5.82 -22.73 39.05
C PHE C 458 -5.54 -21.23 38.88
N THR C 459 -4.27 -20.84 38.88
CA THR C 459 -3.96 -19.41 38.74
C THR C 459 -4.29 -18.91 37.35
N PHE C 460 -4.13 -19.75 36.32
CA PHE C 460 -4.52 -19.33 34.98
C PHE C 460 -6.03 -19.17 34.87
N SER C 461 -6.79 -20.06 35.51
CA SER C 461 -8.24 -19.90 35.54
C SER C 461 -8.64 -18.62 36.27
N LEU C 462 -7.96 -18.33 37.39
CA LEU C 462 -8.24 -17.08 38.11
C LEU C 462 -7.87 -15.88 37.26
N PHE C 463 -6.75 -15.95 36.54
CA PHE C 463 -6.35 -14.86 35.66
C PHE C 463 -7.40 -14.64 34.58
N ASN C 464 -7.92 -15.73 34.02
CA ASN C 464 -8.97 -15.61 33.02
C ASN C 464 -10.24 -15.02 33.63
N LEU C 465 -10.60 -15.45 34.84
CA LEU C 465 -11.80 -14.92 35.48
C LEU C 465 -11.68 -13.41 35.69
N VAL C 466 -10.52 -12.97 36.19
CA VAL C 466 -10.31 -11.54 36.38
C VAL C 466 -10.27 -10.84 35.04
N TYR C 467 -9.70 -11.49 34.02
CA TYR C 467 -9.56 -10.87 32.71
C TYR C 467 -10.93 -10.66 32.07
N TRP C 468 -11.76 -11.70 32.01
CA TRP C 468 -13.00 -11.61 31.25
C TRP C 468 -14.03 -10.76 31.97
N LEU C 469 -14.07 -10.79 33.30
CA LEU C 469 -14.95 -9.89 34.03
C LEU C 469 -14.56 -8.43 33.79
N TYR C 470 -13.26 -8.14 33.82
CA TYR C 470 -12.79 -6.77 33.66
C TYR C 470 -12.92 -6.28 32.22
N TYR C 471 -13.23 -7.16 31.27
CA TYR C 471 -13.34 -6.78 29.87
C TYR C 471 -14.68 -7.13 29.23
N VAL C 472 -15.38 -8.15 29.72
CA VAL C 472 -16.70 -8.47 29.18
C VAL C 472 -17.77 -7.73 29.97
N THR D 47 -33.12 43.05 -0.90
CA THR D 47 -31.92 42.28 -1.19
C THR D 47 -31.09 42.94 -2.28
N THR D 48 -31.68 43.95 -2.92
CA THR D 48 -30.99 44.66 -4.00
C THR D 48 -29.73 45.36 -3.49
N VAL D 49 -29.83 46.00 -2.32
CA VAL D 49 -28.69 46.74 -1.77
C VAL D 49 -27.50 45.81 -1.54
N PHE D 50 -27.75 44.62 -1.01
CA PHE D 50 -26.67 43.65 -0.81
C PHE D 50 -26.06 43.24 -2.14
N THR D 51 -26.89 43.00 -3.15
CA THR D 51 -26.39 42.57 -4.45
C THR D 51 -25.53 43.65 -5.10
N ARG D 52 -25.96 44.90 -5.02
CA ARG D 52 -25.23 45.98 -5.68
C ARG D 52 -23.83 46.15 -5.11
N ILE D 53 -23.69 46.07 -3.78
CA ILE D 53 -22.39 46.29 -3.15
C ILE D 53 -21.37 45.28 -3.65
N LEU D 54 -21.78 44.02 -3.83
CA LEU D 54 -20.85 42.99 -4.28
C LEU D 54 -20.27 43.32 -5.65
N ASP D 55 -21.13 43.74 -6.58
CA ASP D 55 -20.67 44.07 -7.93
C ASP D 55 -19.72 45.27 -7.92
N ARG D 56 -20.02 46.28 -7.11
CA ARG D 56 -19.22 47.50 -7.09
C ARG D 56 -17.83 47.25 -6.52
N LEU D 57 -17.69 46.26 -5.63
CA LEU D 57 -16.42 46.04 -4.94
C LEU D 57 -15.29 45.72 -5.91
N LEU D 58 -15.51 44.77 -6.82
CA LEU D 58 -14.48 44.31 -7.74
C LEU D 58 -14.36 45.17 -8.99
N ASP D 59 -14.80 46.43 -8.94
CA ASP D 59 -14.70 47.32 -10.09
C ASP D 59 -13.29 47.87 -10.15
N GLY D 60 -12.49 47.37 -11.08
CA GLY D 60 -11.11 47.78 -11.22
C GLY D 60 -10.13 47.11 -10.26
N TYR D 61 -10.59 46.21 -9.41
CA TYR D 61 -9.71 45.53 -8.47
C TYR D 61 -8.74 44.62 -9.23
N ASP D 62 -7.46 44.75 -8.91
CA ASP D 62 -6.40 43.93 -9.52
C ASP D 62 -5.87 42.95 -8.48
N ASN D 63 -6.22 41.68 -8.63
CA ASN D 63 -5.82 40.67 -7.66
C ASN D 63 -4.38 40.19 -7.86
N ARG D 64 -3.70 40.64 -8.91
CA ARG D 64 -2.28 40.32 -9.08
C ARG D 64 -1.36 41.17 -8.23
N LEU D 65 -1.86 42.27 -7.66
CA LEU D 65 -1.05 43.18 -6.87
C LEU D 65 -1.47 43.09 -5.41
N ARG D 66 -0.48 42.95 -4.53
CA ARG D 66 -0.74 42.91 -3.11
C ARG D 66 -1.17 44.28 -2.61
N PRO D 67 -1.88 44.35 -1.49
CA PRO D 67 -2.25 45.66 -0.94
C PRO D 67 -1.02 46.50 -0.63
N GLY D 68 -1.11 47.79 -0.94
CA GLY D 68 -0.02 48.70 -0.69
C GLY D 68 1.23 48.43 -1.48
N LEU D 69 1.11 47.79 -2.65
CA LEU D 69 2.28 47.48 -3.47
C LEU D 69 3.03 48.76 -3.81
N GLY D 70 4.34 48.75 -3.56
CA GLY D 70 5.17 49.91 -3.79
C GLY D 70 4.91 51.06 -2.86
N GLU D 71 4.09 50.88 -1.83
CA GLU D 71 3.70 51.93 -0.89
C GLU D 71 4.01 51.58 0.55
N ARG D 72 3.77 50.34 0.95
CA ARG D 72 3.99 49.89 2.32
C ARG D 72 4.17 48.37 2.30
N VAL D 73 4.25 47.77 3.48
CA VAL D 73 4.44 46.33 3.63
C VAL D 73 3.13 45.74 4.10
N THR D 74 2.61 44.77 3.35
CA THR D 74 1.39 44.08 3.75
C THR D 74 1.62 43.25 5.01
N GLU D 75 0.77 43.47 6.02
CA GLU D 75 0.89 42.79 7.29
C GLU D 75 -0.28 41.80 7.40
N VAL D 76 0.04 40.51 7.37
CA VAL D 76 -0.97 39.45 7.44
C VAL D 76 -0.94 38.86 8.83
N LYS D 77 -2.10 38.85 9.49
CA LYS D 77 -2.23 38.29 10.83
C LYS D 77 -2.85 36.91 10.73
N THR D 78 -2.17 35.92 11.30
CA THR D 78 -2.56 34.52 11.15
C THR D 78 -2.80 33.88 12.51
N ASP D 79 -3.72 32.93 12.54
CA ASP D 79 -3.89 32.05 13.68
C ASP D 79 -4.42 30.72 13.19
N ILE D 80 -4.18 29.67 13.99
CA ILE D 80 -4.50 28.31 13.62
C ILE D 80 -5.30 27.66 14.73
N PHE D 81 -6.34 26.93 14.36
CA PHE D 81 -7.12 26.10 15.29
C PHE D 81 -6.99 24.66 14.84
N VAL D 82 -6.35 23.83 15.66
CA VAL D 82 -6.08 22.44 15.31
C VAL D 82 -7.26 21.58 15.74
N THR D 83 -8.06 21.14 14.78
CA THR D 83 -9.18 20.26 15.12
C THR D 83 -8.71 18.88 15.52
N SER D 84 -7.69 18.37 14.84
CA SER D 84 -7.14 17.05 15.14
C SER D 84 -5.70 16.98 14.69
N PHE D 85 -4.80 16.65 15.62
CA PHE D 85 -3.40 16.40 15.29
C PHE D 85 -3.28 14.95 14.84
N GLY D 86 -3.32 14.73 13.53
CA GLY D 86 -3.50 13.42 12.97
C GLY D 86 -2.39 12.44 13.30
N PRO D 87 -2.42 11.26 12.68
CA PRO D 87 -1.39 10.25 12.96
C PRO D 87 -0.01 10.70 12.49
N VAL D 88 1.00 10.20 13.18
CA VAL D 88 2.40 10.44 12.85
C VAL D 88 2.96 9.14 12.28
N SER D 89 3.63 9.25 11.13
CA SER D 89 4.19 8.09 10.44
C SER D 89 5.71 8.10 10.56
N ASP D 90 6.24 7.20 11.39
CA ASP D 90 7.68 7.08 11.55
C ASP D 90 8.35 6.57 10.27
N HIS D 91 7.68 5.70 9.53
CA HIS D 91 8.26 5.16 8.30
C HIS D 91 8.46 6.26 7.27
N ASP D 92 7.43 7.06 7.03
CA ASP D 92 7.52 8.18 6.10
C ASP D 92 8.11 9.44 6.72
N MET D 93 8.29 9.47 8.05
CA MET D 93 8.79 10.64 8.77
C MET D 93 7.97 11.87 8.41
N GLU D 94 6.67 11.77 8.71
CA GLU D 94 5.72 12.84 8.46
C GLU D 94 4.55 12.69 9.42
N TYR D 95 3.72 13.73 9.49
CA TYR D 95 2.52 13.70 10.32
C TYR D 95 1.41 14.44 9.60
N THR D 96 0.17 14.14 10.01
CA THR D 96 -1.02 14.78 9.49
C THR D 96 -1.58 15.74 10.54
N ILE D 97 -2.11 16.88 10.10
CA ILE D 97 -2.70 17.86 10.98
C ILE D 97 -3.90 18.50 10.28
N ASP D 98 -5.06 18.48 10.95
CA ASP D 98 -6.26 19.10 10.43
C ASP D 98 -6.47 20.44 11.12
N VAL D 99 -6.50 21.53 10.35
CA VAL D 99 -6.49 22.87 10.90
C VAL D 99 -7.58 23.72 10.27
N PHE D 100 -7.96 24.78 10.99
CA PHE D 100 -8.66 25.93 10.43
C PHE D 100 -7.62 27.05 10.33
N PHE D 101 -7.17 27.30 9.11
CA PHE D 101 -6.10 28.27 8.87
C PHE D 101 -6.72 29.63 8.61
N ARG D 102 -6.57 30.54 9.57
CA ARG D 102 -7.16 31.87 9.51
C ARG D 102 -6.08 32.88 9.17
N GLN D 103 -6.31 33.68 8.14
CA GLN D 103 -5.43 34.76 7.75
C GLN D 103 -6.20 36.07 7.76
N SER D 104 -5.55 37.13 8.24
CA SER D 104 -6.22 38.43 8.33
C SER D 104 -5.24 39.48 7.85
N TRP D 105 -5.72 40.35 6.97
CA TRP D 105 -4.93 41.45 6.43
C TRP D 105 -5.89 42.55 6.02
N LYS D 106 -5.34 43.68 5.60
CA LYS D 106 -6.13 44.85 5.26
C LYS D 106 -5.96 45.15 3.79
N ASP D 107 -7.07 45.37 3.09
CA ASP D 107 -7.08 45.75 1.68
C ASP D 107 -8.01 46.94 1.53
N GLU D 108 -7.45 48.14 1.46
CA GLU D 108 -8.25 49.35 1.37
C GLU D 108 -9.12 49.39 0.12
N ARG D 109 -8.74 48.66 -0.93
CA ARG D 109 -9.54 48.59 -2.15
C ARG D 109 -10.88 47.92 -1.94
N LEU D 110 -11.10 47.23 -0.82
CA LEU D 110 -12.35 46.52 -0.56
C LEU D 110 -13.14 47.14 0.58
N LYS D 111 -13.04 48.45 0.77
CA LYS D 111 -13.92 49.13 1.71
C LYS D 111 -15.33 49.25 1.13
N PHE D 112 -16.31 49.37 2.02
CA PHE D 112 -17.69 49.52 1.59
C PHE D 112 -18.50 50.18 2.69
N LYS D 113 -19.68 50.67 2.31
CA LYS D 113 -20.65 51.25 3.23
C LYS D 113 -22.04 50.70 2.92
N GLY D 114 -22.77 50.32 3.95
CA GLY D 114 -24.09 49.75 3.78
C GLY D 114 -24.78 49.41 5.08
N PRO D 115 -25.97 48.84 4.98
CA PRO D 115 -26.71 48.46 6.20
C PRO D 115 -25.97 47.48 7.09
N MET D 116 -25.21 46.55 6.50
CA MET D 116 -24.49 45.55 7.26
C MET D 116 -23.06 46.01 7.51
N THR D 117 -22.39 45.33 8.44
CA THR D 117 -21.00 45.59 8.75
C THR D 117 -20.08 44.45 8.36
N VAL D 118 -20.62 43.29 8.02
CA VAL D 118 -19.83 42.11 7.66
C VAL D 118 -20.44 41.50 6.41
N LEU D 119 -19.59 41.12 5.46
CA LEU D 119 -20.03 40.49 4.22
C LEU D 119 -19.39 39.13 4.09
N ARG D 120 -20.17 38.14 3.68
CA ARG D 120 -19.66 36.81 3.39
C ARG D 120 -19.52 36.66 1.88
N LEU D 121 -18.31 36.31 1.43
CA LEU D 121 -18.01 36.18 0.02
C LEU D 121 -18.11 34.72 -0.42
N ASN D 122 -18.73 34.50 -1.56
CA ASN D 122 -18.82 33.16 -2.14
C ASN D 122 -17.44 32.67 -2.55
N ASN D 123 -17.30 31.34 -2.62
CA ASN D 123 -16.03 30.73 -3.03
C ASN D 123 -15.57 31.28 -4.38
N LEU D 124 -16.50 31.57 -5.27
CA LEU D 124 -16.16 32.22 -6.54
C LEU D 124 -15.66 33.63 -6.32
N MET D 125 -16.28 34.38 -5.40
CA MET D 125 -15.84 35.73 -5.09
C MET D 125 -14.45 35.73 -4.45
N ALA D 126 -14.17 34.76 -3.58
CA ALA D 126 -12.87 34.73 -2.91
C ALA D 126 -11.73 34.56 -3.89
N SER D 127 -11.91 33.74 -4.92
CA SER D 127 -10.86 33.55 -5.92
C SER D 127 -10.68 34.77 -6.83
N LYS D 128 -11.57 35.75 -6.76
CA LYS D 128 -11.47 36.93 -7.61
C LYS D 128 -10.61 38.04 -7.01
N ILE D 129 -10.20 37.92 -5.75
CA ILE D 129 -9.44 38.99 -5.11
C ILE D 129 -8.06 38.46 -4.74
N TRP D 130 -7.23 39.32 -4.17
CA TRP D 130 -5.87 38.94 -3.79
C TRP D 130 -5.89 38.38 -2.38
N THR D 131 -5.32 37.21 -2.21
CA THR D 131 -5.12 36.58 -0.91
C THR D 131 -3.66 36.18 -0.81
N PRO D 132 -3.13 36.07 0.41
CA PRO D 132 -1.73 35.68 0.57
C PRO D 132 -1.48 34.33 -0.06
N ASP D 133 -0.32 34.20 -0.71
CA ASP D 133 0.09 32.93 -1.31
C ASP D 133 0.87 32.11 -0.28
N THR D 134 0.19 31.84 0.83
CA THR D 134 0.79 31.10 1.93
C THR D 134 0.94 29.63 1.55
N PHE D 135 2.05 29.04 1.97
CA PHE D 135 2.31 27.64 1.75
C PHE D 135 3.09 27.11 2.93
N PHE D 136 3.13 25.78 3.06
CA PHE D 136 3.80 25.14 4.17
C PHE D 136 5.13 24.59 3.66
N HIS D 137 6.23 25.08 4.26
CA HIS D 137 7.56 24.77 3.75
C HIS D 137 7.83 23.27 3.81
N ASN D 138 7.44 22.64 4.90
CA ASN D 138 7.67 21.21 5.09
C ASN D 138 6.47 20.36 4.68
N GLY D 139 5.47 20.94 4.01
CA GLY D 139 4.36 20.13 3.55
C GLY D 139 4.78 19.13 2.50
N LYS D 140 4.16 17.94 2.54
CA LYS D 140 4.39 16.89 1.55
C LYS D 140 3.24 16.74 0.57
N LYS D 141 2.01 16.71 1.07
CA LYS D 141 0.83 16.66 0.21
C LYS D 141 -0.35 17.11 1.05
N SER D 142 -0.92 18.25 0.70
CA SER D 142 -1.97 18.86 1.51
C SER D 142 -3.27 18.90 0.72
N VAL D 143 -4.38 18.82 1.44
CA VAL D 143 -5.71 18.74 0.83
C VAL D 143 -6.54 19.89 1.36
N ALA D 144 -7.09 20.69 0.45
CA ALA D 144 -8.09 21.69 0.80
C ALA D 144 -9.44 21.06 0.50
N HIS D 145 -10.18 20.72 1.56
CA HIS D 145 -11.38 19.92 1.40
C HIS D 145 -12.42 20.66 0.57
N ASN D 146 -13.14 19.92 -0.28
CA ASN D 146 -14.06 20.55 -1.22
C ASN D 146 -15.41 19.83 -1.21
N MET D 147 -15.76 19.24 -0.06
CA MET D 147 -16.97 18.46 0.12
C MET D 147 -17.77 18.99 1.30
N THR D 148 -19.07 19.27 1.09
CA THR D 148 -19.75 19.17 -0.20
C THR D 148 -19.41 20.36 -1.07
N MET D 149 -19.21 21.50 -0.43
CA MET D 149 -18.76 22.72 -1.05
C MET D 149 -17.32 23.00 -0.63
N PRO D 150 -16.67 24.01 -1.23
CA PRO D 150 -15.35 24.40 -0.73
C PRO D 150 -15.40 24.82 0.73
N ASN D 151 -14.50 24.24 1.53
CA ASN D 151 -14.45 24.54 2.95
C ASN D 151 -13.56 25.78 3.18
N LYS D 152 -14.01 26.88 2.61
CA LYS D 152 -13.39 28.18 2.76
C LYS D 152 -14.43 29.18 3.23
N LEU D 153 -13.95 30.34 3.66
CA LEU D 153 -14.84 31.42 4.06
C LEU D 153 -14.06 32.72 4.07
N LEU D 154 -14.57 33.72 3.37
CA LEU D 154 -13.95 35.03 3.29
C LEU D 154 -14.95 36.08 3.77
N ARG D 155 -14.63 36.73 4.88
CA ARG D 155 -15.46 37.77 5.46
C ARG D 155 -14.75 39.11 5.36
N ILE D 156 -15.48 40.15 4.98
CA ILE D 156 -14.94 41.49 4.83
C ILE D 156 -15.68 42.41 5.79
N THR D 157 -14.93 43.17 6.58
CA THR D 157 -15.51 44.19 7.45
C THR D 157 -15.45 45.54 6.73
N GLU D 158 -16.36 46.44 7.11
CA GLU D 158 -16.42 47.75 6.46
C GLU D 158 -15.10 48.50 6.58
N ASP D 159 -14.32 48.23 7.63
CA ASP D 159 -13.02 48.86 7.80
C ASP D 159 -12.04 48.46 6.71
N GLY D 160 -12.33 47.37 5.98
CA GLY D 160 -11.40 46.83 5.01
C GLY D 160 -10.62 45.63 5.48
N THR D 161 -10.88 45.14 6.70
CA THR D 161 -10.18 43.97 7.21
C THR D 161 -10.85 42.70 6.70
N LEU D 162 -10.04 41.75 6.26
CA LEU D 162 -10.54 40.49 5.72
C LEU D 162 -10.13 39.34 6.63
N LEU D 163 -11.11 38.54 7.03
CA LEU D 163 -10.87 37.30 7.74
C LEU D 163 -11.12 36.16 6.76
N TYR D 164 -10.13 35.30 6.59
CA TYR D 164 -10.14 34.28 5.54
C TYR D 164 -9.77 32.96 6.18
N THR D 165 -10.75 32.06 6.31
CA THR D 165 -10.55 30.77 6.95
C THR D 165 -10.75 29.65 5.95
N MET D 166 -9.98 28.58 6.13
CA MET D 166 -10.10 27.38 5.31
C MET D 166 -9.80 26.17 6.16
N ARG D 167 -10.49 25.07 5.86
CA ARG D 167 -10.28 23.80 6.55
C ARG D 167 -9.33 22.97 5.71
N LEU D 168 -8.20 22.57 6.31
CA LEU D 168 -7.12 21.91 5.59
C LEU D 168 -6.73 20.63 6.28
N THR D 169 -6.27 19.66 5.49
CA THR D 169 -5.55 18.50 5.98
C THR D 169 -4.14 18.58 5.39
N VAL D 170 -3.14 18.63 6.26
CA VAL D 170 -1.77 18.88 5.85
C VAL D 170 -0.91 17.69 6.27
N ARG D 171 -0.16 17.14 5.32
CA ARG D 171 0.96 16.26 5.61
C ARG D 171 2.22 17.11 5.60
N ALA D 172 3.01 17.01 6.67
CA ALA D 172 4.20 17.84 6.82
C ALA D 172 5.41 16.97 7.11
N GLU D 173 6.58 17.43 6.66
CA GLU D 173 7.83 16.72 6.93
C GLU D 173 8.26 16.98 8.36
N CYS D 174 8.50 15.90 9.10
CA CYS D 174 9.00 15.97 10.47
C CYS D 174 10.24 15.08 10.52
N PRO D 175 11.40 15.60 10.13
CA PRO D 175 12.63 14.80 10.22
C PRO D 175 12.85 14.35 11.66
N MET D 176 13.22 13.09 11.81
CA MET D 176 13.38 12.49 13.12
C MET D 176 14.78 11.93 13.29
N HIS D 177 15.35 12.17 14.47
CA HIS D 177 16.61 11.56 14.87
C HIS D 177 16.22 10.40 15.78
N LEU D 178 16.21 9.19 15.21
CA LEU D 178 15.69 8.02 15.88
C LEU D 178 16.77 7.23 16.61
N GLU D 179 17.84 7.90 17.05
CA GLU D 179 18.90 7.20 17.75
C GLU D 179 18.46 6.78 19.15
N ASP D 180 17.53 7.50 19.75
CA ASP D 180 17.01 7.15 21.07
C ASP D 180 15.75 6.31 21.00
N PHE D 181 15.30 5.92 19.81
CA PHE D 181 14.09 5.13 19.67
C PHE D 181 14.18 3.86 20.51
N PRO D 182 13.12 3.49 21.23
CA PRO D 182 11.77 4.07 21.29
C PRO D 182 11.64 5.14 22.38
N MET D 183 12.74 5.60 22.97
CA MET D 183 12.69 6.60 24.03
C MET D 183 13.03 7.99 23.52
N ASP D 184 12.61 8.28 22.30
CA ASP D 184 12.95 9.50 21.61
C ASP D 184 11.81 10.51 21.70
N ALA D 185 12.16 11.78 21.65
CA ALA D 185 11.19 12.86 21.61
C ALA D 185 11.50 13.74 20.42
N HIS D 186 10.46 14.29 19.81
CA HIS D 186 10.60 15.09 18.61
C HIS D 186 9.77 16.36 18.73
N ALA D 187 10.22 17.39 18.05
CA ALA D 187 9.48 18.63 17.92
C ALA D 187 9.13 18.73 16.44
N CYS D 188 7.95 18.23 16.08
CA CYS D 188 7.56 18.25 14.69
C CYS D 188 7.16 19.67 14.32
N PRO D 189 7.76 20.26 13.30
CA PRO D 189 7.49 21.66 12.99
C PRO D 189 6.35 21.82 12.01
N LEU D 190 5.89 23.06 11.89
CA LEU D 190 4.88 23.44 10.91
C LEU D 190 5.18 24.89 10.58
N LYS D 191 5.85 25.10 9.46
CA LYS D 191 6.31 26.41 9.04
C LYS D 191 5.50 26.85 7.84
N PHE D 192 5.19 28.14 7.78
CA PHE D 192 4.51 28.67 6.61
C PHE D 192 4.95 30.11 6.39
N GLY D 193 4.72 30.57 5.18
CA GLY D 193 5.08 31.92 4.80
C GLY D 193 4.66 32.17 3.37
N SER D 194 5.06 33.31 2.85
CA SER D 194 4.76 33.61 1.46
C SER D 194 5.76 32.92 0.56
N TYR D 195 5.25 32.31 -0.52
CA TYR D 195 6.13 31.59 -1.43
C TYR D 195 6.93 32.55 -2.30
N ALA D 196 6.32 33.66 -2.72
CA ALA D 196 6.89 34.54 -3.70
C ALA D 196 7.22 35.93 -3.18
N TYR D 197 6.66 36.34 -2.06
CA TYR D 197 6.82 37.70 -1.56
C TYR D 197 7.87 37.72 -0.45
N THR D 198 8.85 38.60 -0.59
CA THR D 198 9.89 38.75 0.42
C THR D 198 9.39 39.63 1.57
N ARG D 199 10.18 39.65 2.65
CA ARG D 199 9.76 40.38 3.85
C ARG D 199 9.64 41.87 3.60
N ALA D 200 10.22 42.39 2.52
CA ALA D 200 10.00 43.77 2.13
C ALA D 200 8.62 44.01 1.54
N GLU D 201 7.86 42.94 1.27
CA GLU D 201 6.55 43.06 0.66
C GLU D 201 5.43 42.51 1.54
N VAL D 202 5.60 41.31 2.10
CA VAL D 202 4.58 40.70 2.93
C VAL D 202 5.24 40.20 4.21
N VAL D 203 4.66 40.58 5.36
CA VAL D 203 5.12 40.16 6.68
C VAL D 203 3.96 39.49 7.39
N TYR D 204 4.22 38.33 7.98
CA TYR D 204 3.21 37.59 8.72
C TYR D 204 3.39 37.81 10.22
N GLU D 205 2.27 37.94 10.93
CA GLU D 205 2.28 38.02 12.39
C GLU D 205 1.12 37.21 12.95
N TRP D 206 1.29 36.78 14.20
CA TRP D 206 0.22 36.10 14.91
C TRP D 206 -0.81 37.10 15.41
N THR D 207 -2.09 36.71 15.38
CA THR D 207 -3.16 37.64 15.72
C THR D 207 -3.04 38.13 17.14
N ARG D 208 -2.78 37.22 18.08
CA ARG D 208 -2.61 37.56 19.48
C ARG D 208 -1.30 36.97 19.98
N GLU D 209 -1.10 36.97 21.30
CA GLU D 209 0.10 36.44 21.92
C GLU D 209 0.45 35.08 21.30
N PRO D 210 1.64 34.93 20.71
CA PRO D 210 1.99 33.69 19.98
C PRO D 210 1.56 32.39 20.64
N ALA D 211 1.64 32.33 21.98
CA ALA D 211 1.20 31.12 22.68
C ALA D 211 -0.29 30.86 22.46
N ARG D 212 -1.10 31.91 22.49
CA ARG D 212 -2.55 31.79 22.37
C ARG D 212 -3.05 31.86 20.93
N SER D 213 -2.17 32.05 19.96
CA SER D 213 -2.60 32.16 18.57
C SER D 213 -2.82 30.80 17.93
N VAL D 214 -2.15 29.76 18.42
CA VAL D 214 -2.36 28.39 17.98
C VAL D 214 -3.12 27.66 19.08
N VAL D 215 -4.29 27.14 18.75
CA VAL D 215 -5.18 26.51 19.72
C VAL D 215 -5.46 25.08 19.26
N VAL D 216 -5.33 24.13 20.18
CA VAL D 216 -5.57 22.71 19.91
C VAL D 216 -6.84 22.31 20.63
N ALA D 217 -7.79 21.75 19.89
CA ALA D 217 -9.04 21.31 20.48
C ALA D 217 -8.79 20.27 21.55
N GLU D 218 -9.61 20.30 22.61
CA GLU D 218 -9.39 19.43 23.75
C GLU D 218 -9.40 17.97 23.35
N ASP D 219 -10.32 17.57 22.47
CA ASP D 219 -10.41 16.21 21.97
C ASP D 219 -9.59 16.02 20.69
N GLY D 220 -8.74 16.98 20.35
CA GLY D 220 -8.03 16.95 19.09
C GLY D 220 -6.81 16.05 19.01
N SER D 221 -6.40 15.42 20.09
CA SER D 221 -5.22 14.56 20.04
C SER D 221 -5.63 13.20 19.49
N ARG D 222 -5.24 12.92 18.26
CA ARG D 222 -5.53 11.66 17.59
C ARG D 222 -4.26 10.83 17.41
N LEU D 223 -3.42 10.81 18.44
CA LEU D 223 -2.12 10.13 18.41
C LEU D 223 -2.22 8.80 19.15
N ASN D 224 -1.60 7.78 18.59
CA ASN D 224 -1.54 6.46 19.21
C ASN D 224 -0.27 6.26 20.03
N GLN D 225 0.89 6.58 19.46
CA GLN D 225 2.17 6.29 20.09
C GLN D 225 2.86 7.54 20.61
N TYR D 226 2.18 8.68 20.66
CA TYR D 226 2.80 9.91 21.12
C TYR D 226 1.88 10.57 22.15
N ASP D 227 2.48 11.45 22.95
CA ASP D 227 1.76 12.36 23.80
C ASP D 227 2.10 13.78 23.36
N LEU D 228 1.06 14.56 23.06
CA LEU D 228 1.29 15.96 22.68
C LEU D 228 1.56 16.73 23.97
N LEU D 229 2.84 16.89 24.29
CA LEU D 229 3.21 17.57 25.53
C LEU D 229 2.78 19.04 25.48
N GLY D 230 3.01 19.70 24.36
CA GLY D 230 2.72 21.11 24.24
C GLY D 230 3.24 21.63 22.92
N GLN D 231 3.36 22.96 22.84
CA GLN D 231 3.76 23.60 21.60
C GLN D 231 4.45 24.91 21.93
N THR D 232 5.39 25.29 21.06
CA THR D 232 6.06 26.58 21.14
C THR D 232 5.89 27.27 19.81
N VAL D 233 5.47 28.53 19.84
CA VAL D 233 5.17 29.30 18.64
C VAL D 233 6.19 30.41 18.51
N ASP D 234 6.85 30.48 17.36
CA ASP D 234 7.93 31.43 17.13
C ASP D 234 7.75 32.03 15.74
N SER D 235 8.56 33.05 15.45
CA SER D 235 8.64 33.63 14.12
C SER D 235 10.05 34.12 13.88
N GLY D 236 10.44 34.15 12.61
CA GLY D 236 11.79 34.57 12.28
C GLY D 236 11.94 34.80 10.79
N ILE D 237 13.19 34.96 10.38
CA ILE D 237 13.55 35.22 9.00
C ILE D 237 14.39 34.06 8.48
N VAL D 238 14.05 33.56 7.30
CA VAL D 238 14.81 32.51 6.63
C VAL D 238 15.27 33.05 5.28
N GLN D 239 16.57 32.89 5.00
CA GLN D 239 17.18 33.38 3.77
C GLN D 239 17.38 32.24 2.80
N SER D 240 17.00 32.46 1.54
CA SER D 240 17.19 31.45 0.50
C SER D 240 17.80 32.11 -0.74
N SER D 241 17.87 31.36 -1.84
CA SER D 241 18.51 31.87 -3.04
C SER D 241 17.75 33.02 -3.69
N THR D 242 16.45 33.17 -3.39
CA THR D 242 15.65 34.20 -4.02
C THR D 242 15.48 35.45 -3.16
N GLY D 243 15.74 35.37 -1.87
CA GLY D 243 15.64 36.52 -0.99
C GLY D 243 15.33 36.08 0.42
N GLU D 244 15.10 37.07 1.28
CA GLU D 244 14.72 36.84 2.67
C GLU D 244 13.20 36.80 2.79
N TYR D 245 12.70 35.79 3.48
CA TYR D 245 11.26 35.61 3.65
C TYR D 245 10.93 35.47 5.13
N VAL D 246 9.74 35.94 5.50
CA VAL D 246 9.27 35.74 6.88
C VAL D 246 8.70 34.35 7.00
N VAL D 247 8.99 33.68 8.12
CA VAL D 247 8.49 32.34 8.39
C VAL D 247 7.83 32.34 9.75
N MET D 248 6.62 31.82 9.81
CA MET D 248 5.94 31.56 11.08
C MET D 248 6.09 30.08 11.37
N THR D 249 6.53 29.75 12.57
CA THR D 249 6.83 28.37 12.92
C THR D 249 6.08 27.97 14.17
N THR D 250 5.60 26.73 14.16
CA THR D 250 4.96 26.12 15.32
C THR D 250 5.57 24.74 15.46
N HIS D 251 6.04 24.43 16.66
CA HIS D 251 6.63 23.14 16.97
C HIS D 251 5.73 22.39 17.93
N PHE D 252 5.37 21.17 17.58
CA PHE D 252 4.62 20.29 18.47
C PHE D 252 5.60 19.29 19.06
N HIS D 253 5.71 19.28 20.38
CA HIS D 253 6.67 18.44 21.06
C HIS D 253 5.99 17.12 21.38
N LEU D 254 6.47 16.05 20.75
CA LEU D 254 5.90 14.72 20.90
C LEU D 254 6.85 13.85 21.70
N LYS D 255 6.27 12.97 22.51
CA LYS D 255 7.03 12.00 23.28
C LYS D 255 6.43 10.63 23.03
N ARG D 256 7.27 9.68 22.63
CA ARG D 256 6.77 8.37 22.27
C ARG D 256 6.37 7.60 23.52
N LYS D 257 5.19 6.99 23.47
CA LYS D 257 4.76 6.12 24.57
C LYS D 257 5.54 4.81 24.51
N ILE D 258 6.07 4.41 25.66
CA ILE D 258 6.99 3.27 25.70
C ILE D 258 6.31 2.01 26.21
N GLY D 259 5.11 2.13 26.80
CA GLY D 259 4.47 0.96 27.35
C GLY D 259 4.27 -0.14 26.34
N TYR D 260 4.09 0.23 25.07
CA TYR D 260 3.90 -0.78 24.03
C TYR D 260 5.18 -1.59 23.83
N PHE D 261 6.31 -0.90 23.69
CA PHE D 261 7.57 -1.57 23.41
C PHE D 261 8.13 -2.28 24.63
N VAL D 262 7.68 -1.89 25.83
CA VAL D 262 8.09 -2.61 27.03
C VAL D 262 7.46 -4.00 27.04
N ILE D 263 6.19 -4.09 26.65
CA ILE D 263 5.49 -5.37 26.70
C ILE D 263 5.67 -6.18 25.43
N GLN D 264 5.98 -5.53 24.31
CA GLN D 264 6.18 -6.27 23.06
C GLN D 264 7.63 -6.67 22.84
N THR D 265 8.58 -5.80 23.20
CA THR D 265 9.98 -6.03 22.88
C THR D 265 10.83 -6.19 24.13
N TYR D 266 10.82 -5.23 25.04
CA TYR D 266 11.79 -5.23 26.13
C TYR D 266 11.58 -6.41 27.08
N LEU D 267 10.35 -6.60 27.56
CA LEU D 267 10.11 -7.69 28.51
C LEU D 267 10.35 -9.06 27.90
N PRO D 268 9.86 -9.40 26.71
CA PRO D 268 10.22 -10.70 26.13
C PRO D 268 11.72 -10.89 25.97
N CYS D 269 12.44 -9.84 25.57
CA CYS D 269 13.89 -9.94 25.46
C CYS D 269 14.54 -10.16 26.83
N ILE D 270 14.08 -9.43 27.85
CA ILE D 270 14.66 -9.57 29.18
C ILE D 270 14.36 -10.96 29.74
N MET D 271 13.15 -11.46 29.54
CA MET D 271 12.80 -12.78 30.08
C MET D 271 13.47 -13.90 29.30
N THR D 272 13.75 -13.70 28.02
CA THR D 272 14.49 -14.73 27.28
C THR D 272 15.96 -14.73 27.67
N VAL D 273 16.54 -13.55 27.91
CA VAL D 273 17.92 -13.49 28.39
C VAL D 273 18.01 -14.12 29.77
N ILE D 274 17.04 -13.83 30.64
CA ILE D 274 17.02 -14.48 31.95
C ILE D 274 16.87 -15.98 31.76
N LEU D 275 16.01 -16.38 30.83
CA LEU D 275 15.79 -17.81 30.58
C LEU D 275 17.07 -18.47 30.07
N SER D 276 17.80 -17.79 29.19
CA SER D 276 19.05 -18.34 28.68
C SER D 276 20.05 -18.52 29.81
N GLN D 277 19.94 -17.71 30.86
CA GLN D 277 20.82 -17.79 32.01
C GLN D 277 20.33 -18.81 33.03
N VAL D 278 19.04 -19.11 33.01
CA VAL D 278 18.48 -20.19 33.82
C VAL D 278 19.17 -21.50 33.49
N SER D 279 19.76 -21.62 32.30
CA SER D 279 20.47 -22.83 31.91
C SER D 279 21.67 -23.07 32.82
N PHE D 280 22.28 -21.99 33.34
CA PHE D 280 23.43 -22.11 34.21
C PHE D 280 23.12 -22.91 35.47
N TRP D 281 21.85 -23.01 35.86
CA TRP D 281 21.49 -23.69 37.09
C TRP D 281 21.16 -25.16 36.87
N LEU D 282 21.13 -25.63 35.62
CA LEU D 282 21.01 -27.04 35.33
C LEU D 282 22.35 -27.74 35.54
N ASN D 283 22.28 -29.04 35.79
CA ASN D 283 23.49 -29.83 36.00
C ASN D 283 24.27 -29.98 34.70
N ARG D 284 25.60 -30.05 34.82
CA ARG D 284 26.46 -30.05 33.65
C ARG D 284 26.39 -31.35 32.86
N GLU D 285 25.79 -32.40 33.41
CA GLU D 285 25.73 -33.68 32.71
C GLU D 285 24.56 -33.79 31.75
N SER D 286 23.60 -32.87 31.78
CA SER D 286 22.47 -32.91 30.86
C SER D 286 22.83 -32.13 29.60
N VAL D 287 23.73 -32.73 28.82
CA VAL D 287 24.20 -32.07 27.60
C VAL D 287 23.08 -31.86 26.59
N PRO D 288 22.25 -32.86 26.25
CA PRO D 288 21.17 -32.58 25.30
C PRO D 288 20.22 -31.49 25.76
N ALA D 289 19.89 -31.48 27.06
CA ALA D 289 18.93 -30.50 27.57
C ALA D 289 19.51 -29.08 27.53
N ARG D 290 20.76 -28.92 27.96
CA ARG D 290 21.37 -27.60 27.98
C ARG D 290 21.77 -27.12 26.59
N THR D 291 22.00 -28.05 25.65
CA THR D 291 22.20 -27.64 24.27
C THR D 291 20.89 -27.23 23.62
N VAL D 292 19.82 -27.99 23.86
CA VAL D 292 18.51 -27.58 23.36
C VAL D 292 18.10 -26.26 24.02
N PHE D 293 18.34 -26.13 25.33
CA PHE D 293 17.98 -24.92 26.03
C PHE D 293 18.70 -23.71 25.44
N GLY D 294 20.02 -23.79 25.30
CA GLY D 294 20.78 -22.65 24.82
C GLY D 294 20.50 -22.29 23.38
N VAL D 295 20.33 -23.29 22.51
CA VAL D 295 20.18 -23.01 21.09
C VAL D 295 18.80 -22.44 20.79
N THR D 296 17.77 -22.92 21.49
CA THR D 296 16.42 -22.42 21.23
C THR D 296 16.24 -21.01 21.77
N THR D 297 16.98 -20.63 22.82
CA THR D 297 16.94 -19.24 23.25
C THR D 297 17.59 -18.32 22.23
N VAL D 298 18.58 -18.83 21.49
CA VAL D 298 19.15 -18.07 20.39
C VAL D 298 18.12 -17.89 19.28
N LEU D 299 17.38 -18.95 18.99
CA LEU D 299 16.31 -18.87 18.00
C LEU D 299 15.19 -17.95 18.48
N THR D 300 14.87 -18.00 19.78
CA THR D 300 13.87 -17.08 20.32
C THR D 300 14.32 -15.63 20.16
N MET D 301 15.59 -15.34 20.44
CA MET D 301 16.10 -13.99 20.22
C MET D 301 16.01 -13.62 18.75
N THR D 302 16.31 -14.55 17.86
CA THR D 302 16.20 -14.25 16.44
C THR D 302 14.77 -13.91 16.05
N THR D 303 13.80 -14.68 16.54
CA THR D 303 12.40 -14.36 16.27
C THR D 303 12.01 -13.01 16.85
N LEU D 304 12.41 -12.74 18.10
CA LEU D 304 12.11 -11.44 18.70
C LEU D 304 12.82 -10.31 17.98
N SER D 305 14.09 -10.50 17.64
CA SER D 305 14.86 -9.43 16.99
C SER D 305 14.27 -9.10 15.63
N ILE D 306 13.88 -10.12 14.87
CA ILE D 306 13.33 -9.89 13.53
C ILE D 306 12.03 -9.09 13.63
N SER D 307 11.14 -9.50 14.53
CA SER D 307 9.86 -8.82 14.65
C SER D 307 10.03 -7.44 15.25
N ALA D 308 10.98 -7.29 16.19
CA ALA D 308 11.17 -6.01 16.86
C ALA D 308 11.59 -4.94 15.87
N ARG D 309 12.30 -5.33 14.81
CA ARG D 309 12.77 -4.39 13.81
C ARG D 309 11.73 -4.11 12.74
N ASN D 310 10.68 -4.93 12.65
CA ASN D 310 9.59 -4.62 11.73
C ASN D 310 8.86 -3.35 12.16
N SER D 311 8.65 -3.20 13.47
CA SER D 311 8.02 -1.98 13.97
C SER D 311 8.87 -0.75 13.69
N LEU D 312 10.18 -0.87 13.86
CA LEU D 312 11.08 0.25 13.57
C LEU D 312 10.95 0.66 12.11
N PRO D 313 11.01 1.96 11.80
CA PRO D 313 11.09 2.39 10.40
C PRO D 313 12.37 1.87 9.76
N LYS D 314 12.29 1.65 8.44
CA LYS D 314 13.42 1.05 7.73
C LYS D 314 14.57 2.04 7.60
N VAL D 315 15.25 2.32 8.72
CA VAL D 315 16.42 3.19 8.72
C VAL D 315 17.66 2.32 8.79
N ALA D 316 18.74 2.78 8.16
CA ALA D 316 19.95 1.98 8.00
C ALA D 316 20.96 2.19 9.13
N TYR D 317 20.63 2.99 10.14
CA TYR D 317 21.50 3.20 11.28
C TYR D 317 20.92 2.52 12.51
N ALA D 318 21.72 2.50 13.58
CA ALA D 318 21.39 1.76 14.78
C ALA D 318 20.74 2.69 15.80
N THR D 319 19.67 2.20 16.43
CA THR D 319 18.88 2.95 17.39
C THR D 319 19.09 2.36 18.77
N ALA D 320 18.35 2.89 19.75
CA ALA D 320 18.55 2.43 21.12
C ALA D 320 17.97 1.04 21.32
N MET D 321 16.97 0.66 20.54
CA MET D 321 16.44 -0.69 20.64
C MET D 321 17.33 -1.70 19.94
N ASP D 322 18.01 -1.29 18.85
CA ASP D 322 18.95 -2.19 18.20
C ASP D 322 20.10 -2.54 19.13
N TRP D 323 20.62 -1.55 19.86
CA TRP D 323 21.74 -1.80 20.76
C TRP D 323 21.33 -2.71 21.91
N PHE D 324 20.11 -2.51 22.43
CA PHE D 324 19.60 -3.37 23.49
C PHE D 324 19.46 -4.80 23.00
N ILE D 325 18.97 -4.98 21.78
CA ILE D 325 18.81 -6.33 21.23
C ILE D 325 20.17 -6.94 20.94
N ALA D 326 21.12 -6.12 20.45
CA ALA D 326 22.45 -6.63 20.17
C ALA D 326 23.13 -7.11 21.44
N VAL D 327 22.94 -6.40 22.55
CA VAL D 327 23.54 -6.83 23.82
C VAL D 327 22.86 -8.11 24.30
N CYS D 328 21.53 -8.17 24.20
CA CYS D 328 20.82 -9.38 24.56
C CYS D 328 21.23 -10.54 23.68
N TYR D 329 21.45 -10.28 22.38
CA TYR D 329 21.99 -11.30 21.49
C TYR D 329 23.35 -11.78 21.97
N ALA D 330 24.21 -10.85 22.41
CA ALA D 330 25.53 -11.25 22.86
C ALA D 330 25.47 -12.03 24.17
N PHE D 331 24.54 -11.66 25.05
CA PHE D 331 24.38 -12.39 26.31
C PHE D 331 23.85 -13.79 26.06
N VAL D 332 22.89 -13.94 25.15
CA VAL D 332 22.36 -15.25 24.83
C VAL D 332 23.40 -16.10 24.11
N PHE D 333 24.15 -15.47 23.20
CA PHE D 333 25.24 -16.18 22.51
C PHE D 333 26.29 -16.64 23.49
N SER D 334 26.67 -15.79 24.44
CA SER D 334 27.71 -16.15 25.39
C SER D 334 27.27 -17.28 26.32
N ALA D 335 25.99 -17.34 26.66
CA ALA D 335 25.52 -18.41 27.53
C ALA D 335 25.70 -19.78 26.89
N LEU D 336 25.46 -19.87 25.58
CA LEU D 336 25.70 -21.14 24.89
C LEU D 336 27.18 -21.40 24.71
N ILE D 337 27.99 -20.34 24.55
CA ILE D 337 29.43 -20.51 24.53
C ILE D 337 29.93 -20.89 25.92
N GLU D 338 29.27 -20.40 26.96
CA GLU D 338 29.65 -20.78 28.32
C GLU D 338 29.50 -22.27 28.53
N PHE D 339 28.38 -22.84 28.07
CA PHE D 339 28.15 -24.27 28.25
C PHE D 339 29.12 -25.10 27.40
N ALA D 340 29.49 -24.61 26.23
CA ALA D 340 30.46 -25.30 25.39
C ALA D 340 31.79 -25.47 26.11
N THR D 341 32.19 -24.47 26.90
CA THR D 341 33.41 -24.58 27.67
C THR D 341 33.24 -25.52 28.86
N VAL D 342 32.07 -25.47 29.51
CA VAL D 342 31.78 -26.39 30.61
C VAL D 342 31.84 -27.83 30.12
N ASN D 343 31.21 -28.11 28.98
CA ASN D 343 31.16 -29.48 28.48
C ASN D 343 32.55 -30.00 28.13
N TYR D 344 33.47 -29.11 27.74
CA TYR D 344 34.82 -29.56 27.40
C TYR D 344 35.53 -30.16 28.59
N PHE D 345 35.20 -29.72 29.80
CA PHE D 345 35.82 -30.21 31.03
C PHE D 345 34.93 -31.19 31.78
N THR D 346 33.84 -31.66 31.17
CA THR D 346 33.04 -32.71 31.76
C THR D 346 33.68 -34.06 31.49
N LYS D 347 33.75 -34.90 32.53
CA LYS D 347 34.42 -36.18 32.46
C LYS D 347 33.43 -37.34 32.34
N ARG D 348 32.50 -37.43 33.28
CA ARG D 348 31.57 -38.54 33.35
C ARG D 348 30.28 -38.18 32.63
N GLY D 349 29.77 -39.10 31.82
CA GLY D 349 28.56 -38.84 31.06
C GLY D 349 27.27 -39.04 31.81
N TYR D 350 27.33 -39.43 33.08
CA TYR D 350 26.14 -39.66 33.90
C TYR D 350 26.06 -38.61 35.01
N ALA D 351 24.84 -38.18 35.31
CA ALA D 351 24.62 -37.18 36.34
C ALA D 351 24.53 -37.84 37.71
N TRP D 352 24.46 -37.01 38.75
CA TRP D 352 24.31 -37.52 40.10
C TRP D 352 23.05 -38.37 40.21
N ASP D 353 23.17 -39.55 40.80
CA ASP D 353 22.06 -40.50 40.80
C ASP D 353 20.98 -40.14 41.81
N GLY D 354 21.27 -39.27 42.77
CA GLY D 354 20.29 -38.84 43.73
C GLY D 354 20.25 -39.66 45.01
N LYS D 355 20.93 -40.79 45.05
CA LYS D 355 20.97 -41.64 46.25
C LYS D 355 22.25 -41.44 47.04
N SER D 356 23.40 -41.64 46.40
CA SER D 356 24.69 -41.51 47.08
C SER D 356 25.05 -40.04 47.30
N LYS D 419 31.86 -45.42 42.96
CA LYS D 419 31.23 -44.58 41.93
C LYS D 419 31.42 -43.10 42.25
N THR D 420 32.02 -42.38 41.32
CA THR D 420 32.27 -40.95 41.47
C THR D 420 31.37 -40.17 40.52
N PHE D 421 31.20 -38.88 40.82
CA PHE D 421 30.33 -38.01 40.06
C PHE D 421 31.04 -36.70 39.75
N ASN D 422 30.59 -36.03 38.71
CA ASN D 422 31.16 -34.74 38.34
C ASN D 422 30.85 -33.72 39.44
N SER D 423 31.75 -32.74 39.57
CA SER D 423 31.53 -31.63 40.49
C SER D 423 30.87 -30.48 39.76
N VAL D 424 30.13 -29.66 40.51
CA VAL D 424 29.49 -28.49 39.93
C VAL D 424 30.55 -27.59 39.32
N SER D 425 30.35 -27.24 38.05
CA SER D 425 31.36 -26.49 37.32
C SER D 425 31.66 -25.16 38.00
N LYS D 426 32.97 -24.86 38.14
CA LYS D 426 33.36 -23.55 38.64
C LYS D 426 32.99 -22.45 37.65
N ILE D 427 32.95 -22.81 36.36
CA ILE D 427 32.46 -21.87 35.35
C ILE D 427 30.99 -21.54 35.61
N ASP D 428 30.20 -22.55 35.96
CA ASP D 428 28.79 -22.34 36.27
C ASP D 428 28.60 -21.46 37.49
N ARG D 429 29.33 -21.76 38.58
CA ARG D 429 29.19 -20.99 39.81
C ARG D 429 29.48 -19.51 39.56
N LEU D 430 30.52 -19.21 38.80
CA LEU D 430 30.81 -17.82 38.46
C LEU D 430 29.77 -17.26 37.49
N SER D 431 29.39 -18.04 36.48
CA SER D 431 28.44 -17.56 35.48
C SER D 431 27.05 -17.33 36.05
N ARG D 432 26.68 -18.01 37.13
CA ARG D 432 25.40 -17.74 37.77
C ARG D 432 25.37 -16.35 38.39
N ILE D 433 26.52 -15.74 38.65
CA ILE D 433 26.61 -14.42 39.25
C ILE D 433 27.03 -13.38 38.23
N ALA D 434 28.08 -13.68 37.45
CA ALA D 434 28.62 -12.70 36.50
C ALA D 434 27.60 -12.34 35.43
N PHE D 435 26.93 -13.34 34.86
CA PHE D 435 26.01 -13.07 33.76
C PHE D 435 24.81 -12.23 34.23
N PRO D 436 24.09 -12.59 35.30
CA PRO D 436 23.03 -11.70 35.79
C PRO D 436 23.52 -10.32 36.17
N LEU D 437 24.71 -10.22 36.77
CA LEU D 437 25.21 -8.92 37.22
C LEU D 437 25.56 -8.03 36.03
N LEU D 438 26.25 -8.59 35.02
CA LEU D 438 26.63 -7.77 33.87
C LEU D 438 25.39 -7.29 33.14
N PHE D 439 24.39 -8.15 32.99
CA PHE D 439 23.12 -7.71 32.40
C PHE D 439 22.44 -6.68 33.29
N GLY D 440 22.46 -6.89 34.61
CA GLY D 440 21.91 -5.91 35.51
C GLY D 440 22.59 -4.55 35.40
N ILE D 441 23.93 -4.55 35.31
CA ILE D 441 24.66 -3.30 35.16
C ILE D 441 24.31 -2.65 33.84
N PHE D 442 24.29 -3.44 32.76
CA PHE D 442 23.96 -2.90 31.44
C PHE D 442 22.59 -2.23 31.45
N ASN D 443 21.62 -2.83 32.13
CA ASN D 443 20.28 -2.26 32.16
C ASN D 443 20.28 -0.89 32.85
N LEU D 444 20.97 -0.79 33.99
CA LEU D 444 21.04 0.49 34.69
C LEU D 444 21.72 1.55 33.84
N VAL D 445 22.83 1.19 33.20
CA VAL D 445 23.52 2.15 32.31
C VAL D 445 22.64 2.49 31.12
N TYR D 446 21.93 1.50 30.59
CA TYR D 446 21.10 1.74 29.41
C TYR D 446 19.90 2.61 29.74
N TRP D 447 19.18 2.28 30.82
CA TRP D 447 17.94 3.00 31.12
C TRP D 447 18.23 4.39 31.68
N ALA D 448 19.22 4.52 32.55
CA ALA D 448 19.58 5.85 33.07
C ALA D 448 20.04 6.79 31.96
N THR D 449 20.60 6.25 30.88
CA THR D 449 21.06 7.11 29.80
C THR D 449 19.90 7.68 29.00
N TYR D 450 18.92 6.84 28.68
CA TYR D 450 17.85 7.24 27.77
C TYR D 450 16.63 7.79 28.49
N LEU D 451 16.39 7.36 29.73
CA LEU D 451 15.26 7.87 30.48
C LEU D 451 15.63 9.19 31.17
N MET E 34 -17.73 18.28 -46.49
CA MET E 34 -17.39 18.27 -45.07
C MET E 34 -18.12 19.38 -44.31
N SER E 35 -18.25 20.55 -44.94
CA SER E 35 -18.98 21.64 -44.30
C SER E 35 -20.46 21.29 -44.15
N PHE E 36 -21.01 20.52 -45.08
CA PHE E 36 -22.41 20.10 -44.98
C PHE E 36 -22.66 19.32 -43.70
N VAL E 37 -21.76 18.40 -43.37
CA VAL E 37 -21.85 17.66 -42.11
C VAL E 37 -21.67 18.61 -40.93
N LYS E 38 -20.73 19.55 -41.04
CA LYS E 38 -20.54 20.52 -39.96
C LYS E 38 -21.79 21.35 -39.73
N GLU E 39 -22.42 21.79 -40.82
CA GLU E 39 -23.66 22.56 -40.69
C GLU E 39 -24.77 21.72 -40.05
N THR E 40 -24.87 20.45 -40.45
CA THR E 40 -25.91 19.57 -39.91
C THR E 40 -25.79 19.45 -38.39
N VAL E 41 -24.58 19.18 -37.90
CA VAL E 41 -24.37 19.01 -36.46
C VAL E 41 -24.71 20.29 -35.71
N ASP E 42 -24.37 21.44 -36.28
CA ASP E 42 -24.68 22.72 -35.63
C ASP E 42 -26.18 22.89 -35.44
N LYS E 43 -26.97 22.52 -36.45
CA LYS E 43 -28.42 22.66 -36.34
C LYS E 43 -28.97 21.84 -35.18
N LEU E 44 -28.48 20.61 -35.03
CA LEU E 44 -28.99 19.71 -33.99
C LEU E 44 -28.78 20.28 -32.60
N LEU E 45 -27.60 20.83 -32.34
CA LEU E 45 -27.25 21.34 -31.02
C LEU E 45 -27.74 22.77 -30.79
N LYS E 46 -28.30 23.43 -31.79
CA LYS E 46 -28.82 24.78 -31.63
C LYS E 46 -30.15 24.70 -30.88
N GLY E 47 -30.17 25.25 -29.67
CA GLY E 47 -31.35 25.17 -28.82
C GLY E 47 -31.55 23.86 -28.10
N TYR E 48 -30.60 22.93 -28.21
CA TYR E 48 -30.71 21.64 -27.53
C TYR E 48 -30.63 21.84 -26.02
N ASP E 49 -31.58 21.26 -25.29
CA ASP E 49 -31.64 21.36 -23.84
C ASP E 49 -31.16 20.03 -23.25
N ILE E 50 -29.99 20.06 -22.59
CA ILE E 50 -29.45 18.82 -22.05
C ILE E 50 -30.01 18.47 -20.68
N ARG E 51 -30.66 19.41 -19.99
CA ARG E 51 -31.26 19.09 -18.70
C ARG E 51 -32.60 18.36 -18.79
N LEU E 52 -33.18 18.26 -19.99
CA LEU E 52 -34.47 17.63 -20.18
C LEU E 52 -34.32 16.36 -21.01
N ARG E 53 -34.87 15.26 -20.51
CA ARG E 53 -34.81 14.00 -21.24
C ARG E 53 -35.69 14.06 -22.48
N PRO E 54 -35.46 13.18 -23.45
CA PRO E 54 -36.36 13.09 -24.61
C PRO E 54 -37.79 12.79 -24.20
N ASP E 55 -38.73 13.38 -24.93
CA ASP E 55 -40.16 13.23 -24.67
C ASP E 55 -40.51 13.56 -23.22
N PHE E 56 -39.96 14.68 -22.74
CA PHE E 56 -40.21 15.13 -21.38
C PHE E 56 -41.72 15.27 -21.16
N GLY E 57 -42.22 14.64 -20.10
CA GLY E 57 -43.63 14.62 -19.81
C GLY E 57 -44.41 13.61 -20.62
N GLY E 58 -43.78 12.96 -21.60
CA GLY E 58 -44.42 11.95 -22.41
C GLY E 58 -44.10 10.56 -21.88
N PRO E 59 -44.17 9.56 -22.75
CA PRO E 59 -43.82 8.21 -22.32
C PRO E 59 -42.37 8.14 -21.89
N PRO E 60 -42.03 7.25 -20.96
CA PRO E 60 -40.64 7.13 -20.51
C PRO E 60 -39.71 6.74 -21.64
N VAL E 61 -38.49 7.27 -21.60
CA VAL E 61 -37.48 6.92 -22.59
C VAL E 61 -36.90 5.54 -22.25
N CYS E 62 -36.92 4.64 -23.23
CA CYS E 62 -36.41 3.29 -23.05
C CYS E 62 -34.93 3.27 -23.39
N VAL E 63 -34.10 2.83 -22.44
CA VAL E 63 -32.66 2.78 -22.63
C VAL E 63 -32.22 1.33 -22.61
N GLY E 64 -31.61 0.88 -23.71
CA GLY E 64 -31.10 -0.47 -23.82
C GLY E 64 -29.60 -0.52 -23.61
N MET E 65 -29.15 -1.53 -22.88
CA MET E 65 -27.74 -1.62 -22.50
C MET E 65 -27.20 -3.00 -22.87
N ASN E 66 -25.96 -3.00 -23.36
CA ASN E 66 -25.19 -4.22 -23.52
C ASN E 66 -23.77 -3.93 -23.07
N ILE E 67 -23.05 -4.97 -22.66
CA ILE E 67 -21.72 -4.81 -22.10
C ILE E 67 -20.79 -5.80 -22.76
N ASP E 68 -19.60 -5.33 -23.13
CA ASP E 68 -18.50 -6.18 -23.53
C ASP E 68 -17.42 -6.09 -22.46
N ILE E 69 -17.15 -7.21 -21.78
CA ILE E 69 -16.21 -7.23 -20.68
C ILE E 69 -14.82 -7.46 -21.25
N ALA E 70 -13.95 -6.47 -21.08
CA ALA E 70 -12.56 -6.62 -21.55
C ALA E 70 -11.75 -7.53 -20.64
N SER E 71 -11.93 -7.41 -19.32
CA SER E 71 -11.20 -8.23 -18.36
C SER E 71 -11.75 -7.98 -16.98
N ILE E 72 -11.58 -8.96 -16.10
CA ILE E 72 -11.76 -8.80 -14.66
C ILE E 72 -10.38 -8.93 -14.03
N ASP E 73 -9.91 -7.86 -13.38
CA ASP E 73 -8.51 -7.75 -13.03
C ASP E 73 -8.24 -8.26 -11.62
N MET E 74 -8.90 -7.67 -10.63
CA MET E 74 -8.72 -8.04 -9.23
C MET E 74 -10.03 -8.46 -8.62
N VAL E 75 -9.99 -9.48 -7.77
CA VAL E 75 -11.12 -9.90 -6.95
C VAL E 75 -10.56 -10.06 -5.54
N SER E 76 -10.67 -9.01 -4.74
CA SER E 76 -10.01 -8.93 -3.45
C SER E 76 -10.98 -9.20 -2.30
N GLU E 77 -10.61 -10.14 -1.44
CA GLU E 77 -11.34 -10.42 -0.23
C GLU E 77 -11.10 -9.36 0.84
N VAL E 78 -9.92 -8.73 0.81
CA VAL E 78 -9.59 -7.71 1.81
C VAL E 78 -10.55 -6.53 1.70
N ASN E 79 -10.73 -6.02 0.49
CA ASN E 79 -11.63 -4.91 0.25
C ASN E 79 -13.06 -5.35 -0.03
N MET E 80 -13.29 -6.65 -0.19
CA MET E 80 -14.61 -7.20 -0.51
C MET E 80 -15.21 -6.43 -1.68
N ASP E 81 -14.50 -6.52 -2.79
CA ASP E 81 -14.90 -5.91 -4.05
C ASP E 81 -14.20 -6.67 -5.18
N TYR E 82 -14.44 -6.22 -6.39
CA TYR E 82 -13.74 -6.76 -7.55
C TYR E 82 -13.62 -5.66 -8.59
N THR E 83 -12.61 -5.79 -9.44
CA THR E 83 -12.39 -4.82 -10.50
C THR E 83 -12.86 -5.39 -11.83
N LEU E 84 -13.40 -4.51 -12.67
CA LEU E 84 -14.06 -4.90 -13.91
C LEU E 84 -13.74 -3.85 -14.95
N THR E 85 -13.15 -4.27 -16.07
CA THR E 85 -12.95 -3.39 -17.20
C THR E 85 -13.90 -3.84 -18.29
N MET E 86 -14.76 -2.93 -18.74
CA MET E 86 -15.83 -3.30 -19.66
C MET E 86 -16.06 -2.18 -20.66
N TYR E 87 -16.64 -2.54 -21.79
CA TYR E 87 -17.19 -1.60 -22.74
C TYR E 87 -18.69 -1.53 -22.47
N PHE E 88 -19.17 -0.33 -22.12
CA PHE E 88 -20.52 -0.12 -21.63
C PHE E 88 -21.26 0.69 -22.68
N GLN E 89 -22.27 0.08 -23.29
CA GLN E 89 -23.04 0.70 -24.36
C GLN E 89 -24.45 0.98 -23.89
N GLN E 90 -24.98 2.13 -24.29
CA GLN E 90 -26.35 2.51 -24.01
C GLN E 90 -27.04 2.93 -25.31
N TYR E 91 -28.26 2.46 -25.50
CA TYR E 91 -29.05 2.80 -26.67
C TYR E 91 -30.36 3.43 -26.23
N TRP E 92 -30.70 4.56 -26.85
CA TRP E 92 -31.99 5.21 -26.64
C TRP E 92 -32.29 6.04 -27.87
N ARG E 93 -33.56 6.40 -28.03
CA ARG E 93 -34.01 7.19 -29.17
C ARG E 93 -34.28 8.62 -28.72
N ASP E 94 -33.63 9.57 -29.41
CA ASP E 94 -33.81 11.00 -29.15
C ASP E 94 -34.24 11.65 -30.46
N LYS E 95 -35.52 12.03 -30.54
CA LYS E 95 -36.04 12.60 -31.78
C LYS E 95 -35.35 13.91 -32.12
N ARG E 96 -34.89 14.66 -31.11
CA ARG E 96 -34.17 15.91 -31.34
C ARG E 96 -32.88 15.70 -32.12
N LEU E 97 -32.35 14.48 -32.16
CA LEU E 97 -31.10 14.18 -32.84
C LEU E 97 -31.29 13.44 -34.15
N ALA E 98 -32.50 13.41 -34.70
CA ALA E 98 -32.69 12.78 -35.99
C ALA E 98 -32.12 13.67 -37.09
N TYR E 99 -31.52 13.05 -38.10
CA TYR E 99 -30.95 13.76 -39.23
C TYR E 99 -31.19 12.99 -40.52
N SER E 100 -31.21 13.73 -41.63
CA SER E 100 -31.48 13.16 -42.94
C SER E 100 -30.51 13.74 -43.96
N GLY E 101 -30.35 13.02 -45.07
CA GLY E 101 -29.43 13.40 -46.11
C GLY E 101 -28.02 12.89 -45.98
N ILE E 102 -27.68 12.26 -44.86
CA ILE E 102 -26.36 11.68 -44.63
C ILE E 102 -26.51 10.17 -44.51
N PRO E 103 -26.20 9.42 -45.57
CA PRO E 103 -26.35 7.95 -45.54
C PRO E 103 -25.22 7.24 -44.79
N LEU E 104 -24.91 7.74 -43.59
CA LEU E 104 -23.85 7.18 -42.78
C LEU E 104 -24.20 7.36 -41.31
N ASN E 105 -23.67 6.47 -40.48
CA ASN E 105 -23.72 6.66 -39.04
C ASN E 105 -22.58 7.58 -38.62
N LEU E 106 -22.90 8.65 -37.90
CA LEU E 106 -21.91 9.68 -37.57
C LEU E 106 -21.24 9.30 -36.26
N THR E 107 -20.03 8.77 -36.34
CA THR E 107 -19.16 8.65 -35.18
C THR E 107 -18.49 9.99 -34.93
N LEU E 108 -18.70 10.56 -33.75
CA LEU E 108 -18.23 11.91 -33.46
C LEU E 108 -17.18 11.89 -32.37
N ASP E 109 -16.38 12.96 -32.35
CA ASP E 109 -15.40 13.17 -31.28
C ASP E 109 -16.08 13.11 -29.92
N ASN E 110 -15.46 12.39 -28.98
CA ASN E 110 -16.10 12.13 -27.70
C ASN E 110 -16.45 13.40 -26.94
N ARG E 111 -15.79 14.52 -27.26
CA ARG E 111 -16.08 15.78 -26.60
C ARG E 111 -17.46 16.33 -26.91
N VAL E 112 -18.16 15.76 -27.89
CA VAL E 112 -19.53 16.16 -28.17
C VAL E 112 -20.50 15.62 -27.13
N ALA E 113 -20.10 14.61 -26.36
CA ALA E 113 -21.00 14.06 -25.34
C ALA E 113 -21.39 15.09 -24.30
N ASP E 114 -20.53 16.09 -24.07
CA ASP E 114 -20.87 17.14 -23.11
C ASP E 114 -21.99 18.03 -23.62
N GLN E 115 -22.36 17.93 -24.90
CA GLN E 115 -23.37 18.77 -25.51
C GLN E 115 -24.66 17.99 -25.82
N LEU E 116 -24.85 16.85 -25.17
CA LEU E 116 -26.00 15.99 -25.40
C LEU E 116 -26.56 15.55 -24.06
N TRP E 117 -27.82 15.14 -24.08
CA TRP E 117 -28.41 14.50 -22.91
C TRP E 117 -28.00 13.03 -22.90
N VAL E 118 -27.48 12.59 -21.76
CA VAL E 118 -27.12 11.19 -21.57
C VAL E 118 -27.79 10.69 -20.29
N PRO E 119 -28.13 9.41 -20.20
CA PRO E 119 -28.74 8.90 -18.98
C PRO E 119 -27.85 9.12 -17.78
N ASP E 120 -28.47 9.38 -16.63
CA ASP E 120 -27.73 9.52 -15.38
C ASP E 120 -27.47 8.15 -14.79
N THR E 121 -26.89 7.27 -15.60
CA THR E 121 -26.63 5.91 -15.19
C THR E 121 -25.45 5.86 -14.21
N TYR E 122 -25.56 5.01 -13.20
CA TYR E 122 -24.48 4.81 -12.26
C TYR E 122 -24.54 3.37 -11.78
N PHE E 123 -23.48 2.94 -11.14
CA PHE E 123 -23.35 1.57 -10.65
C PHE E 123 -23.62 1.59 -9.15
N LEU E 124 -24.75 1.00 -8.76
CA LEU E 124 -25.27 1.19 -7.41
C LEU E 124 -24.33 0.63 -6.35
N ASN E 125 -23.55 -0.40 -6.69
CA ASN E 125 -22.68 -1.07 -5.73
C ASN E 125 -21.20 -0.77 -5.96
N ASP E 126 -20.86 0.16 -6.84
CA ASP E 126 -19.46 0.48 -7.07
C ASP E 126 -18.86 1.27 -5.92
N LYS E 127 -17.59 1.00 -5.63
CA LYS E 127 -16.89 1.74 -4.58
C LYS E 127 -16.14 2.93 -5.15
N LYS E 128 -15.41 2.72 -6.25
CA LYS E 128 -14.68 3.78 -6.92
C LYS E 128 -14.51 3.38 -8.37
N SER E 129 -14.76 4.31 -9.29
CA SER E 129 -14.66 3.99 -10.71
C SER E 129 -14.24 5.23 -11.48
N PHE E 130 -13.70 4.99 -12.67
CA PHE E 130 -13.27 6.09 -13.54
C PHE E 130 -13.35 5.64 -14.98
N VAL E 131 -13.43 6.61 -15.88
CA VAL E 131 -13.38 6.39 -17.32
C VAL E 131 -11.97 6.72 -17.79
N HIS E 132 -11.35 5.79 -18.51
CA HIS E 132 -9.95 5.97 -18.90
C HIS E 132 -9.79 7.15 -19.85
N GLY E 133 -8.63 7.79 -19.77
CA GLY E 133 -8.44 9.06 -20.44
C GLY E 133 -7.11 9.22 -21.14
N VAL E 134 -6.50 8.11 -21.55
CA VAL E 134 -5.26 8.12 -22.34
C VAL E 134 -5.50 7.30 -23.59
N THR E 135 -5.12 7.84 -24.76
CA THR E 135 -4.54 9.17 -24.89
C THR E 135 -5.61 10.26 -24.76
N VAL E 136 -6.86 9.88 -25.05
CA VAL E 136 -8.01 10.73 -24.83
C VAL E 136 -9.01 9.95 -23.98
N LYS E 137 -10.08 10.63 -23.58
CA LYS E 137 -11.15 9.96 -22.85
C LYS E 137 -11.75 8.84 -23.67
N ASN E 138 -11.80 7.64 -23.08
CA ASN E 138 -12.30 6.45 -23.77
C ASN E 138 -13.83 6.54 -23.77
N ARG E 139 -14.34 7.39 -24.64
CA ARG E 139 -15.76 7.69 -24.73
C ARG E 139 -16.16 7.71 -26.19
N MET E 140 -17.35 7.19 -26.49
CA MET E 140 -17.82 7.07 -27.87
C MET E 140 -19.24 7.59 -27.98
N ILE E 141 -19.48 8.39 -29.02
CA ILE E 141 -20.82 8.85 -29.38
C ILE E 141 -21.03 8.53 -30.86
N ARG E 142 -22.00 7.68 -31.15
CA ARG E 142 -22.33 7.34 -32.52
C ARG E 142 -23.82 7.57 -32.73
N LEU E 143 -24.16 8.39 -33.72
CA LEU E 143 -25.54 8.69 -34.04
C LEU E 143 -26.01 7.84 -35.21
N HIS E 144 -27.32 7.69 -35.33
CA HIS E 144 -27.93 6.99 -36.45
C HIS E 144 -29.03 7.86 -37.04
N PRO E 145 -29.36 7.66 -38.32
CA PRO E 145 -30.28 8.60 -38.99
C PRO E 145 -31.62 8.75 -38.31
N ASP E 146 -32.19 7.66 -37.79
CA ASP E 146 -33.52 7.71 -37.18
C ASP E 146 -33.55 8.43 -35.85
N GLY E 147 -32.39 8.73 -35.27
CA GLY E 147 -32.31 9.36 -33.96
C GLY E 147 -31.75 8.46 -32.88
N THR E 148 -31.41 7.22 -33.21
CA THR E 148 -30.83 6.31 -32.22
C THR E 148 -29.45 6.81 -31.81
N VAL E 149 -29.17 6.74 -30.51
CA VAL E 149 -27.89 7.19 -29.98
C VAL E 149 -27.18 5.99 -29.37
N LEU E 150 -25.93 5.80 -29.76
CA LEU E 150 -25.06 4.78 -29.19
C LEU E 150 -24.00 5.47 -28.36
N TYR E 151 -24.03 5.23 -27.04
CA TYR E 151 -23.13 5.90 -26.11
C TYR E 151 -22.30 4.81 -25.42
N GLY E 152 -21.03 4.73 -25.79
CA GLY E 152 -20.13 3.70 -25.28
C GLY E 152 -19.04 4.32 -24.43
N LEU E 153 -18.71 3.63 -23.34
CA LEU E 153 -17.64 4.06 -22.45
C LEU E 153 -16.77 2.86 -22.11
N ARG E 154 -15.48 3.12 -21.90
CA ARG E 154 -14.58 2.13 -21.34
C ARG E 154 -14.36 2.49 -19.88
N ILE E 155 -14.78 1.61 -18.99
CA ILE E 155 -14.85 1.90 -17.56
C ILE E 155 -14.12 0.81 -16.81
N THR E 156 -13.28 1.21 -15.87
CA THR E 156 -12.75 0.31 -14.85
C THR E 156 -13.48 0.69 -13.57
N THR E 157 -14.22 -0.25 -13.02
CA THR E 157 -15.03 0.00 -11.84
C THR E 157 -14.74 -1.03 -10.76
N THR E 158 -14.50 -0.54 -9.55
CA THR E 158 -14.43 -1.40 -8.39
C THR E 158 -15.84 -1.47 -7.79
N ALA E 159 -16.43 -2.66 -7.79
CA ALA E 159 -17.81 -2.84 -7.37
C ALA E 159 -17.84 -3.66 -6.09
N ALA E 160 -18.77 -3.32 -5.21
CA ALA E 160 -18.87 -4.05 -3.95
C ALA E 160 -19.52 -5.41 -4.19
N CYS E 161 -18.85 -6.45 -3.72
CA CYS E 161 -19.37 -7.82 -3.75
C CYS E 161 -19.25 -8.38 -2.34
N MET E 162 -20.37 -8.37 -1.61
CA MET E 162 -20.35 -8.94 -0.26
C MET E 162 -20.24 -10.45 -0.39
N MET E 163 -19.11 -11.00 0.03
CA MET E 163 -18.82 -12.40 -0.17
C MET E 163 -19.12 -13.19 1.10
N ASP E 164 -19.64 -14.40 0.92
CA ASP E 164 -19.90 -15.32 2.02
C ASP E 164 -18.72 -16.26 2.09
N LEU E 165 -17.91 -16.12 3.14
CA LEU E 165 -16.66 -16.86 3.26
C LEU E 165 -16.73 -17.94 4.34
N ARG E 166 -17.94 -18.40 4.66
CA ARG E 166 -18.09 -19.52 5.59
C ARG E 166 -17.46 -20.79 5.02
N ARG E 167 -17.63 -21.05 3.74
CA ARG E 167 -17.14 -22.28 3.13
C ARG E 167 -15.76 -22.11 2.49
N TYR E 168 -15.12 -20.96 2.69
CA TYR E 168 -13.81 -20.71 2.12
C TYR E 168 -12.80 -21.74 2.62
N PRO E 169 -11.91 -22.25 1.75
CA PRO E 169 -11.72 -21.89 0.34
C PRO E 169 -12.55 -22.75 -0.61
N LEU E 170 -13.51 -23.51 -0.10
CA LEU E 170 -14.42 -24.27 -0.93
C LEU E 170 -15.67 -23.48 -1.27
N ASP E 171 -15.57 -22.16 -1.30
CA ASP E 171 -16.72 -21.29 -1.39
C ASP E 171 -17.06 -20.96 -2.83
N GLU E 172 -18.31 -20.63 -3.06
CA GLU E 172 -18.81 -20.15 -4.34
C GLU E 172 -19.45 -18.80 -4.10
N GLN E 173 -19.04 -17.80 -4.88
CA GLN E 173 -19.51 -16.45 -4.70
C GLN E 173 -20.43 -16.04 -5.83
N ASN E 174 -21.18 -14.97 -5.58
CA ASN E 174 -22.07 -14.39 -6.58
C ASN E 174 -21.89 -12.89 -6.48
N CYS E 175 -21.21 -12.32 -7.47
CA CYS E 175 -20.94 -10.89 -7.52
C CYS E 175 -21.81 -10.25 -8.59
N THR E 176 -22.37 -9.10 -8.25
CA THR E 176 -23.34 -8.44 -9.09
C THR E 176 -22.82 -7.08 -9.52
N LEU E 177 -23.49 -6.52 -10.51
CA LEU E 177 -23.28 -5.15 -10.94
C LEU E 177 -24.65 -4.55 -11.15
N GLU E 178 -25.04 -3.62 -10.28
CA GLU E 178 -26.38 -3.04 -10.29
C GLU E 178 -26.33 -1.74 -11.09
N ILE E 179 -27.18 -1.65 -12.11
CA ILE E 179 -27.23 -0.49 -12.98
C ILE E 179 -28.57 0.18 -12.77
N GLU E 180 -28.54 1.40 -12.26
CA GLU E 180 -29.75 2.10 -11.88
C GLU E 180 -29.65 3.56 -12.29
N SER E 181 -30.81 4.20 -12.46
CA SER E 181 -30.85 5.63 -12.70
C SER E 181 -30.82 6.35 -11.36
N TYR E 182 -30.01 7.41 -11.28
CA TYR E 182 -29.81 8.07 -10.00
C TYR E 182 -30.98 8.99 -9.66
N GLY E 183 -31.39 9.83 -10.61
CA GLY E 183 -32.38 10.85 -10.35
C GLY E 183 -33.75 10.54 -10.90
N TYR E 184 -33.80 9.88 -12.05
CA TYR E 184 -35.05 9.70 -12.77
C TYR E 184 -35.73 8.42 -12.30
N THR E 185 -37.04 8.50 -12.11
CA THR E 185 -37.85 7.36 -11.72
C THR E 185 -38.30 6.59 -12.96
N THR E 186 -39.06 5.51 -12.75
CA THR E 186 -39.56 4.70 -13.85
C THR E 186 -40.59 5.45 -14.70
N ASP E 187 -41.10 6.58 -14.20
CA ASP E 187 -41.97 7.44 -15.01
C ASP E 187 -41.20 8.18 -16.08
N ASP E 188 -39.88 8.31 -15.93
CA ASP E 188 -39.05 9.06 -16.85
C ASP E 188 -38.11 8.21 -17.69
N ILE E 189 -37.52 7.16 -17.13
CA ILE E 189 -36.53 6.36 -17.82
C ILE E 189 -36.77 4.89 -17.51
N GLU E 190 -36.65 4.05 -18.53
CA GLU E 190 -36.77 2.60 -18.38
C GLU E 190 -35.56 1.92 -18.99
N PHE E 191 -35.06 0.88 -18.33
CA PHE E 191 -33.91 0.12 -18.80
C PHE E 191 -34.33 -1.24 -19.35
N TYR E 192 -33.52 -1.76 -20.28
CA TYR E 192 -33.67 -3.14 -20.73
C TYR E 192 -32.34 -3.63 -21.28
N TRP E 193 -32.10 -4.94 -21.15
CA TRP E 193 -30.94 -5.58 -21.77
C TRP E 193 -31.15 -5.73 -23.28
N ARG E 194 -30.26 -5.14 -24.07
CA ARG E 194 -30.37 -5.17 -25.51
C ARG E 194 -29.80 -6.48 -26.06
N GLY E 195 -30.65 -7.30 -26.65
CA GLY E 195 -30.25 -8.62 -27.11
C GLY E 195 -30.51 -9.75 -26.14
N GLY E 196 -31.31 -9.54 -25.11
CA GLY E 196 -31.62 -10.62 -24.19
C GLY E 196 -30.38 -11.12 -23.47
N ASP E 197 -30.26 -12.44 -23.38
CA ASP E 197 -29.15 -13.07 -22.67
C ASP E 197 -27.82 -12.97 -23.43
N LYS E 198 -27.84 -12.48 -24.66
CA LYS E 198 -26.62 -12.20 -25.41
C LYS E 198 -26.12 -10.78 -25.22
N ALA E 199 -26.74 -10.01 -24.31
CA ALA E 199 -26.36 -8.62 -24.10
C ALA E 199 -24.99 -8.47 -23.46
N VAL E 200 -24.42 -9.51 -22.87
CA VAL E 200 -23.10 -9.44 -22.27
C VAL E 200 -22.20 -10.45 -22.96
N THR E 201 -21.07 -9.97 -23.48
CA THR E 201 -20.10 -10.80 -24.20
C THR E 201 -18.73 -10.60 -23.58
N GLY E 202 -17.83 -11.54 -23.87
CA GLY E 202 -16.47 -11.48 -23.36
C GLY E 202 -16.24 -12.25 -22.08
N VAL E 203 -17.31 -12.79 -21.47
CA VAL E 203 -17.17 -13.49 -20.20
C VAL E 203 -16.32 -14.75 -20.36
N GLU E 204 -16.51 -15.48 -21.45
CA GLU E 204 -15.74 -16.70 -21.68
C GLU E 204 -14.24 -16.45 -21.77
N ARG E 205 -13.84 -15.26 -22.22
CA ARG E 205 -12.42 -14.96 -22.37
C ARG E 205 -11.76 -14.54 -21.05
N ILE E 206 -12.55 -14.22 -20.03
CA ILE E 206 -12.00 -13.76 -18.77
C ILE E 206 -11.18 -14.86 -18.11
N GLU E 207 -10.01 -14.50 -17.60
CA GLU E 207 -9.18 -15.42 -16.83
C GLU E 207 -8.89 -14.80 -15.47
N LEU E 208 -9.24 -15.52 -14.41
CA LEU E 208 -8.99 -15.09 -13.05
C LEU E 208 -7.97 -16.01 -12.38
N PRO E 209 -7.00 -15.46 -11.67
CA PRO E 209 -5.97 -16.31 -11.06
C PRO E 209 -6.52 -17.23 -9.97
N GLN E 210 -7.71 -16.95 -9.45
CA GLN E 210 -8.23 -17.67 -8.30
C GLN E 210 -9.67 -18.15 -8.47
N PHE E 211 -10.37 -17.75 -9.52
CA PHE E 211 -11.75 -18.15 -9.74
C PHE E 211 -11.95 -18.61 -11.17
N SER E 212 -13.08 -19.27 -11.40
CA SER E 212 -13.56 -19.59 -12.74
C SER E 212 -14.99 -19.10 -12.87
N ILE E 213 -15.31 -18.47 -13.99
CA ILE E 213 -16.65 -17.92 -14.20
C ILE E 213 -17.55 -19.10 -14.58
N VAL E 214 -18.30 -19.62 -13.61
CA VAL E 214 -19.17 -20.75 -13.90
C VAL E 214 -20.34 -20.34 -14.78
N GLU E 215 -20.93 -19.18 -14.50
CA GLU E 215 -22.14 -18.74 -15.18
C GLU E 215 -22.29 -17.24 -14.99
N HIS E 216 -23.11 -16.63 -15.84
CA HIS E 216 -23.54 -15.25 -15.64
C HIS E 216 -24.99 -15.11 -16.06
N ARG E 217 -25.69 -14.20 -15.40
CA ARG E 217 -27.12 -13.99 -15.62
C ARG E 217 -27.42 -12.51 -15.78
N LEU E 218 -28.47 -12.22 -16.54
CA LEU E 218 -28.99 -10.88 -16.70
C LEU E 218 -30.39 -10.82 -16.10
N VAL E 219 -30.59 -9.88 -15.18
CA VAL E 219 -31.88 -9.69 -14.52
C VAL E 219 -32.34 -8.26 -14.75
N SER E 220 -33.66 -8.08 -14.79
CA SER E 220 -34.28 -6.77 -14.92
C SER E 220 -35.46 -6.69 -13.96
N ARG E 221 -35.52 -5.60 -13.19
CA ARG E 221 -36.55 -5.47 -12.16
C ARG E 221 -36.68 -4.00 -11.78
N ASN E 222 -37.58 -3.73 -10.85
CA ASN E 222 -37.80 -2.39 -10.33
C ASN E 222 -37.57 -2.37 -8.82
N VAL E 223 -36.90 -1.33 -8.33
CA VAL E 223 -36.65 -1.15 -6.91
C VAL E 223 -37.41 0.09 -6.44
N VAL E 224 -38.09 -0.04 -5.32
CA VAL E 224 -38.96 1.02 -4.77
C VAL E 224 -38.29 1.62 -3.54
N PHE E 225 -38.13 2.94 -3.56
CA PHE E 225 -37.54 3.67 -2.44
C PHE E 225 -38.57 4.62 -1.84
N ALA E 226 -38.11 5.46 -0.90
CA ALA E 226 -38.96 6.50 -0.35
C ALA E 226 -39.30 7.57 -1.39
N THR E 227 -38.40 7.81 -2.34
CA THR E 227 -38.60 8.84 -3.35
C THR E 227 -39.25 8.32 -4.61
N GLY E 228 -39.62 7.05 -4.65
CA GLY E 228 -40.31 6.47 -5.79
C GLY E 228 -39.56 5.28 -6.35
N ALA E 229 -40.20 4.63 -7.33
CA ALA E 229 -39.62 3.46 -7.96
C ALA E 229 -38.58 3.86 -9.00
N TYR E 230 -37.56 3.01 -9.13
CA TYR E 230 -36.45 3.27 -10.03
C TYR E 230 -36.17 2.03 -10.87
N PRO E 231 -35.75 2.21 -12.13
CA PRO E 231 -35.42 1.05 -12.97
C PRO E 231 -34.08 0.47 -12.55
N ARG E 232 -34.00 -0.87 -12.60
CA ARG E 232 -32.81 -1.59 -12.20
C ARG E 232 -32.45 -2.62 -13.25
N LEU E 233 -31.17 -2.68 -13.60
CA LEU E 233 -30.59 -3.77 -14.36
C LEU E 233 -29.48 -4.39 -13.53
N SER E 234 -29.50 -5.71 -13.41
CA SER E 234 -28.50 -6.43 -12.64
C SER E 234 -27.73 -7.36 -13.57
N LEU E 235 -26.42 -7.36 -13.43
CA LEU E 235 -25.55 -8.36 -14.02
C LEU E 235 -24.83 -9.07 -12.89
N SER E 236 -24.89 -10.40 -12.90
CA SER E 236 -24.30 -11.18 -11.83
C SER E 236 -23.48 -12.30 -12.42
N PHE E 237 -22.40 -12.64 -11.71
CA PHE E 237 -21.54 -13.75 -12.05
C PHE E 237 -21.54 -14.74 -10.89
N ARG E 238 -21.34 -16.00 -11.20
CA ARG E 238 -21.11 -17.01 -10.17
C ARG E 238 -19.66 -17.44 -10.26
N LEU E 239 -18.94 -17.32 -9.15
CA LEU E 239 -17.52 -17.59 -9.09
C LEU E 239 -17.29 -18.81 -8.24
N LYS E 240 -16.57 -19.79 -8.78
CA LYS E 240 -16.15 -20.97 -8.02
C LYS E 240 -14.64 -20.90 -7.83
N ARG E 241 -14.21 -21.02 -6.59
CA ARG E 241 -12.79 -20.89 -6.28
C ARG E 241 -12.04 -22.16 -6.66
N ASN E 242 -10.80 -21.98 -7.11
CA ASN E 242 -9.94 -23.09 -7.46
C ASN E 242 -9.41 -23.73 -6.18
N ILE E 243 -9.71 -25.01 -5.99
CA ILE E 243 -9.38 -25.68 -4.74
C ILE E 243 -8.04 -26.40 -4.80
N GLY E 244 -7.55 -26.73 -5.99
CA GLY E 244 -6.33 -27.52 -6.10
C GLY E 244 -5.15 -26.89 -5.39
N TYR E 245 -4.99 -25.57 -5.50
CA TYR E 245 -3.85 -24.92 -4.87
C TYR E 245 -3.88 -25.06 -3.36
N PHE E 246 -5.06 -24.88 -2.76
CA PHE E 246 -5.13 -24.93 -1.29
C PHE E 246 -4.84 -26.34 -0.80
N ILE E 247 -5.13 -27.35 -1.62
CA ILE E 247 -4.85 -28.72 -1.21
C ILE E 247 -3.36 -28.92 -1.02
N LEU E 248 -2.56 -28.46 -1.99
CA LEU E 248 -1.11 -28.61 -1.88
C LEU E 248 -0.52 -27.66 -0.84
N GLN E 249 -1.06 -26.45 -0.75
CA GLN E 249 -0.43 -25.43 0.09
C GLN E 249 -0.87 -25.59 1.54
N THR E 250 -2.17 -25.70 1.77
CA THR E 250 -2.76 -25.63 3.11
C THR E 250 -3.15 -27.00 3.64
N TYR E 251 -3.96 -27.76 2.90
CA TYR E 251 -4.49 -29.01 3.43
C TYR E 251 -3.43 -30.10 3.51
N MET E 252 -2.63 -30.26 2.45
CA MET E 252 -1.66 -31.36 2.45
C MET E 252 -0.66 -31.23 3.59
N PRO E 253 0.01 -30.10 3.79
CA PRO E 253 0.95 -30.03 4.92
C PRO E 253 0.27 -30.30 6.25
N SER E 254 -0.96 -29.81 6.43
CA SER E 254 -1.68 -30.08 7.68
C SER E 254 -1.96 -31.57 7.82
N ILE E 255 -2.32 -32.24 6.72
CA ILE E 255 -2.59 -33.68 6.79
C ILE E 255 -1.31 -34.42 7.17
N LEU E 256 -0.19 -34.06 6.53
CA LEU E 256 1.06 -34.78 6.78
C LEU E 256 1.54 -34.56 8.21
N ILE E 257 1.48 -33.32 8.70
CA ILE E 257 1.89 -33.05 10.07
C ILE E 257 1.00 -33.82 11.04
N THR E 258 -0.30 -33.92 10.71
CA THR E 258 -1.19 -34.69 11.56
C THR E 258 -0.80 -36.15 11.58
N ILE E 259 -0.45 -36.70 10.40
CA ILE E 259 0.01 -38.08 10.35
C ILE E 259 1.35 -38.20 11.08
N LEU E 260 2.19 -37.17 10.99
CA LEU E 260 3.46 -37.19 11.70
C LEU E 260 3.25 -37.28 13.20
N SER E 261 2.26 -36.55 13.74
CA SER E 261 2.03 -36.59 15.17
C SER E 261 1.66 -37.99 15.64
N TRP E 262 1.16 -38.84 14.74
CA TRP E 262 0.85 -40.22 15.08
C TRP E 262 2.08 -41.12 15.08
N VAL E 263 3.20 -40.65 14.52
CA VAL E 263 4.45 -41.41 14.62
C VAL E 263 4.81 -41.63 16.08
N SER E 264 4.34 -40.74 16.96
CA SER E 264 4.63 -40.89 18.38
C SER E 264 4.01 -42.17 18.93
N PHE E 265 2.85 -42.56 18.39
CA PHE E 265 2.18 -43.77 18.88
C PHE E 265 2.95 -45.03 18.51
N TRP E 266 3.89 -44.95 17.58
CA TRP E 266 4.69 -46.09 17.15
C TRP E 266 6.10 -46.05 17.72
N ILE E 267 6.35 -45.17 18.68
CA ILE E 267 7.63 -45.06 19.36
C ILE E 267 7.48 -45.57 20.78
N ASN E 268 8.56 -46.14 21.32
CA ASN E 268 8.52 -46.72 22.65
C ASN E 268 8.08 -45.69 23.69
N TYR E 269 7.31 -46.16 24.67
CA TYR E 269 6.83 -45.26 25.73
C TYR E 269 7.97 -44.61 26.48
N ASP E 270 9.13 -45.25 26.52
CA ASP E 270 10.26 -44.76 27.31
C ASP E 270 11.11 -43.73 26.59
N ALA E 271 10.89 -43.51 25.29
CA ALA E 271 11.64 -42.51 24.54
C ALA E 271 11.03 -41.12 24.75
N SER E 272 11.09 -40.67 26.00
CA SER E 272 10.44 -39.42 26.38
C SER E 272 11.02 -38.25 25.58
N ALA E 273 12.35 -38.21 25.43
CA ALA E 273 12.97 -37.12 24.71
C ALA E 273 12.54 -37.11 23.25
N ALA E 274 12.51 -38.30 22.62
CA ALA E 274 12.15 -38.38 21.21
C ALA E 274 10.68 -38.03 21.00
N ARG E 275 9.79 -38.53 21.85
CA ARG E 275 8.36 -38.34 21.64
C ARG E 275 7.89 -36.94 22.00
N VAL E 276 8.49 -36.31 23.01
CA VAL E 276 8.14 -34.92 23.32
C VAL E 276 8.68 -33.99 22.24
N ALA E 277 9.91 -34.24 21.77
CA ALA E 277 10.47 -33.40 20.72
C ALA E 277 9.64 -33.49 19.46
N LEU E 278 9.23 -34.70 19.09
CA LEU E 278 8.35 -34.87 17.94
C LEU E 278 6.99 -34.22 18.19
N GLY E 279 6.44 -34.42 19.39
CA GLY E 279 5.12 -33.88 19.67
C GLY E 279 5.06 -32.37 19.71
N ILE E 280 6.04 -31.73 20.37
CA ILE E 280 5.97 -30.28 20.52
C ILE E 280 6.40 -29.58 19.24
N THR E 281 7.26 -30.20 18.43
CA THR E 281 7.69 -29.55 17.19
C THR E 281 6.62 -29.63 16.12
N THR E 282 5.80 -30.69 16.12
CA THR E 282 4.65 -30.71 15.22
C THR E 282 3.59 -29.72 15.65
N VAL E 283 3.42 -29.52 16.97
CA VAL E 283 2.55 -28.44 17.44
C VAL E 283 3.10 -27.10 16.99
N LEU E 284 4.42 -26.92 17.12
CA LEU E 284 5.05 -25.70 16.62
C LEU E 284 4.87 -25.59 15.11
N THR E 285 5.01 -26.71 14.38
CA THR E 285 4.85 -26.67 12.94
C THR E 285 3.43 -26.28 12.57
N MET E 286 2.44 -26.82 13.29
CA MET E 286 1.05 -26.47 13.03
C MET E 286 0.81 -24.99 13.29
N THR E 287 1.39 -24.46 14.36
CA THR E 287 1.28 -23.02 14.61
C THR E 287 1.93 -22.23 13.49
N THR E 288 3.10 -22.67 13.01
CA THR E 288 3.74 -21.98 11.90
C THR E 288 2.80 -21.92 10.70
N ILE E 289 2.17 -23.05 10.37
CA ILE E 289 1.20 -23.06 9.28
C ILE E 289 0.07 -22.11 9.63
N ASN E 290 -0.41 -22.20 10.89
CA ASN E 290 -1.57 -21.45 11.33
C ASN E 290 -1.27 -19.96 11.43
N THR E 291 -0.05 -19.60 11.85
CA THR E 291 0.26 -18.20 12.17
C THR E 291 0.20 -17.34 10.92
N HIS E 292 1.01 -17.65 9.90
CA HIS E 292 0.99 -16.73 8.76
C HIS E 292 0.44 -17.38 7.50
N LEU E 293 -0.69 -18.08 7.64
CA LEU E 293 -1.51 -18.45 6.50
C LEU E 293 -2.59 -17.40 6.33
N ARG E 294 -3.07 -16.90 7.47
CA ARG E 294 -4.20 -15.98 7.61
C ARG E 294 -3.92 -14.62 6.98
N GLU E 295 -2.67 -14.31 6.69
CA GLU E 295 -2.35 -13.07 5.99
C GLU E 295 -2.71 -13.11 4.52
N THR E 296 -3.21 -14.25 4.03
CA THR E 296 -3.70 -14.33 2.66
C THR E 296 -5.12 -13.79 2.55
N LEU E 297 -5.75 -13.50 3.68
CA LEU E 297 -7.11 -13.00 3.75
C LEU E 297 -7.19 -11.93 4.84
N PRO E 298 -8.12 -10.99 4.71
CA PRO E 298 -8.28 -9.96 5.75
C PRO E 298 -8.75 -10.53 7.07
N LYS E 299 -8.70 -9.67 8.09
CA LYS E 299 -9.12 -10.05 9.43
C LYS E 299 -10.64 -9.96 9.35
N ILE E 300 -11.24 -11.07 8.92
CA ILE E 300 -12.68 -11.24 8.79
C ILE E 300 -13.19 -12.20 9.87
N PRO E 301 -13.81 -11.67 10.92
CA PRO E 301 -14.21 -12.50 12.08
C PRO E 301 -15.56 -13.24 12.09
N TYR E 302 -15.57 -14.36 11.37
CA TYR E 302 -16.53 -15.42 11.61
C TYR E 302 -15.94 -16.72 11.07
N VAL E 303 -16.49 -17.84 11.54
CA VAL E 303 -15.85 -19.14 11.35
C VAL E 303 -15.92 -19.52 9.88
N LYS E 304 -14.82 -20.04 9.33
CA LYS E 304 -14.80 -20.44 7.95
C LYS E 304 -14.38 -21.91 7.84
N ALA E 305 -14.48 -22.46 6.64
CA ALA E 305 -14.13 -23.87 6.46
C ALA E 305 -12.65 -24.12 6.68
N ILE E 306 -11.80 -23.20 6.23
CA ILE E 306 -10.36 -23.37 6.44
C ILE E 306 -10.04 -23.31 7.92
N ASP E 307 -10.71 -22.42 8.66
CA ASP E 307 -10.46 -22.31 10.10
C ASP E 307 -10.80 -23.60 10.82
N MET E 308 -11.94 -24.22 10.49
CA MET E 308 -12.30 -25.45 11.17
C MET E 308 -11.29 -26.55 10.92
N TYR E 309 -10.81 -26.66 9.68
CA TYR E 309 -9.87 -27.73 9.37
C TYR E 309 -8.53 -27.49 10.05
N LEU E 310 -8.02 -26.26 9.96
CA LEU E 310 -6.75 -25.94 10.60
C LEU E 310 -6.83 -26.11 12.11
N MET E 311 -7.96 -25.70 12.71
CA MET E 311 -8.13 -25.89 14.14
C MET E 311 -8.45 -27.34 14.46
N GLY E 312 -9.11 -28.05 13.54
CA GLY E 312 -9.29 -29.48 13.72
C GLY E 312 -7.96 -30.21 13.77
N CYS E 313 -7.04 -29.87 12.87
CA CYS E 313 -5.72 -30.47 12.89
C CYS E 313 -4.91 -30.01 14.08
N PHE E 314 -5.10 -28.75 14.50
CA PHE E 314 -4.38 -28.25 15.68
C PHE E 314 -4.83 -28.99 16.93
N VAL E 315 -6.11 -29.31 17.04
CA VAL E 315 -6.59 -30.05 18.21
C VAL E 315 -6.01 -31.47 18.20
N PHE E 316 -5.87 -32.07 17.02
CA PHE E 316 -5.35 -33.43 16.97
C PHE E 316 -3.89 -33.48 17.40
N VAL E 317 -3.06 -32.57 16.86
CA VAL E 317 -1.67 -32.55 17.27
C VAL E 317 -1.55 -32.14 18.74
N PHE E 318 -2.43 -31.24 19.19
CA PHE E 318 -2.49 -30.91 20.62
C PHE E 318 -2.79 -32.14 21.44
N LEU E 319 -3.72 -32.99 20.97
CA LEU E 319 -4.10 -34.18 21.72
C LEU E 319 -3.06 -35.26 21.63
N ALA E 320 -2.34 -35.36 20.50
CA ALA E 320 -1.31 -36.37 20.36
C ALA E 320 -0.19 -36.16 21.38
N LEU E 321 0.18 -34.90 21.61
CA LEU E 321 1.17 -34.62 22.65
C LEU E 321 0.57 -34.74 24.05
N LEU E 322 -0.69 -34.33 24.20
CA LEU E 322 -1.37 -34.49 25.48
C LEU E 322 -1.56 -35.97 25.82
N GLU E 323 -1.71 -36.81 24.81
CA GLU E 323 -1.89 -38.24 25.06
C GLU E 323 -0.66 -38.84 25.72
N TYR E 324 0.54 -38.31 25.43
CA TYR E 324 1.75 -38.87 26.01
C TYR E 324 1.90 -38.51 27.48
N ALA E 325 1.34 -37.36 27.89
CA ALA E 325 1.32 -37.01 29.31
C ALA E 325 0.66 -38.10 30.13
N PHE E 326 -0.43 -38.68 29.62
CA PHE E 326 -1.07 -39.79 30.31
C PHE E 326 -0.24 -41.07 30.18
N VAL E 327 0.38 -41.28 29.02
CA VAL E 327 1.21 -42.47 28.81
C VAL E 327 2.39 -42.47 29.77
N ASN E 328 3.12 -41.36 29.82
CA ASN E 328 4.29 -41.28 30.69
C ASN E 328 3.92 -41.38 32.16
N TYR E 329 2.87 -40.67 32.58
CA TYR E 329 2.48 -40.67 33.98
C TYR E 329 1.99 -42.05 34.41
N ILE E 330 1.15 -42.69 33.61
CA ILE E 330 0.54 -43.95 34.02
C ILE E 330 1.53 -45.10 34.11
N PHE E 331 2.75 -44.92 33.63
CA PHE E 331 3.82 -45.88 33.88
C PHE E 331 4.66 -45.48 35.09
N PHE E 332 5.33 -44.33 35.02
CA PHE E 332 6.24 -43.95 36.09
C PHE E 332 5.51 -43.45 37.33
N GLY E 333 4.42 -42.73 37.15
CA GLY E 333 3.65 -42.24 38.29
C GLY E 333 2.75 -43.26 38.95
N ARG E 334 2.56 -44.42 38.33
CA ARG E 334 1.73 -45.48 38.89
C ARG E 334 2.26 -46.86 38.51
N ASP E 444 -1.38 -50.66 32.08
CA ASP E 444 -1.96 -50.55 30.74
C ASP E 444 -1.28 -49.45 29.94
N VAL E 445 0.05 -49.50 29.89
CA VAL E 445 0.80 -48.57 29.06
C VAL E 445 0.62 -48.91 27.58
N ASN E 446 0.70 -50.19 27.24
CA ASN E 446 0.59 -50.58 25.83
C ASN E 446 -0.82 -50.39 25.31
N ALA E 447 -1.83 -50.62 26.16
CA ALA E 447 -3.22 -50.48 25.72
C ALA E 447 -3.53 -49.05 25.28
N ILE E 448 -3.06 -48.07 26.04
CA ILE E 448 -3.34 -46.67 25.71
C ILE E 448 -2.68 -46.32 24.38
N ASP E 449 -1.42 -46.73 24.21
CA ASP E 449 -0.74 -46.50 22.93
C ASP E 449 -1.41 -47.28 21.80
N ARG E 450 -1.83 -48.51 22.08
CA ARG E 450 -2.45 -49.33 21.04
C ARG E 450 -3.71 -48.69 20.49
N TRP E 451 -4.60 -48.24 21.39
CA TRP E 451 -5.86 -47.66 20.94
C TRP E 451 -5.63 -46.35 20.19
N SER E 452 -4.67 -45.53 20.63
CA SER E 452 -4.40 -44.29 19.91
C SER E 452 -3.92 -44.56 18.49
N ARG E 453 -3.25 -45.70 18.26
CA ARG E 453 -2.82 -46.05 16.92
C ARG E 453 -3.99 -46.30 15.99
N ILE E 454 -5.19 -46.51 16.54
CA ILE E 454 -6.40 -46.74 15.75
C ILE E 454 -7.35 -45.54 15.86
N VAL E 455 -7.60 -45.06 17.08
CA VAL E 455 -8.59 -44.02 17.29
C VAL E 455 -8.21 -42.75 16.56
N PHE E 456 -6.94 -42.34 16.66
CA PHE E 456 -6.52 -41.09 16.04
C PHE E 456 -6.62 -41.15 14.51
N PRO E 457 -6.07 -42.17 13.83
CA PRO E 457 -6.32 -42.27 12.38
C PRO E 457 -7.79 -42.40 12.04
N PHE E 458 -8.55 -43.14 12.84
CA PHE E 458 -9.97 -43.34 12.54
C PHE E 458 -10.77 -42.06 12.77
N THR E 459 -10.55 -41.38 13.89
CA THR E 459 -11.32 -40.16 14.17
C THR E 459 -10.99 -39.08 13.17
N PHE E 460 -9.74 -39.00 12.72
CA PHE E 460 -9.36 -37.99 11.75
C PHE E 460 -10.01 -38.26 10.40
N SER E 461 -10.10 -39.53 10.01
CA SER E 461 -10.82 -39.86 8.78
C SER E 461 -12.31 -39.57 8.92
N LEU E 462 -12.89 -39.87 10.08
CA LEU E 462 -14.29 -39.51 10.30
C LEU E 462 -14.49 -38.00 10.26
N PHE E 463 -13.55 -37.25 10.85
CA PHE E 463 -13.62 -35.80 10.77
C PHE E 463 -13.48 -35.33 9.33
N ASN E 464 -12.58 -35.94 8.57
CA ASN E 464 -12.39 -35.56 7.17
C ASN E 464 -13.63 -35.90 6.34
N LEU E 465 -14.19 -37.09 6.55
CA LEU E 465 -15.40 -37.48 5.84
C LEU E 465 -16.52 -36.48 6.07
N VAL E 466 -16.81 -36.18 7.34
CA VAL E 466 -17.88 -35.24 7.66
C VAL E 466 -17.58 -33.86 7.08
N TYR E 467 -16.32 -33.44 7.17
CA TYR E 467 -15.95 -32.11 6.69
C TYR E 467 -16.15 -31.99 5.18
N TRP E 468 -15.56 -32.92 4.42
CA TRP E 468 -15.61 -32.79 2.97
C TRP E 468 -17.03 -32.94 2.44
N LEU E 469 -17.81 -33.88 2.99
CA LEU E 469 -19.20 -34.01 2.60
C LEU E 469 -20.00 -32.74 2.88
N TYR E 470 -19.79 -32.14 4.06
CA TYR E 470 -20.54 -30.95 4.44
C TYR E 470 -20.21 -29.78 3.51
N TYR E 471 -18.95 -29.63 3.13
CA TYR E 471 -18.53 -28.51 2.28
C TYR E 471 -18.45 -28.86 0.81
N VAL E 472 -18.81 -30.08 0.42
CA VAL E 472 -18.85 -30.48 -0.98
C VAL E 472 -20.12 -31.29 -1.25
#